data_8PEK
#
_entry.id   8PEK
#
_entity_poly.entity_id   1
_entity_poly.type   'polypeptide(L)'
_entity_poly.pdbx_seq_one_letter_code
;SVDIRVDLPASSAKPQPRPEKPVFLSVKADKQLYVGDQPVNADQLTSVLDQRTQANKETTIFFQADKSVDYETLMSVMDT
LRKAGYLKVGLVGMEGAAK
;
_entity_poly.pdbx_strand_id   A,B
#
# COMPACT_ATOMS: atom_id res chain seq x y z
N VAL A 2 3.88 12.39 0.80
CA VAL A 2 4.55 11.69 -0.32
C VAL A 2 3.54 10.94 -1.16
N ASP A 3 3.71 11.01 -2.47
CA ASP A 3 2.82 10.32 -3.40
C ASP A 3 3.47 9.02 -3.85
N ILE A 4 2.94 7.90 -3.39
CA ILE A 4 3.53 6.61 -3.70
C ILE A 4 2.72 5.87 -4.75
N ARG A 5 3.41 5.26 -5.72
CA ARG A 5 2.73 4.51 -6.77
C ARG A 5 2.71 3.04 -6.42
N VAL A 6 1.52 2.47 -6.38
CA VAL A 6 1.34 1.05 -6.16
C VAL A 6 0.90 0.38 -7.46
N ASP A 7 1.65 -0.61 -7.91
CA ASP A 7 1.32 -1.33 -9.14
C ASP A 7 0.60 -2.64 -8.82
N LEU A 8 -0.72 -2.61 -8.95
CA LEU A 8 -1.54 -3.78 -8.65
C LEU A 8 -1.67 -4.66 -9.88
N PRO A 9 -1.44 -5.97 -9.73
CA PRO A 9 -1.60 -6.92 -10.82
C PRO A 9 -3.02 -7.43 -10.95
N ALA A 10 -3.57 -7.36 -12.14
CA ALA A 10 -4.95 -7.78 -12.37
C ALA A 10 -5.02 -9.26 -12.71
N SER A 11 -6.08 -9.91 -12.23
CA SER A 11 -6.33 -11.32 -12.50
C SER A 11 -5.24 -12.21 -11.90
N SER A 12 -5.00 -12.03 -10.60
CA SER A 12 -4.05 -12.82 -9.82
C SER A 12 -2.69 -12.95 -10.51
N ALA A 13 -1.85 -11.93 -10.34
CA ALA A 13 -0.52 -11.93 -10.92
C ALA A 13 0.46 -11.28 -9.95
N LYS A 14 1.66 -11.02 -10.43
CA LYS A 14 2.69 -10.39 -9.62
C LYS A 14 3.70 -9.64 -10.50
N PRO A 15 3.81 -8.32 -10.33
CA PRO A 15 4.79 -7.51 -11.05
C PRO A 15 6.21 -7.92 -10.70
N GLN A 16 6.36 -8.48 -9.52
CA GLN A 16 7.62 -9.04 -9.07
C GLN A 16 7.53 -10.56 -9.10
N PRO A 17 8.10 -11.20 -10.14
CA PRO A 17 8.10 -12.66 -10.29
C PRO A 17 8.98 -13.35 -9.27
N ARG A 18 8.65 -13.16 -8.00
CA ARG A 18 9.39 -13.73 -6.87
C ARG A 18 10.88 -13.37 -6.96
N PRO A 19 11.24 -12.15 -6.51
CA PRO A 19 12.61 -11.64 -6.61
C PRO A 19 13.66 -12.54 -5.96
N GLU A 20 14.91 -12.36 -6.33
CA GLU A 20 15.99 -13.23 -5.86
C GLU A 20 16.02 -13.32 -4.33
N LYS A 21 15.94 -12.18 -3.65
CA LYS A 21 15.98 -12.16 -2.21
C LYS A 21 14.65 -11.63 -1.65
N PRO A 22 13.60 -12.46 -1.58
CA PRO A 22 12.31 -12.01 -1.11
C PRO A 22 12.23 -11.98 0.41
N VAL A 23 11.90 -10.83 0.95
CA VAL A 23 11.80 -10.66 2.39
C VAL A 23 10.35 -10.51 2.80
N PHE A 24 9.96 -11.22 3.84
CA PHE A 24 8.60 -11.21 4.31
C PHE A 24 8.51 -10.45 5.62
N LEU A 25 7.92 -9.27 5.56
CA LEU A 25 7.69 -8.46 6.73
C LEU A 25 6.25 -8.64 7.16
N SER A 26 5.96 -8.48 8.43
CA SER A 26 4.61 -8.67 8.91
C SER A 26 4.29 -7.70 10.05
N VAL A 27 3.07 -7.18 10.05
CA VAL A 27 2.56 -6.39 11.15
C VAL A 27 1.38 -7.14 11.76
N LYS A 28 1.55 -7.61 12.98
CA LYS A 28 0.53 -8.46 13.60
C LYS A 28 -0.54 -7.62 14.29
N ALA A 29 -1.60 -8.28 14.78
CA ALA A 29 -2.74 -7.58 15.38
C ALA A 29 -2.32 -6.68 16.54
N ASP A 30 -1.25 -7.06 17.24
CA ASP A 30 -0.75 -6.25 18.36
C ASP A 30 0.16 -5.12 17.86
N LYS A 31 0.10 -4.87 16.55
CA LYS A 31 0.86 -3.79 15.92
C LYS A 31 2.36 -4.00 16.11
N GLN A 32 2.75 -5.27 16.11
CA GLN A 32 4.14 -5.65 16.31
C GLN A 32 4.76 -6.05 14.97
N LEU A 33 5.88 -5.42 14.66
CA LEU A 33 6.62 -5.71 13.42
C LEU A 33 7.34 -7.05 13.56
N TYR A 34 7.21 -7.88 12.54
CA TYR A 34 7.87 -9.18 12.49
C TYR A 34 8.52 -9.38 11.14
N VAL A 35 9.82 -9.58 11.12
CA VAL A 35 10.51 -9.92 9.88
C VAL A 35 10.80 -11.42 9.87
N GLY A 36 9.88 -12.19 9.33
CA GLY A 36 9.99 -13.63 9.39
C GLY A 36 9.85 -14.13 10.82
N ASP A 37 10.97 -14.46 11.43
CA ASP A 37 10.99 -14.96 12.81
C ASP A 37 11.69 -13.95 13.72
N GLN A 38 11.73 -12.69 13.30
CA GLN A 38 12.42 -11.65 14.05
C GLN A 38 11.46 -10.53 14.44
N PRO A 39 11.12 -10.39 15.73
CA PRO A 39 10.31 -9.29 16.22
C PRO A 39 11.13 -8.01 16.30
N VAL A 40 10.67 -6.95 15.64
CA VAL A 40 11.43 -5.72 15.58
C VAL A 40 10.54 -4.49 15.73
N ASN A 41 11.17 -3.38 16.07
CA ASN A 41 10.53 -2.09 16.03
C ASN A 41 10.90 -1.41 14.73
N ALA A 42 10.24 -0.30 14.41
CA ALA A 42 10.54 0.41 13.16
C ALA A 42 12.00 0.81 13.09
N ASP A 43 12.52 1.30 14.20
CA ASP A 43 13.89 1.80 14.25
C ASP A 43 14.90 0.68 14.03
N GLN A 44 14.49 -0.55 14.30
CA GLN A 44 15.37 -1.71 14.12
C GLN A 44 14.99 -2.47 12.85
N LEU A 45 13.87 -2.07 12.26
CA LEU A 45 13.34 -2.72 11.06
C LEU A 45 14.33 -2.66 9.93
N THR A 46 14.84 -1.46 9.68
CA THR A 46 15.75 -1.23 8.59
C THR A 46 17.07 -1.98 8.79
N SER A 47 17.36 -2.28 10.05
CA SER A 47 18.58 -2.98 10.40
C SER A 47 18.49 -4.45 10.04
N VAL A 48 17.40 -5.10 10.46
CA VAL A 48 17.19 -6.50 10.17
C VAL A 48 16.90 -6.68 8.69
N LEU A 49 16.18 -5.73 8.12
CA LEU A 49 15.86 -5.73 6.69
C LEU A 49 17.13 -5.75 5.85
N ASP A 50 18.09 -4.92 6.22
CA ASP A 50 19.36 -4.84 5.49
C ASP A 50 20.08 -6.18 5.55
N GLN A 51 19.88 -6.90 6.64
CA GLN A 51 20.46 -8.23 6.81
C GLN A 51 19.68 -9.26 5.99
N ARG A 52 18.42 -8.94 5.70
CA ARG A 52 17.57 -9.84 4.93
C ARG A 52 17.84 -9.70 3.44
N THR A 53 17.81 -8.47 2.95
CA THR A 53 17.95 -8.21 1.53
C THR A 53 19.41 -8.11 1.13
N GLN A 54 20.29 -8.27 2.12
CA GLN A 54 21.72 -8.12 1.93
C GLN A 54 22.04 -6.72 1.41
N ALA A 55 21.35 -5.74 2.00
CA ALA A 55 21.52 -4.32 1.71
C ALA A 55 20.84 -3.91 0.41
N ASN A 56 20.25 -4.86 -0.30
CA ASN A 56 19.52 -4.54 -1.52
C ASN A 56 18.26 -3.77 -1.18
N LYS A 57 18.22 -2.51 -1.53
CA LYS A 57 17.13 -1.63 -1.13
C LYS A 57 16.00 -1.60 -2.15
N GLU A 58 16.22 -2.19 -3.32
CA GLU A 58 15.15 -2.28 -4.32
C GLU A 58 14.47 -3.64 -4.25
N THR A 59 14.67 -4.33 -3.15
CA THR A 59 13.95 -5.55 -2.89
C THR A 59 12.53 -5.21 -2.44
N THR A 60 11.55 -5.87 -3.05
CA THR A 60 10.17 -5.67 -2.67
C THR A 60 9.85 -6.44 -1.40
N ILE A 61 9.70 -5.73 -0.31
CA ILE A 61 9.41 -6.36 0.97
C ILE A 61 7.91 -6.57 1.11
N PHE A 62 7.43 -7.78 0.83
CA PHE A 62 6.02 -8.08 0.96
C PHE A 62 5.64 -8.14 2.44
N PHE A 63 4.84 -7.18 2.89
CA PHE A 63 4.46 -7.15 4.27
C PHE A 63 3.09 -7.80 4.46
N GLN A 64 3.03 -8.70 5.41
CA GLN A 64 1.80 -9.36 5.75
C GLN A 64 1.24 -8.71 7.01
N ALA A 65 0.27 -7.83 6.83
CA ALA A 65 -0.32 -7.13 7.94
C ALA A 65 -1.63 -7.78 8.32
N ASP A 66 -1.91 -7.81 9.61
CA ASP A 66 -3.15 -8.39 10.09
C ASP A 66 -4.29 -7.43 9.82
N LYS A 67 -5.43 -8.02 9.52
CA LYS A 67 -6.68 -7.30 9.25
C LYS A 67 -6.97 -6.20 10.27
N SER A 68 -6.48 -6.36 11.49
CA SER A 68 -6.78 -5.40 12.55
C SER A 68 -5.61 -4.45 12.86
N VAL A 69 -4.59 -4.40 12.00
CA VAL A 69 -3.56 -3.38 12.18
C VAL A 69 -4.09 -2.05 11.65
N ASP A 70 -3.72 -0.97 12.32
CA ASP A 70 -4.16 0.36 11.93
C ASP A 70 -3.22 0.98 10.91
N TYR A 71 -3.78 1.84 10.08
CA TYR A 71 -3.10 2.41 8.93
C TYR A 71 -1.90 3.28 9.33
N GLU A 72 -1.95 3.90 10.50
CA GLU A 72 -0.84 4.74 10.93
C GLU A 72 0.34 3.88 11.38
N THR A 73 0.06 2.78 12.08
CA THR A 73 1.10 1.81 12.42
C THR A 73 1.74 1.27 11.15
N LEU A 74 0.91 0.75 10.27
CA LEU A 74 1.38 0.12 9.05
C LEU A 74 2.20 1.09 8.21
N MET A 75 1.70 2.31 8.05
CA MET A 75 2.40 3.30 7.24
C MET A 75 3.66 3.77 7.93
N SER A 76 3.65 3.81 9.26
CA SER A 76 4.84 4.18 10.01
C SER A 76 5.94 3.16 9.75
N VAL A 77 5.54 1.90 9.60
CA VAL A 77 6.46 0.82 9.28
C VAL A 77 7.06 1.01 7.90
N MET A 78 6.21 1.24 6.91
CA MET A 78 6.65 1.34 5.52
C MET A 78 7.35 2.67 5.26
N ASP A 79 6.95 3.69 6.00
CA ASP A 79 7.62 5.00 5.96
C ASP A 79 9.08 4.83 6.39
N THR A 80 9.28 3.92 7.33
CA THR A 80 10.60 3.61 7.85
C THR A 80 11.44 2.88 6.81
N LEU A 81 10.82 1.96 6.07
CA LEU A 81 11.51 1.25 5.01
C LEU A 81 11.95 2.21 3.92
N ARG A 82 11.08 3.15 3.60
CA ARG A 82 11.34 4.14 2.55
C ARG A 82 12.61 4.94 2.84
N LYS A 83 12.75 5.40 4.09
CA LYS A 83 13.90 6.21 4.46
C LYS A 83 15.18 5.37 4.51
N ALA A 84 15.01 4.06 4.59
CA ALA A 84 16.14 3.14 4.57
C ALA A 84 16.65 2.96 3.15
N GLY A 85 15.83 3.37 2.18
CA GLY A 85 16.19 3.21 0.80
C GLY A 85 15.34 2.18 0.12
N TYR A 86 14.46 1.53 0.88
CA TYR A 86 13.56 0.52 0.32
C TYR A 86 12.50 1.18 -0.53
N LEU A 87 12.76 1.20 -1.82
CA LEU A 87 11.89 1.86 -2.76
C LEU A 87 10.75 0.94 -3.19
N LYS A 88 10.77 -0.29 -2.69
CA LYS A 88 9.76 -1.27 -3.06
C LYS A 88 9.25 -2.06 -1.85
N VAL A 89 8.00 -1.84 -1.49
CA VAL A 89 7.34 -2.64 -0.48
C VAL A 89 6.19 -3.41 -1.15
N GLY A 90 5.66 -4.43 -0.51
CA GLY A 90 4.66 -5.25 -1.17
C GLY A 90 3.37 -5.39 -0.37
N LEU A 91 2.25 -5.14 -1.04
CA LEU A 91 0.94 -5.26 -0.42
C LEU A 91 0.43 -6.70 -0.57
N VAL A 92 0.26 -7.39 0.54
CA VAL A 92 -0.37 -8.69 0.52
C VAL A 92 -1.88 -8.54 0.62
N GLY A 93 -2.55 -8.74 -0.52
CA GLY A 93 -3.98 -8.53 -0.59
C GLY A 93 -4.77 -9.31 0.44
N MET A 94 -5.38 -8.60 1.37
CA MET A 94 -6.25 -9.19 2.39
C MET A 94 -5.52 -10.24 3.22
N GLU A 95 -4.22 -10.00 3.45
CA GLU A 95 -3.33 -10.93 4.17
C GLU A 95 -3.54 -12.38 3.70
N GLY A 96 -3.80 -12.54 2.40
CA GLY A 96 -4.13 -13.86 1.88
C GLY A 96 -2.91 -14.62 1.38
N ALA A 97 -1.75 -14.24 1.90
CA ALA A 97 -0.51 -14.91 1.54
C ALA A 97 0.49 -14.80 2.69
N ALA A 98 0.39 -15.72 3.64
CA ALA A 98 1.26 -15.71 4.79
C ALA A 98 2.55 -16.48 4.52
N LYS A 99 3.50 -16.34 5.42
CA LYS A 99 4.79 -17.02 5.30
C LYS A 99 4.62 -18.52 5.48
N VAL B 2 -2.13 -12.27 -3.77
CA VAL B 2 -1.52 -11.47 -4.85
C VAL B 2 -0.32 -10.69 -4.32
N ASP B 3 0.74 -10.69 -5.11
CA ASP B 3 1.96 -9.97 -4.76
C ASP B 3 1.98 -8.63 -5.46
N ILE B 4 1.80 -7.55 -4.71
CA ILE B 4 1.72 -6.23 -5.29
C ILE B 4 3.02 -5.45 -5.06
N ARG B 5 3.50 -4.76 -6.09
CA ARG B 5 4.71 -3.97 -5.97
C ARG B 5 4.37 -2.51 -5.68
N VAL B 6 4.90 -2.01 -4.59
CA VAL B 6 4.75 -0.61 -4.25
C VAL B 6 6.07 0.13 -4.45
N ASP B 7 6.06 1.17 -5.26
CA ASP B 7 7.26 1.95 -5.53
C ASP B 7 7.28 3.21 -4.67
N LEU B 8 8.04 3.15 -3.59
CA LEU B 8 8.15 4.25 -2.65
C LEU B 8 9.25 5.21 -3.08
N PRO B 9 8.96 6.51 -3.13
CA PRO B 9 9.95 7.53 -3.47
C PRO B 9 10.74 7.99 -2.26
N ALA B 10 12.06 7.98 -2.36
CA ALA B 10 12.91 8.36 -1.25
C ALA B 10 13.19 9.86 -1.25
N SER B 11 13.27 10.44 -0.07
CA SER B 11 13.57 11.86 0.11
C SER B 11 12.48 12.73 -0.49
N SER B 12 11.24 12.49 -0.07
CA SER B 12 10.06 13.26 -0.48
C SER B 12 9.99 13.47 -2.00
N ALA B 13 9.48 12.47 -2.70
CA ALA B 13 9.33 12.56 -4.14
C ALA B 13 8.03 11.89 -4.57
N LYS B 14 7.86 11.70 -5.87
CA LYS B 14 6.67 11.06 -6.40
C LYS B 14 6.96 10.41 -7.76
N PRO B 15 6.82 9.08 -7.85
CA PRO B 15 7.00 8.35 -9.10
C PRO B 15 5.98 8.79 -10.15
N GLN B 16 4.85 9.28 -9.65
CA GLN B 16 3.83 9.86 -10.51
C GLN B 16 3.83 11.37 -10.36
N PRO B 17 4.44 12.09 -11.31
CA PRO B 17 4.52 13.56 -11.29
C PRO B 17 3.16 14.22 -11.52
N ARG B 18 2.23 13.93 -10.63
CA ARG B 18 0.87 14.46 -10.68
C ARG B 18 0.23 14.15 -12.04
N PRO B 19 -0.31 12.93 -12.22
CA PRO B 19 -0.85 12.47 -13.49
C PRO B 19 -1.98 13.37 -14.03
N GLU B 20 -2.26 13.26 -15.31
CA GLU B 20 -3.24 14.13 -15.96
C GLU B 20 -4.59 14.13 -15.24
N LYS B 21 -5.09 12.95 -14.90
CA LYS B 21 -6.38 12.84 -14.23
C LYS B 21 -6.18 12.23 -12.84
N PRO B 22 -5.76 13.02 -11.84
CA PRO B 22 -5.52 12.49 -10.52
C PRO B 22 -6.80 12.36 -9.70
N VAL B 23 -7.07 11.17 -9.22
CA VAL B 23 -8.26 10.92 -8.44
C VAL B 23 -7.91 10.68 -6.99
N PHE B 24 -8.64 11.32 -6.10
CA PHE B 24 -8.38 11.22 -4.68
C PHE B 24 -9.45 10.38 -4.01
N LEU B 25 -9.06 9.19 -3.60
CA LEU B 25 -9.94 8.29 -2.88
C LEU B 25 -9.61 8.41 -1.41
N SER B 26 -10.57 8.15 -0.55
CA SER B 26 -10.33 8.25 0.88
C SER B 26 -11.13 7.21 1.66
N VAL B 27 -10.51 6.65 2.68
CA VAL B 27 -11.20 5.78 3.61
C VAL B 27 -11.18 6.43 4.98
N LYS B 28 -12.34 6.84 5.47
CA LYS B 28 -12.40 7.60 6.71
C LYS B 28 -12.44 6.70 7.93
N ALA B 29 -12.38 7.28 9.12
CA ALA B 29 -12.32 6.51 10.36
C ALA B 29 -13.50 5.56 10.52
N ASP B 30 -14.65 5.93 9.94
CA ASP B 30 -15.84 5.07 9.99
C ASP B 30 -15.80 4.02 8.91
N LYS B 31 -14.63 3.83 8.30
CA LYS B 31 -14.42 2.82 7.26
C LYS B 31 -15.32 3.08 6.06
N GLN B 32 -15.56 4.36 5.81
CA GLN B 32 -16.43 4.77 4.71
C GLN B 32 -15.60 5.27 3.55
N LEU B 33 -15.84 4.71 2.38
CA LEU B 33 -15.14 5.10 1.17
C LEU B 33 -15.66 6.45 0.68
N TYR B 34 -14.74 7.34 0.34
CA TYR B 34 -15.07 8.66 -0.18
C TYR B 34 -14.22 8.98 -1.40
N VAL B 35 -14.84 9.22 -2.52
CA VAL B 35 -14.13 9.67 -3.71
C VAL B 35 -14.32 11.16 -3.88
N GLY B 36 -13.42 11.93 -3.27
CA GLY B 36 -13.58 13.37 -3.26
C GLY B 36 -14.77 13.79 -2.42
N ASP B 37 -15.88 14.11 -3.08
CA ASP B 37 -17.10 14.51 -2.38
C ASP B 37 -18.19 13.48 -2.61
N GLN B 38 -17.80 12.26 -2.93
CA GLN B 38 -18.75 11.20 -3.22
C GLN B 38 -18.58 10.02 -2.26
N PRO B 39 -19.53 9.79 -1.35
CA PRO B 39 -19.52 8.63 -0.47
C PRO B 39 -19.95 7.38 -1.22
N VAL B 40 -19.11 6.35 -1.20
CA VAL B 40 -19.38 5.15 -1.99
C VAL B 40 -19.03 3.89 -1.21
N ASN B 41 -19.59 2.78 -1.67
CA ASN B 41 -19.19 1.47 -1.20
C ASN B 41 -18.21 0.88 -2.20
N ALA B 42 -17.58 -0.23 -1.86
CA ALA B 42 -16.61 -0.84 -2.76
C ALA B 42 -17.25 -1.20 -4.10
N ASP B 43 -18.46 -1.73 -4.04
CA ASP B 43 -19.16 -2.19 -5.24
C ASP B 43 -19.49 -1.01 -6.16
N GLN B 44 -19.59 0.18 -5.59
CA GLN B 44 -19.90 1.38 -6.37
C GLN B 44 -18.63 2.21 -6.61
N LEU B 45 -17.55 1.81 -5.96
CA LEU B 45 -16.28 2.50 -6.04
C LEU B 45 -15.77 2.55 -7.46
N THR B 46 -15.76 1.40 -8.09
CA THR B 46 -15.25 1.25 -9.44
C THR B 46 -16.11 2.04 -10.43
N SER B 47 -17.36 2.28 -10.06
CA SER B 47 -18.29 2.99 -10.91
C SER B 47 -17.97 4.48 -10.91
N VAL B 48 -17.85 5.05 -9.72
CA VAL B 48 -17.54 6.47 -9.59
C VAL B 48 -16.11 6.73 -10.04
N LEU B 49 -15.22 5.78 -9.75
CA LEU B 49 -13.82 5.87 -10.18
C LEU B 49 -13.72 5.99 -11.69
N ASP B 50 -14.48 5.17 -12.40
CA ASP B 50 -14.46 5.18 -13.86
C ASP B 50 -14.91 6.55 -14.37
N GLN B 51 -15.80 7.19 -13.62
CA GLN B 51 -16.27 8.52 -13.97
C GLN B 51 -15.22 9.58 -13.63
N ARG B 52 -14.34 9.23 -12.69
CA ARG B 52 -13.28 10.14 -12.28
C ARG B 52 -12.11 10.10 -13.25
N THR B 53 -11.63 8.90 -13.53
CA THR B 53 -10.44 8.74 -14.37
C THR B 53 -10.81 8.70 -15.84
N GLN B 54 -12.12 8.84 -16.11
CA GLN B 54 -12.66 8.76 -17.47
C GLN B 54 -12.29 7.41 -18.08
N ALA B 55 -12.44 6.38 -17.25
CA ALA B 55 -12.22 4.98 -17.62
C ALA B 55 -10.73 4.62 -17.71
N ASN B 56 -9.86 5.59 -17.47
CA ASN B 56 -8.43 5.33 -17.45
C ASN B 56 -8.08 4.49 -16.23
N LYS B 57 -7.71 3.24 -16.46
CA LYS B 57 -7.49 2.31 -15.37
C LYS B 57 -6.04 2.31 -14.88
N GLU B 58 -5.16 2.98 -15.60
CA GLU B 58 -3.78 3.10 -15.16
C GLU B 58 -3.54 4.41 -14.45
N THR B 59 -4.62 5.04 -14.04
CA THR B 59 -4.54 6.22 -13.21
C THR B 59 -4.22 5.82 -11.77
N THR B 60 -3.24 6.46 -11.18
CA THR B 60 -2.88 6.19 -9.80
C THR B 60 -3.86 6.87 -8.86
N ILE B 61 -4.71 6.09 -8.23
CA ILE B 61 -5.70 6.63 -7.31
C ILE B 61 -5.08 6.77 -5.93
N PHE B 62 -4.66 7.97 -5.58
CA PHE B 62 -4.09 8.22 -4.27
C PHE B 62 -5.19 8.17 -3.22
N PHE B 63 -5.14 7.16 -2.36
CA PHE B 63 -6.17 7.04 -1.34
C PHE B 63 -5.69 7.62 -0.04
N GLN B 64 -6.51 8.45 0.54
CA GLN B 64 -6.24 9.05 1.83
C GLN B 64 -7.03 8.30 2.88
N ALA B 65 -6.36 7.40 3.58
CA ALA B 65 -7.01 6.61 4.60
C ALA B 65 -6.72 7.19 5.97
N ASP B 66 -7.71 7.13 6.84
CA ASP B 66 -7.54 7.63 8.18
C ASP B 66 -6.71 6.66 8.99
N LYS B 67 -5.91 7.22 9.88
CA LYS B 67 -5.03 6.48 10.78
C LYS B 67 -5.74 5.31 11.47
N SER B 68 -7.05 5.39 11.64
CA SER B 68 -7.79 4.37 12.36
C SER B 68 -8.60 3.45 11.44
N VAL B 69 -8.35 3.48 10.13
CA VAL B 69 -8.97 2.48 9.26
C VAL B 69 -8.20 1.17 9.38
N ASP B 70 -8.93 0.08 9.31
CA ASP B 70 -8.32 -1.25 9.44
C ASP B 70 -7.89 -1.76 8.07
N TYR B 71 -6.84 -2.59 8.10
CA TYR B 71 -6.16 -3.07 6.91
C TYR B 71 -7.06 -3.91 6.02
N GLU B 72 -8.04 -4.62 6.59
CA GLU B 72 -8.93 -5.44 5.78
C GLU B 72 -9.92 -4.56 5.03
N THR B 73 -10.43 -3.52 5.68
CA THR B 73 -11.27 -2.54 5.00
C THR B 73 -10.51 -1.89 3.85
N LEU B 74 -9.35 -1.34 4.18
CA LEU B 74 -8.54 -0.63 3.22
C LEU B 74 -8.18 -1.51 2.03
N MET B 75 -7.75 -2.73 2.32
CA MET B 75 -7.36 -3.65 1.26
C MET B 75 -8.56 -4.12 0.46
N SER B 76 -9.71 -4.24 1.11
CA SER B 76 -10.93 -4.62 0.43
C SER B 76 -11.28 -3.54 -0.61
N VAL B 77 -11.01 -2.29 -0.25
CA VAL B 77 -11.22 -1.17 -1.14
C VAL B 77 -10.29 -1.24 -2.35
N MET B 78 -9.01 -1.44 -2.11
CA MET B 78 -8.01 -1.44 -3.18
C MET B 78 -8.08 -2.72 -3.99
N ASP B 79 -8.50 -3.81 -3.35
CA ASP B 79 -8.75 -5.08 -4.03
C ASP B 79 -9.83 -4.88 -5.08
N THR B 80 -10.79 -4.04 -4.73
CA THR B 80 -11.91 -3.72 -5.61
C THR B 80 -11.44 -2.88 -6.81
N LEU B 81 -10.53 -1.94 -6.57
CA LEU B 81 -9.97 -1.13 -7.65
C LEU B 81 -9.20 -2.01 -8.63
N ARG B 82 -8.46 -2.97 -8.08
CA ARG B 82 -7.64 -3.87 -8.87
C ARG B 82 -8.49 -4.65 -9.88
N LYS B 83 -9.62 -5.18 -9.43
CA LYS B 83 -10.48 -5.98 -10.30
C LYS B 83 -11.17 -5.10 -11.33
N ALA B 84 -11.21 -3.80 -11.07
CA ALA B 84 -11.78 -2.84 -12.01
C ALA B 84 -10.81 -2.56 -13.14
N GLY B 85 -9.56 -2.93 -12.92
CA GLY B 85 -8.53 -2.68 -13.90
C GLY B 85 -7.55 -1.62 -13.43
N TYR B 86 -7.80 -1.06 -12.25
CA TYR B 86 -6.92 -0.06 -11.68
C TYR B 86 -5.63 -0.70 -11.21
N LEU B 87 -4.63 -0.62 -12.07
CA LEU B 87 -3.36 -1.26 -11.81
C LEU B 87 -2.47 -0.34 -10.97
N LYS B 88 -2.96 0.85 -10.66
CA LYS B 88 -2.18 1.81 -9.90
C LYS B 88 -3.02 2.50 -8.83
N VAL B 89 -2.69 2.22 -7.57
CA VAL B 89 -3.28 2.94 -6.45
C VAL B 89 -2.17 3.70 -5.74
N GLY B 90 -2.50 4.65 -4.89
CA GLY B 90 -1.46 5.47 -4.29
C GLY B 90 -1.52 5.52 -2.78
N LEU B 91 -0.39 5.27 -2.15
CA LEU B 91 -0.29 5.33 -0.69
C LEU B 91 0.04 6.74 -0.24
N VAL B 92 -0.87 7.35 0.49
CA VAL B 92 -0.60 8.63 1.10
C VAL B 92 0.08 8.42 2.46
N GLY B 93 1.38 8.66 2.51
CA GLY B 93 2.17 8.41 3.70
C GLY B 93 1.62 9.11 4.94
N MET B 94 1.13 8.30 5.88
CA MET B 94 0.65 8.80 7.17
C MET B 94 -0.47 9.82 7.01
N GLU B 95 -1.29 9.62 5.98
CA GLU B 95 -2.38 10.53 5.61
C GLU B 95 -1.93 12.00 5.65
N GLY B 96 -0.68 12.23 5.27
CA GLY B 96 -0.11 13.56 5.37
C GLY B 96 -0.32 14.40 4.11
N ALA B 97 -1.31 14.03 3.32
CA ALA B 97 -1.64 14.77 2.12
C ALA B 97 -3.12 14.62 1.81
N ALA B 98 -3.92 15.47 2.41
CA ALA B 98 -5.37 15.42 2.22
C ALA B 98 -5.78 16.26 1.02
N LYS B 99 -7.04 16.09 0.61
CA LYS B 99 -7.58 16.81 -0.53
C LYS B 99 -7.72 18.30 -0.21
N VAL A 2 3.35 12.41 1.38
CA VAL A 2 4.11 11.79 0.28
C VAL A 2 3.18 11.09 -0.71
N ASP A 3 3.51 11.21 -1.98
CA ASP A 3 2.76 10.55 -3.04
C ASP A 3 3.49 9.27 -3.44
N ILE A 4 2.86 8.12 -3.27
CA ILE A 4 3.47 6.86 -3.62
C ILE A 4 2.69 6.15 -4.70
N ARG A 5 3.41 5.58 -5.66
CA ARG A 5 2.79 4.87 -6.77
C ARG A 5 2.89 3.37 -6.57
N VAL A 6 1.75 2.69 -6.53
CA VAL A 6 1.73 1.25 -6.41
C VAL A 6 1.46 0.61 -7.77
N ASP A 7 2.08 -0.53 -8.04
CA ASP A 7 1.85 -1.26 -9.28
C ASP A 7 1.06 -2.54 -8.97
N LEU A 8 -0.25 -2.46 -9.14
CA LEU A 8 -1.15 -3.55 -8.82
C LEU A 8 -1.33 -4.45 -10.03
N PRO A 9 -1.47 -5.76 -9.79
CA PRO A 9 -1.84 -6.70 -10.83
C PRO A 9 -3.36 -6.80 -10.98
N ALA A 10 -3.83 -6.66 -12.21
CA ALA A 10 -5.26 -6.71 -12.48
C ALA A 10 -5.77 -8.14 -12.43
N SER A 11 -6.90 -8.33 -11.75
CA SER A 11 -7.54 -9.65 -11.63
C SER A 11 -6.65 -10.66 -10.90
N SER A 12 -5.84 -10.16 -9.97
CA SER A 12 -4.98 -10.99 -9.12
C SER A 12 -3.83 -11.63 -9.93
N ALA A 13 -2.62 -11.14 -9.68
CA ALA A 13 -1.43 -11.66 -10.32
C ALA A 13 -0.21 -11.27 -9.50
N LYS A 14 0.97 -11.41 -10.08
CA LYS A 14 2.20 -11.05 -9.39
C LYS A 14 3.17 -10.36 -10.34
N PRO A 15 3.29 -9.03 -10.23
CA PRO A 15 4.23 -8.23 -11.03
C PRO A 15 5.67 -8.64 -10.74
N GLN A 16 5.88 -9.15 -9.54
CA GLN A 16 7.16 -9.70 -9.14
C GLN A 16 7.07 -11.21 -9.10
N PRO A 17 7.58 -11.91 -10.12
CA PRO A 17 7.57 -13.37 -10.19
C PRO A 17 8.53 -14.00 -9.18
N ARG A 18 8.25 -13.75 -7.90
CA ARG A 18 9.05 -14.25 -6.79
C ARG A 18 10.53 -13.89 -6.99
N PRO A 19 10.90 -12.64 -6.67
CA PRO A 19 12.27 -12.15 -6.87
C PRO A 19 13.32 -12.96 -6.11
N GLU A 20 14.57 -12.83 -6.55
CA GLU A 20 15.68 -13.64 -6.06
C GLU A 20 15.91 -13.47 -4.56
N LYS A 21 15.52 -12.34 -4.01
CA LYS A 21 15.69 -12.06 -2.59
C LYS A 21 14.39 -11.55 -2.00
N PRO A 22 13.39 -12.42 -1.78
CA PRO A 22 12.12 -12.01 -1.24
C PRO A 22 12.13 -11.93 0.28
N VAL A 23 11.78 -10.76 0.80
CA VAL A 23 11.72 -10.57 2.24
C VAL A 23 10.29 -10.44 2.70
N PHE A 24 9.91 -11.24 3.68
CA PHE A 24 8.55 -11.21 4.20
C PHE A 24 8.52 -10.47 5.53
N LEU A 25 7.90 -9.32 5.51
CA LEU A 25 7.71 -8.52 6.72
C LEU A 25 6.30 -8.73 7.22
N SER A 26 6.06 -8.61 8.51
CA SER A 26 4.74 -8.79 9.04
C SER A 26 4.44 -7.82 10.18
N VAL A 27 3.24 -7.27 10.16
CA VAL A 27 2.77 -6.40 11.22
C VAL A 27 1.60 -7.06 11.93
N LYS A 28 1.78 -7.45 13.18
CA LYS A 28 0.75 -8.18 13.89
C LYS A 28 -0.25 -7.23 14.55
N ALA A 29 -1.38 -7.76 15.00
CA ALA A 29 -2.45 -6.93 15.56
C ALA A 29 -1.96 -6.07 16.71
N ASP A 30 -1.06 -6.62 17.52
CA ASP A 30 -0.51 -5.91 18.67
C ASP A 30 0.59 -4.96 18.25
N LYS A 31 0.61 -4.64 16.95
CA LYS A 31 1.52 -3.65 16.38
C LYS A 31 2.97 -4.09 16.48
N GLN A 32 3.20 -5.39 16.45
CA GLN A 32 4.54 -5.93 16.53
C GLN A 32 5.05 -6.30 15.14
N LEU A 33 6.31 -6.01 14.87
CA LEU A 33 6.91 -6.26 13.57
C LEU A 33 7.73 -7.54 13.58
N TYR A 34 7.62 -8.30 12.51
CA TYR A 34 8.37 -9.54 12.36
C TYR A 34 8.98 -9.63 10.96
N VAL A 35 10.29 -9.80 10.90
CA VAL A 35 10.96 -10.03 9.63
C VAL A 35 11.37 -11.49 9.55
N GLY A 36 10.53 -12.30 8.95
CA GLY A 36 10.74 -13.74 8.99
C GLY A 36 10.57 -14.27 10.39
N ASP A 37 11.66 -14.72 10.99
CA ASP A 37 11.63 -15.19 12.38
C ASP A 37 12.35 -14.21 13.29
N GLN A 38 12.47 -12.97 12.84
CA GLN A 38 13.14 -11.93 13.61
C GLN A 38 12.13 -10.89 14.08
N PRO A 39 11.83 -10.84 15.38
CA PRO A 39 10.98 -9.81 15.96
C PRO A 39 11.69 -8.48 16.01
N VAL A 40 11.12 -7.45 15.40
CA VAL A 40 11.81 -6.17 15.29
C VAL A 40 10.91 -5.01 15.65
N ASN A 41 11.54 -3.91 16.03
CA ASN A 41 10.86 -2.63 16.19
C ASN A 41 11.22 -1.78 14.98
N ALA A 42 10.48 -0.70 14.75
CA ALA A 42 10.66 0.12 13.57
C ALA A 42 12.11 0.55 13.37
N ASP A 43 12.75 0.98 14.46
CA ASP A 43 14.11 1.49 14.39
C ASP A 43 15.10 0.39 13.99
N GLN A 44 14.75 -0.85 14.25
CA GLN A 44 15.61 -1.99 13.95
C GLN A 44 15.19 -2.66 12.65
N LEU A 45 14.04 -2.23 12.13
CA LEU A 45 13.46 -2.81 10.93
C LEU A 45 14.41 -2.74 9.76
N THR A 46 14.88 -1.54 9.48
CA THR A 46 15.74 -1.29 8.34
C THR A 46 17.09 -1.98 8.49
N SER A 47 17.46 -2.25 9.73
CA SER A 47 18.71 -2.93 10.02
C SER A 47 18.62 -4.39 9.61
N VAL A 48 17.55 -5.06 10.05
CA VAL A 48 17.33 -6.45 9.73
C VAL A 48 16.98 -6.60 8.25
N LEU A 49 16.17 -5.66 7.77
CA LEU A 49 15.80 -5.61 6.36
C LEU A 49 17.03 -5.55 5.46
N ASP A 50 17.97 -4.69 5.83
CA ASP A 50 19.20 -4.53 5.06
C ASP A 50 19.98 -5.84 5.02
N GLN A 51 19.89 -6.61 6.11
CA GLN A 51 20.52 -7.92 6.17
C GLN A 51 19.78 -8.92 5.28
N ARG A 52 18.45 -8.82 5.28
CA ARG A 52 17.62 -9.73 4.50
C ARG A 52 17.77 -9.48 3.02
N THR A 53 17.82 -8.22 2.64
CA THR A 53 17.83 -7.82 1.24
C THR A 53 19.25 -7.70 0.70
N GLN A 54 20.22 -7.92 1.57
CA GLN A 54 21.63 -7.71 1.24
C GLN A 54 21.83 -6.26 0.77
N ALA A 55 21.12 -5.36 1.45
CA ALA A 55 21.18 -3.92 1.22
C ALA A 55 20.43 -3.49 -0.04
N ASN A 56 19.84 -4.45 -0.75
CA ASN A 56 19.09 -4.12 -1.95
C ASN A 56 17.77 -3.43 -1.57
N LYS A 57 17.73 -2.12 -1.75
CA LYS A 57 16.58 -1.33 -1.34
C LYS A 57 15.47 -1.39 -2.39
N GLU A 58 15.74 -2.02 -3.53
CA GLU A 58 14.72 -2.23 -4.54
C GLU A 58 14.01 -3.56 -4.35
N THR A 59 14.42 -4.31 -3.34
CA THR A 59 13.76 -5.56 -3.01
C THR A 59 12.34 -5.27 -2.56
N THR A 60 11.38 -5.95 -3.18
CA THR A 60 9.99 -5.78 -2.81
C THR A 60 9.71 -6.51 -1.49
N ILE A 61 9.55 -5.75 -0.42
CA ILE A 61 9.30 -6.33 0.88
C ILE A 61 7.80 -6.59 1.05
N PHE A 62 7.39 -7.83 0.82
CA PHE A 62 5.98 -8.18 0.97
C PHE A 62 5.63 -8.23 2.45
N PHE A 63 4.88 -7.24 2.91
CA PHE A 63 4.52 -7.18 4.30
C PHE A 63 3.14 -7.78 4.51
N GLN A 64 3.03 -8.62 5.51
CA GLN A 64 1.76 -9.20 5.87
C GLN A 64 1.27 -8.56 7.14
N ALA A 65 0.34 -7.63 7.00
CA ALA A 65 -0.21 -6.93 8.13
C ALA A 65 -1.53 -7.56 8.54
N ASP A 66 -1.70 -7.75 9.83
CA ASP A 66 -2.90 -8.36 10.37
C ASP A 66 -4.10 -7.48 10.09
N LYS A 67 -5.25 -8.12 9.88
CA LYS A 67 -6.50 -7.41 9.63
C LYS A 67 -6.80 -6.37 10.70
N SER A 68 -6.17 -6.49 11.86
CA SER A 68 -6.44 -5.61 12.97
C SER A 68 -5.38 -4.51 13.13
N VAL A 69 -4.42 -4.40 12.22
CA VAL A 69 -3.48 -3.31 12.31
C VAL A 69 -4.08 -2.05 11.69
N ASP A 70 -3.92 -0.93 12.36
CA ASP A 70 -4.40 0.34 11.85
C ASP A 70 -3.48 0.84 10.75
N TYR A 71 -4.06 1.51 9.76
CA TYR A 71 -3.31 2.08 8.64
C TYR A 71 -2.19 3.00 9.16
N GLU A 72 -2.41 3.61 10.31
CA GLU A 72 -1.40 4.44 10.96
C GLU A 72 -0.16 3.62 11.27
N THR A 73 -0.33 2.54 12.05
CA THR A 73 0.76 1.65 12.40
C THR A 73 1.51 1.21 11.16
N LEU A 74 0.78 0.71 10.18
CA LEU A 74 1.35 0.20 8.96
C LEU A 74 2.16 1.27 8.24
N MET A 75 1.62 2.48 8.17
CA MET A 75 2.31 3.57 7.48
C MET A 75 3.53 4.02 8.24
N SER A 76 3.53 3.82 9.55
CA SER A 76 4.71 4.11 10.35
C SER A 76 5.80 3.10 10.02
N VAL A 77 5.39 1.86 9.81
CA VAL A 77 6.31 0.78 9.45
C VAL A 77 6.86 1.01 8.05
N MET A 78 5.99 1.31 7.11
CA MET A 78 6.39 1.51 5.72
C MET A 78 7.14 2.82 5.53
N ASP A 79 6.85 3.80 6.39
CA ASP A 79 7.62 5.04 6.43
C ASP A 79 9.06 4.74 6.82
N THR A 80 9.21 3.74 7.69
CA THR A 80 10.50 3.30 8.14
C THR A 80 11.29 2.67 6.99
N LEU A 81 10.63 1.85 6.18
CA LEU A 81 11.27 1.27 5.00
C LEU A 81 11.59 2.36 3.98
N ARG A 82 10.70 3.34 3.91
CA ARG A 82 10.85 4.45 2.97
C ARG A 82 12.09 5.29 3.28
N LYS A 83 12.39 5.46 4.57
CA LYS A 83 13.57 6.23 4.97
C LYS A 83 14.84 5.42 4.76
N ALA A 84 14.69 4.11 4.64
CA ALA A 84 15.82 3.24 4.32
C ALA A 84 16.10 3.28 2.83
N GLY A 85 15.13 3.78 2.08
CA GLY A 85 15.27 3.87 0.65
C GLY A 85 14.64 2.69 -0.06
N TYR A 86 13.81 1.95 0.66
CA TYR A 86 13.09 0.83 0.05
C TYR A 86 12.09 1.33 -0.97
N LEU A 87 12.47 1.18 -2.22
CA LEU A 87 11.71 1.69 -3.33
C LEU A 87 10.59 0.73 -3.70
N LYS A 88 10.63 -0.48 -3.15
CA LYS A 88 9.60 -1.47 -3.43
C LYS A 88 9.13 -2.16 -2.16
N VAL A 89 7.88 -1.95 -1.80
CA VAL A 89 7.24 -2.69 -0.74
C VAL A 89 6.11 -3.52 -1.34
N GLY A 90 5.61 -4.51 -0.62
CA GLY A 90 4.62 -5.39 -1.19
C GLY A 90 3.34 -5.45 -0.40
N LEU A 91 2.24 -5.09 -1.06
CA LEU A 91 0.93 -5.13 -0.43
C LEU A 91 0.36 -6.55 -0.53
N VAL A 92 0.45 -7.30 0.56
CA VAL A 92 -0.13 -8.62 0.60
C VAL A 92 -1.62 -8.53 0.88
N GLY A 93 -2.42 -8.81 -0.15
CA GLY A 93 -3.86 -8.69 -0.05
C GLY A 93 -4.45 -9.48 1.09
N MET A 94 -4.92 -8.77 2.11
CA MET A 94 -5.58 -9.37 3.28
C MET A 94 -4.73 -10.46 3.91
N GLU A 95 -3.44 -10.15 4.11
CA GLU A 95 -2.47 -11.07 4.74
C GLU A 95 -2.59 -12.50 4.20
N GLY A 96 -2.85 -12.62 2.90
CA GLY A 96 -3.00 -13.93 2.29
C GLY A 96 -1.69 -14.68 2.22
N ALA A 97 -1.75 -16.00 2.38
CA ALA A 97 -0.56 -16.85 2.38
C ALA A 97 0.40 -16.42 3.49
N ALA A 98 -0.13 -16.32 4.71
CA ALA A 98 0.63 -15.81 5.84
C ALA A 98 1.82 -16.69 6.20
N LYS A 99 2.85 -16.04 6.70
CA LYS A 99 4.06 -16.70 7.14
C LYS A 99 3.80 -17.48 8.43
N VAL B 2 -2.36 -12.32 -2.97
CA VAL B 2 -1.81 -11.61 -4.14
C VAL B 2 -0.51 -10.90 -3.78
N ASP B 3 0.44 -10.92 -4.70
CA ASP B 3 1.70 -10.21 -4.54
C ASP B 3 1.64 -8.89 -5.28
N ILE B 4 1.76 -7.79 -4.57
CA ILE B 4 1.70 -6.48 -5.20
C ILE B 4 3.02 -5.73 -5.01
N ARG B 5 3.47 -5.07 -6.06
CA ARG B 5 4.72 -4.32 -6.02
C ARG B 5 4.43 -2.81 -5.93
N VAL B 6 4.92 -2.20 -4.88
CA VAL B 6 4.79 -0.75 -4.71
C VAL B 6 6.08 -0.06 -5.10
N ASP B 7 5.96 1.12 -5.70
CA ASP B 7 7.13 1.93 -6.05
C ASP B 7 7.19 3.15 -5.14
N LEU B 8 8.00 3.03 -4.10
CA LEU B 8 8.12 4.08 -3.09
C LEU B 8 9.22 5.05 -3.46
N PRO B 9 9.03 6.34 -3.15
CA PRO B 9 10.08 7.33 -3.28
C PRO B 9 10.96 7.38 -2.03
N ALA B 10 12.26 7.30 -2.23
CA ALA B 10 13.19 7.32 -1.11
C ALA B 10 13.33 8.73 -0.55
N SER B 11 13.29 8.83 0.78
CA SER B 11 13.47 10.11 1.47
C SER B 11 12.35 11.11 1.11
N SER B 12 11.16 10.58 0.84
CA SER B 12 9.98 11.40 0.54
C SER B 12 10.09 12.12 -0.80
N ALA B 13 9.31 11.66 -1.77
CA ALA B 13 9.25 12.26 -3.09
C ALA B 13 7.95 11.87 -3.77
N LYS B 14 7.87 12.06 -5.07
CA LYS B 14 6.68 11.70 -5.83
C LYS B 14 7.06 11.11 -7.18
N PRO B 15 6.95 9.78 -7.31
CA PRO B 15 7.22 9.07 -8.57
C PRO B 15 6.24 9.51 -9.65
N GLN B 16 5.08 9.95 -9.22
CA GLN B 16 4.08 10.51 -10.10
C GLN B 16 4.03 12.03 -9.91
N PRO B 17 4.63 12.80 -10.82
CA PRO B 17 4.65 14.26 -10.75
C PRO B 17 3.27 14.86 -11.05
N ARG B 18 2.31 14.52 -10.20
CA ARG B 18 0.93 14.97 -10.33
C ARG B 18 0.39 14.67 -11.73
N PRO B 19 -0.03 13.42 -11.98
CA PRO B 19 -0.50 12.99 -13.30
C PRO B 19 -1.71 13.78 -13.79
N GLU B 20 -1.93 13.73 -15.10
CA GLU B 20 -2.95 14.54 -15.78
C GLU B 20 -4.36 14.29 -15.25
N LYS B 21 -4.59 13.10 -14.71
CA LYS B 21 -5.91 12.75 -14.18
C LYS B 21 -5.76 12.15 -12.79
N PRO B 22 -5.49 12.98 -11.77
CA PRO B 22 -5.33 12.48 -10.42
C PRO B 22 -6.65 12.31 -9.69
N VAL B 23 -6.89 11.11 -9.20
CA VAL B 23 -8.11 10.82 -8.46
C VAL B 23 -7.79 10.61 -6.99
N PHE B 24 -8.49 11.33 -6.14
CA PHE B 24 -8.28 11.23 -4.71
C PHE B 24 -9.39 10.41 -4.08
N LEU B 25 -9.03 9.22 -3.61
CA LEU B 25 -9.95 8.35 -2.91
C LEU B 25 -9.70 8.49 -1.43
N SER B 26 -10.70 8.27 -0.60
CA SER B 26 -10.52 8.39 0.83
C SER B 26 -11.33 7.33 1.58
N VAL B 27 -10.70 6.74 2.60
CA VAL B 27 -11.37 5.78 3.47
C VAL B 27 -11.43 6.37 4.87
N LYS B 28 -12.63 6.67 5.34
CA LYS B 28 -12.77 7.33 6.64
C LYS B 28 -12.80 6.31 7.77
N ALA B 29 -12.67 6.77 9.02
CA ALA B 29 -12.59 5.86 10.16
C ALA B 29 -13.81 4.95 10.25
N ASP B 30 -14.96 5.48 9.89
CA ASP B 30 -16.21 4.72 9.94
C ASP B 30 -16.35 3.84 8.71
N LYS B 31 -15.23 3.60 8.03
CA LYS B 31 -15.13 2.68 6.91
C LYS B 31 -15.96 3.15 5.72
N GLN B 32 -16.08 4.46 5.59
CA GLN B 32 -16.83 5.05 4.49
C GLN B 32 -15.88 5.52 3.39
N LEU B 33 -16.27 5.29 2.15
CA LEU B 33 -15.43 5.65 1.01
C LEU B 33 -15.90 6.94 0.37
N TYR B 34 -14.94 7.78 0.00
CA TYR B 34 -15.22 9.04 -0.66
C TYR B 34 -14.32 9.23 -1.87
N VAL B 35 -14.90 9.45 -3.03
CA VAL B 35 -14.15 9.78 -4.23
C VAL B 35 -14.34 11.26 -4.53
N GLY B 36 -13.42 12.08 -4.04
CA GLY B 36 -13.61 13.51 -4.11
C GLY B 36 -14.78 13.96 -3.25
N ASP B 37 -15.85 14.42 -3.88
CA ASP B 37 -17.05 14.79 -3.15
C ASP B 37 -18.16 13.78 -3.40
N GLN B 38 -17.79 12.57 -3.79
CA GLN B 38 -18.75 11.52 -4.07
C GLN B 38 -18.63 10.40 -3.02
N PRO B 39 -19.61 10.26 -2.12
CA PRO B 39 -19.64 9.17 -1.16
C PRO B 39 -19.99 7.86 -1.84
N VAL B 40 -19.14 6.86 -1.70
CA VAL B 40 -19.33 5.61 -2.43
C VAL B 40 -19.16 4.39 -1.54
N ASN B 41 -19.77 3.31 -1.96
CA ASN B 41 -19.51 2.00 -1.39
C ASN B 41 -18.60 1.24 -2.33
N ALA B 42 -18.01 0.15 -1.86
CA ALA B 42 -17.04 -0.60 -2.65
C ALA B 42 -17.57 -0.96 -4.04
N ASP B 43 -18.80 -1.44 -4.09
CA ASP B 43 -19.39 -1.90 -5.35
C ASP B 43 -19.57 -0.74 -6.33
N GLN B 44 -19.66 0.48 -5.81
CA GLN B 44 -19.87 1.65 -6.65
C GLN B 44 -18.55 2.40 -6.86
N LEU B 45 -17.53 1.96 -6.15
CA LEU B 45 -16.22 2.60 -6.19
C LEU B 45 -15.68 2.63 -7.61
N THR B 46 -15.60 1.46 -8.23
CA THR B 46 -15.03 1.32 -9.54
C THR B 46 -15.85 2.05 -10.60
N SER B 47 -17.12 2.25 -10.30
CA SER B 47 -18.02 2.95 -11.21
C SER B 47 -17.68 4.43 -11.25
N VAL B 48 -17.55 5.03 -10.06
CA VAL B 48 -17.22 6.43 -9.95
C VAL B 48 -15.76 6.66 -10.33
N LEU B 49 -14.91 5.73 -9.93
CA LEU B 49 -13.50 5.76 -10.30
C LEU B 49 -13.33 5.79 -11.81
N ASP B 50 -14.08 4.94 -12.50
CA ASP B 50 -13.99 4.87 -13.96
C ASP B 50 -14.40 6.20 -14.58
N GLN B 51 -15.33 6.90 -13.93
CA GLN B 51 -15.74 8.23 -14.36
C GLN B 51 -14.64 9.25 -14.10
N ARG B 52 -13.99 9.11 -12.94
CA ARG B 52 -12.93 10.04 -12.53
C ARG B 52 -11.71 9.90 -13.41
N THR B 53 -11.37 8.66 -13.72
CA THR B 53 -10.14 8.35 -14.43
C THR B 53 -10.34 8.32 -15.94
N GLN B 54 -11.59 8.51 -16.35
CA GLN B 54 -11.99 8.37 -17.75
C GLN B 54 -11.62 6.96 -18.23
N ALA B 55 -11.84 6.00 -17.34
CA ALA B 55 -11.61 4.57 -17.60
C ALA B 55 -10.13 4.21 -17.59
N ASN B 56 -9.26 5.17 -17.35
CA ASN B 56 -7.82 4.90 -17.31
C ASN B 56 -7.48 4.14 -16.03
N LYS B 57 -7.26 2.85 -16.16
CA LYS B 57 -7.02 2.00 -15.00
C LYS B 57 -5.57 2.08 -14.54
N GLU B 58 -4.74 2.80 -15.29
CA GLU B 58 -3.35 3.03 -14.89
C GLU B 58 -3.22 4.32 -14.11
N THR B 59 -4.33 5.02 -13.92
CA THR B 59 -4.34 6.22 -13.10
C THR B 59 -4.02 5.86 -11.65
N THR B 60 -3.05 6.54 -11.08
CA THR B 60 -2.68 6.31 -9.70
C THR B 60 -3.71 6.94 -8.78
N ILE B 61 -4.54 6.11 -8.16
CA ILE B 61 -5.57 6.59 -7.26
C ILE B 61 -4.98 6.79 -5.88
N PHE B 62 -4.62 8.03 -5.54
CA PHE B 62 -4.09 8.32 -4.23
C PHE B 62 -5.21 8.26 -3.21
N PHE B 63 -5.20 7.23 -2.39
CA PHE B 63 -6.24 7.07 -1.39
C PHE B 63 -5.76 7.60 -0.06
N GLN B 64 -6.60 8.38 0.58
CA GLN B 64 -6.31 8.88 1.91
C GLN B 64 -7.16 8.14 2.91
N ALA B 65 -6.54 7.20 3.59
CA ALA B 65 -7.24 6.41 4.59
C ALA B 65 -6.96 6.97 5.96
N ASP B 66 -8.01 7.08 6.76
CA ASP B 66 -7.92 7.61 8.11
C ASP B 66 -7.04 6.70 8.95
N LYS B 67 -6.32 7.31 9.89
CA LYS B 67 -5.45 6.58 10.82
C LYS B 67 -6.20 5.47 11.54
N SER B 68 -7.53 5.54 11.56
CA SER B 68 -8.33 4.59 12.29
C SER B 68 -8.95 3.51 11.39
N VAL B 69 -8.62 3.50 10.09
CA VAL B 69 -9.12 2.42 9.25
C VAL B 69 -8.23 1.20 9.40
N ASP B 70 -8.85 0.04 9.51
CA ASP B 70 -8.13 -1.21 9.61
C ASP B 70 -7.60 -1.61 8.23
N TYR B 71 -6.43 -2.23 8.21
CA TYR B 71 -5.80 -2.72 6.98
C TYR B 71 -6.76 -3.62 6.20
N GLU B 72 -7.64 -4.31 6.92
CA GLU B 72 -8.67 -5.14 6.30
C GLU B 72 -9.59 -4.30 5.43
N THR B 73 -10.22 -3.28 6.03
CA THR B 73 -11.10 -2.38 5.30
C THR B 73 -10.41 -1.83 4.06
N LEU B 74 -9.21 -1.32 4.27
CA LEU B 74 -8.44 -0.70 3.20
C LEU B 74 -8.17 -1.69 2.07
N MET B 75 -7.80 -2.92 2.43
CA MET B 75 -7.50 -3.94 1.44
C MET B 75 -8.74 -4.39 0.71
N SER B 76 -9.88 -4.28 1.37
CA SER B 76 -11.16 -4.57 0.73
C SER B 76 -11.45 -3.52 -0.33
N VAL B 77 -11.11 -2.27 -0.01
CA VAL B 77 -11.28 -1.15 -0.92
C VAL B 77 -10.34 -1.26 -2.10
N MET B 78 -9.07 -1.55 -1.81
CA MET B 78 -8.05 -1.63 -2.85
C MET B 78 -8.21 -2.90 -3.68
N ASP B 79 -8.77 -3.94 -3.07
CA ASP B 79 -9.13 -5.16 -3.80
C ASP B 79 -10.19 -4.82 -4.84
N THR B 80 -11.06 -3.89 -4.47
CA THR B 80 -12.10 -3.41 -5.36
C THR B 80 -11.51 -2.69 -6.58
N LEU B 81 -10.51 -1.86 -6.34
CA LEU B 81 -9.83 -1.18 -7.44
C LEU B 81 -9.05 -2.19 -8.28
N ARG B 82 -8.51 -3.19 -7.60
CA ARG B 82 -7.73 -4.24 -8.25
C ARG B 82 -8.58 -5.04 -9.23
N LYS B 83 -9.84 -5.29 -8.87
CA LYS B 83 -10.74 -6.04 -9.75
C LYS B 83 -11.21 -5.18 -10.92
N ALA B 84 -11.09 -3.87 -10.77
CA ALA B 84 -11.40 -2.94 -11.85
C ALA B 84 -10.24 -2.89 -12.82
N GLY B 85 -9.09 -3.37 -12.37
CA GLY B 85 -7.91 -3.36 -13.20
C GLY B 85 -7.03 -2.17 -12.93
N TYR B 86 -7.27 -1.50 -11.80
CA TYR B 86 -6.43 -0.36 -11.41
C TYR B 86 -5.04 -0.83 -11.07
N LEU B 87 -4.14 -0.60 -12.01
CA LEU B 87 -2.78 -1.06 -11.91
C LEU B 87 -1.95 -0.11 -11.06
N LYS B 88 -2.50 1.06 -10.76
CA LYS B 88 -1.78 2.02 -9.94
C LYS B 88 -2.67 2.63 -8.87
N VAL B 89 -2.36 2.34 -7.61
CA VAL B 89 -3.02 3.00 -6.50
C VAL B 89 -1.96 3.82 -5.75
N GLY B 90 -2.38 4.75 -4.91
CA GLY B 90 -1.43 5.63 -4.28
C GLY B 90 -1.49 5.59 -2.77
N LEU B 91 -0.36 5.24 -2.15
CA LEU B 91 -0.26 5.21 -0.70
C LEU B 91 0.05 6.59 -0.16
N VAL B 92 -0.98 7.27 0.33
CA VAL B 92 -0.78 8.59 0.94
C VAL B 92 -0.29 8.41 2.37
N GLY B 93 0.99 8.73 2.57
CA GLY B 93 1.62 8.56 3.87
C GLY B 93 0.87 9.26 4.99
N MET B 94 0.26 8.46 5.85
CA MET B 94 -0.46 8.97 7.03
C MET B 94 -1.48 10.04 6.66
N GLU B 95 -2.27 9.76 5.63
CA GLU B 95 -3.33 10.67 5.14
C GLU B 95 -2.86 12.14 5.08
N GLY B 96 -1.61 12.33 4.68
CA GLY B 96 -1.06 13.67 4.59
C GLY B 96 -1.66 14.46 3.45
N ALA B 97 -1.82 15.77 3.66
CA ALA B 97 -2.44 16.66 2.68
C ALA B 97 -3.85 16.18 2.36
N ALA B 98 -4.65 16.01 3.40
CA ALA B 98 -5.98 15.45 3.27
C ALA B 98 -6.92 16.34 2.47
N LYS B 99 -7.84 15.70 1.77
CA LYS B 99 -8.84 16.37 0.98
C LYS B 99 -9.88 17.04 1.89
N VAL A 2 4.26 12.36 1.49
CA VAL A 2 4.72 11.83 0.20
C VAL A 2 3.60 11.08 -0.51
N ASP A 3 3.61 11.15 -1.82
CA ASP A 3 2.64 10.46 -2.65
C ASP A 3 3.24 9.16 -3.16
N ILE A 4 2.82 8.04 -2.62
CA ILE A 4 3.41 6.76 -2.98
C ILE A 4 2.56 6.05 -4.03
N ARG A 5 3.24 5.44 -5.01
CA ARG A 5 2.56 4.75 -6.10
C ARG A 5 2.61 3.23 -5.90
N VAL A 6 1.45 2.60 -5.92
CA VAL A 6 1.38 1.14 -5.86
C VAL A 6 1.12 0.59 -7.26
N ASP A 7 1.68 -0.58 -7.55
CA ASP A 7 1.42 -1.26 -8.81
C ASP A 7 0.58 -2.51 -8.56
N LEU A 8 -0.71 -2.37 -8.76
CA LEU A 8 -1.66 -3.44 -8.48
C LEU A 8 -1.86 -4.30 -9.72
N PRO A 9 -1.85 -5.63 -9.55
CA PRO A 9 -2.16 -6.52 -10.65
C PRO A 9 -3.66 -6.59 -10.92
N ALA A 10 -4.03 -6.39 -12.17
CA ALA A 10 -5.43 -6.41 -12.56
C ALA A 10 -5.96 -7.84 -12.57
N SER A 11 -7.13 -8.03 -11.98
CA SER A 11 -7.76 -9.35 -11.84
C SER A 11 -6.95 -10.22 -10.87
N SER A 12 -5.80 -10.71 -11.31
CA SER A 12 -4.94 -11.53 -10.48
C SER A 12 -3.60 -11.74 -11.16
N ALA A 13 -2.53 -11.30 -10.50
CA ALA A 13 -1.18 -11.44 -11.02
C ALA A 13 -0.15 -11.13 -9.94
N LYS A 14 1.11 -11.18 -10.32
CA LYS A 14 2.20 -10.85 -9.42
C LYS A 14 3.27 -10.05 -10.16
N PRO A 15 3.29 -8.73 -9.94
CA PRO A 15 4.25 -7.82 -10.59
C PRO A 15 5.69 -8.20 -10.31
N GLN A 16 5.91 -8.84 -9.18
CA GLN A 16 7.22 -9.35 -8.81
C GLN A 16 7.22 -10.87 -8.82
N PRO A 17 7.71 -11.48 -9.90
CA PRO A 17 7.77 -12.95 -10.05
C PRO A 17 8.82 -13.56 -9.14
N ARG A 18 8.59 -13.44 -7.83
CA ARG A 18 9.48 -14.00 -6.81
C ARG A 18 10.91 -13.49 -7.00
N PRO A 19 11.21 -12.26 -6.52
CA PRO A 19 12.54 -11.65 -6.68
C PRO A 19 13.65 -12.49 -6.06
N GLU A 20 14.90 -12.14 -6.36
CA GLU A 20 16.04 -12.96 -5.95
C GLU A 20 16.10 -13.15 -4.44
N LYS A 21 16.00 -12.05 -3.70
CA LYS A 21 16.07 -12.11 -2.23
C LYS A 21 14.77 -11.61 -1.61
N PRO A 22 13.72 -12.44 -1.59
CA PRO A 22 12.43 -12.02 -1.07
C PRO A 22 12.40 -12.02 0.46
N VAL A 23 12.05 -10.88 1.03
CA VAL A 23 11.96 -10.75 2.48
C VAL A 23 10.51 -10.65 2.92
N PHE A 24 10.16 -11.41 3.94
CA PHE A 24 8.79 -11.44 4.42
C PHE A 24 8.67 -10.70 5.74
N LEU A 25 8.06 -9.53 5.69
CA LEU A 25 7.85 -8.70 6.86
C LEU A 25 6.41 -8.87 7.32
N SER A 26 6.15 -8.65 8.60
CA SER A 26 4.81 -8.77 9.12
C SER A 26 4.53 -7.69 10.17
N VAL A 27 3.28 -7.24 10.21
CA VAL A 27 2.84 -6.30 11.23
C VAL A 27 1.67 -6.93 11.99
N LYS A 28 1.87 -7.23 13.26
CA LYS A 28 0.87 -7.93 14.05
C LYS A 28 -0.16 -6.95 14.61
N ALA A 29 -1.28 -7.48 15.09
CA ALA A 29 -2.37 -6.64 15.60
C ALA A 29 -1.92 -5.77 16.77
N ASP A 30 -0.95 -6.27 17.54
CA ASP A 30 -0.42 -5.51 18.67
C ASP A 30 0.67 -4.56 18.22
N LYS A 31 0.71 -4.27 16.92
CA LYS A 31 1.63 -3.29 16.33
C LYS A 31 3.07 -3.73 16.50
N GLN A 32 3.28 -5.04 16.47
CA GLN A 32 4.61 -5.61 16.58
C GLN A 32 5.10 -6.06 15.22
N LEU A 33 6.24 -5.52 14.81
CA LEU A 33 6.83 -5.86 13.53
C LEU A 33 7.58 -7.19 13.64
N TYR A 34 7.44 -8.03 12.63
CA TYR A 34 8.14 -9.31 12.57
C TYR A 34 8.77 -9.50 11.20
N VAL A 35 10.08 -9.58 11.15
CA VAL A 35 10.78 -9.86 9.91
C VAL A 35 11.33 -11.28 9.95
N GLY A 36 10.80 -12.14 9.09
CA GLY A 36 11.14 -13.55 9.15
C GLY A 36 10.67 -14.17 10.46
N ASP A 37 11.59 -14.35 11.38
CA ASP A 37 11.26 -14.88 12.70
C ASP A 37 11.85 -13.97 13.77
N GLN A 38 12.15 -12.74 13.39
CA GLN A 38 12.76 -11.77 14.28
C GLN A 38 11.77 -10.64 14.60
N PRO A 39 11.41 -10.47 15.89
CA PRO A 39 10.59 -9.34 16.32
C PRO A 39 11.39 -8.04 16.27
N VAL A 40 10.86 -7.05 15.57
CA VAL A 40 11.58 -5.80 15.40
C VAL A 40 10.67 -4.59 15.59
N ASN A 41 11.28 -3.46 15.88
CA ASN A 41 10.61 -2.19 15.88
C ASN A 41 11.08 -1.42 14.65
N ALA A 42 10.45 -0.28 14.35
CA ALA A 42 10.78 0.50 13.17
C ALA A 42 12.28 0.81 13.09
N ASP A 43 12.86 1.20 14.22
CA ASP A 43 14.26 1.62 14.25
C ASP A 43 15.21 0.45 14.04
N GLN A 44 14.70 -0.76 14.22
CA GLN A 44 15.52 -1.95 14.03
C GLN A 44 15.16 -2.65 12.74
N LEU A 45 14.01 -2.27 12.18
CA LEU A 45 13.47 -2.89 10.97
C LEU A 45 14.48 -2.82 9.84
N THR A 46 14.87 -1.60 9.49
CA THR A 46 15.74 -1.36 8.37
C THR A 46 17.10 -2.03 8.58
N SER A 47 17.53 -2.09 9.83
CA SER A 47 18.82 -2.63 10.17
C SER A 47 18.84 -4.15 9.90
N VAL A 48 17.73 -4.79 10.20
CA VAL A 48 17.60 -6.22 9.96
C VAL A 48 17.29 -6.46 8.48
N LEU A 49 16.53 -5.55 7.90
CA LEU A 49 16.21 -5.61 6.47
C LEU A 49 17.48 -5.56 5.63
N ASP A 50 18.42 -4.70 6.00
CA ASP A 50 19.72 -4.64 5.31
C ASP A 50 20.41 -6.00 5.36
N GLN A 51 20.20 -6.72 6.45
CA GLN A 51 20.77 -8.05 6.62
C GLN A 51 20.03 -9.06 5.75
N ARG A 52 18.73 -8.86 5.62
CA ARG A 52 17.87 -9.79 4.88
C ARG A 52 18.07 -9.63 3.37
N THR A 53 18.03 -8.38 2.92
CA THR A 53 18.08 -8.08 1.50
C THR A 53 19.51 -7.92 1.00
N GLN A 54 20.45 -8.00 1.93
CA GLN A 54 21.87 -7.73 1.62
C GLN A 54 22.01 -6.29 1.11
N ALA A 55 21.14 -5.43 1.63
CA ALA A 55 21.09 -4.00 1.30
C ALA A 55 20.60 -3.77 -0.13
N ASN A 56 19.91 -4.75 -0.68
CA ASN A 56 19.25 -4.58 -1.97
C ASN A 56 17.93 -3.86 -1.76
N LYS A 57 17.96 -2.53 -1.83
CA LYS A 57 16.80 -1.71 -1.50
C LYS A 57 15.74 -1.75 -2.60
N GLU A 58 16.04 -2.42 -3.69
CA GLU A 58 15.06 -2.61 -4.76
C GLU A 58 14.28 -3.89 -4.55
N THR A 59 14.54 -4.56 -3.43
CA THR A 59 13.81 -5.74 -3.05
C THR A 59 12.40 -5.38 -2.60
N THR A 60 11.42 -6.13 -3.08
CA THR A 60 10.05 -5.95 -2.65
C THR A 60 9.82 -6.72 -1.36
N ILE A 61 9.65 -5.99 -0.27
CA ILE A 61 9.44 -6.61 1.03
C ILE A 61 7.96 -6.92 1.20
N PHE A 62 7.58 -8.17 0.97
CA PHE A 62 6.19 -8.58 1.14
C PHE A 62 5.83 -8.58 2.62
N PHE A 63 4.98 -7.64 3.02
CA PHE A 63 4.59 -7.56 4.39
C PHE A 63 3.24 -8.22 4.60
N GLN A 64 3.15 -9.00 5.66
CA GLN A 64 1.91 -9.63 6.06
C GLN A 64 1.40 -8.91 7.28
N ALA A 65 0.43 -8.04 7.08
CA ALA A 65 -0.13 -7.27 8.17
C ALA A 65 -1.40 -7.91 8.66
N ASP A 66 -1.63 -7.83 9.95
CA ASP A 66 -2.85 -8.37 10.54
C ASP A 66 -4.02 -7.53 10.08
N LYS A 67 -5.16 -8.19 9.94
CA LYS A 67 -6.38 -7.54 9.45
C LYS A 67 -6.76 -6.33 10.31
N SER A 68 -6.24 -6.27 11.53
CA SER A 68 -6.60 -5.23 12.47
C SER A 68 -5.50 -4.18 12.68
N VAL A 69 -4.41 -4.22 11.89
CA VAL A 69 -3.40 -3.17 12.01
C VAL A 69 -3.91 -1.89 11.37
N ASP A 70 -3.68 -0.78 12.05
CA ASP A 70 -4.10 0.53 11.55
C ASP A 70 -3.26 0.95 10.35
N TYR A 71 -3.89 1.65 9.42
CA TYR A 71 -3.21 2.28 8.29
C TYR A 71 -2.03 3.14 8.78
N GLU A 72 -2.21 3.77 9.94
CA GLU A 72 -1.14 4.55 10.54
C GLU A 72 0.03 3.66 10.93
N THR A 73 -0.28 2.55 11.62
CA THR A 73 0.73 1.58 12.01
C THR A 73 1.51 1.08 10.81
N LEU A 74 0.78 0.53 9.85
CA LEU A 74 1.37 -0.10 8.69
C LEU A 74 2.23 0.88 7.90
N MET A 75 1.69 2.06 7.65
CA MET A 75 2.41 3.08 6.90
C MET A 75 3.60 3.60 7.67
N SER A 76 3.52 3.59 9.00
CA SER A 76 4.67 3.97 9.82
C SER A 76 5.80 2.97 9.61
N VAL A 77 5.43 1.70 9.52
CA VAL A 77 6.38 0.63 9.28
C VAL A 77 7.01 0.78 7.89
N MET A 78 6.18 0.98 6.88
CA MET A 78 6.65 1.04 5.51
C MET A 78 7.34 2.36 5.20
N ASP A 79 6.94 3.41 5.92
CA ASP A 79 7.60 4.71 5.78
C ASP A 79 9.01 4.62 6.35
N THR A 80 9.19 3.68 7.27
CA THR A 80 10.50 3.39 7.81
C THR A 80 11.38 2.73 6.75
N LEU A 81 10.78 1.88 5.93
CA LEU A 81 11.48 1.27 4.82
C LEU A 81 11.80 2.32 3.76
N ARG A 82 10.90 3.28 3.63
CA ARG A 82 11.09 4.43 2.74
C ARG A 82 12.39 5.17 3.04
N LYS A 83 12.66 5.43 4.32
CA LYS A 83 13.87 6.17 4.69
C LYS A 83 15.11 5.30 4.55
N ALA A 84 14.89 3.99 4.47
CA ALA A 84 15.97 3.05 4.24
C ALA A 84 16.35 3.02 2.77
N GLY A 85 15.39 3.40 1.93
CA GLY A 85 15.62 3.38 0.50
C GLY A 85 14.89 2.25 -0.19
N TYR A 86 14.05 1.55 0.56
CA TYR A 86 13.25 0.47 -0.01
C TYR A 86 12.19 1.02 -0.93
N LEU A 87 12.47 0.91 -2.21
CA LEU A 87 11.61 1.47 -3.23
C LEU A 87 10.44 0.52 -3.50
N LYS A 88 10.50 -0.69 -2.97
CA LYS A 88 9.44 -1.65 -3.20
C LYS A 88 9.03 -2.37 -1.92
N VAL A 89 7.79 -2.17 -1.51
CA VAL A 89 7.21 -2.98 -0.45
C VAL A 89 6.03 -3.74 -1.05
N GLY A 90 5.63 -4.84 -0.44
CA GLY A 90 4.60 -5.66 -1.06
C GLY A 90 3.47 -6.01 -0.13
N LEU A 91 2.24 -5.86 -0.61
CA LEU A 91 1.07 -6.19 0.19
C LEU A 91 0.58 -7.58 -0.15
N VAL A 92 0.49 -8.43 0.87
CA VAL A 92 -0.17 -9.71 0.71
C VAL A 92 -1.67 -9.50 0.73
N GLY A 93 -2.29 -9.67 -0.44
CA GLY A 93 -3.71 -9.37 -0.62
C GLY A 93 -4.60 -9.98 0.46
N MET A 94 -5.04 -9.12 1.37
CA MET A 94 -5.95 -9.51 2.46
C MET A 94 -5.41 -10.72 3.22
N GLU A 95 -4.11 -10.70 3.51
CA GLU A 95 -3.46 -11.77 4.28
C GLU A 95 -3.78 -13.14 3.66
N GLY A 96 -3.66 -13.23 2.34
CA GLY A 96 -3.94 -14.49 1.67
C GLY A 96 -2.98 -15.58 2.06
N ALA A 97 -1.71 -15.21 2.25
CA ALA A 97 -0.70 -16.15 2.66
C ALA A 97 0.23 -15.53 3.70
N ALA A 98 0.07 -15.93 4.95
CA ALA A 98 0.89 -15.43 6.04
C ALA A 98 1.64 -16.57 6.72
N LYS A 99 2.79 -16.25 7.28
CA LYS A 99 3.63 -17.25 7.93
C LYS A 99 3.25 -17.42 9.40
N VAL B 2 -2.99 -12.27 -3.74
CA VAL B 2 -2.09 -11.64 -4.75
C VAL B 2 -0.96 -10.89 -4.07
N ASP B 3 0.19 -10.89 -4.73
CA ASP B 3 1.36 -10.19 -4.23
C ASP B 3 1.46 -8.84 -4.94
N ILE B 4 1.17 -7.77 -4.23
CA ILE B 4 1.14 -6.46 -4.83
C ILE B 4 2.45 -5.71 -4.57
N ARG B 5 2.95 -5.02 -5.58
CA ARG B 5 4.21 -4.30 -5.50
C ARG B 5 3.96 -2.79 -5.35
N VAL B 6 4.52 -2.20 -4.31
CA VAL B 6 4.45 -0.75 -4.13
C VAL B 6 5.78 -0.13 -4.55
N ASP B 7 5.71 1.08 -5.09
CA ASP B 7 6.92 1.82 -5.45
C ASP B 7 7.07 3.03 -4.53
N LEU B 8 7.88 2.85 -3.49
CA LEU B 8 8.07 3.87 -2.47
C LEU B 8 9.21 4.79 -2.85
N PRO B 9 9.02 6.10 -2.70
CA PRO B 9 10.10 7.06 -2.91
C PRO B 9 11.07 7.08 -1.74
N ALA B 10 12.35 6.94 -2.03
CA ALA B 10 13.37 6.94 -1.00
C ALA B 10 13.59 8.34 -0.46
N SER B 11 13.63 8.45 0.87
CA SER B 11 13.78 9.73 1.56
C SER B 11 12.52 10.58 1.39
N SER B 12 12.32 11.15 0.20
CA SER B 12 11.15 11.94 -0.09
C SER B 12 11.05 12.24 -1.57
N ALA B 13 9.97 11.80 -2.21
CA ALA B 13 9.76 12.02 -3.63
C ALA B 13 8.35 11.68 -4.02
N LYS B 14 8.05 11.80 -5.30
CA LYS B 14 6.74 11.45 -5.83
C LYS B 14 6.88 10.74 -7.17
N PRO B 15 6.72 9.41 -7.16
CA PRO B 15 6.86 8.58 -8.38
C PRO B 15 5.89 8.99 -9.47
N GLN B 16 4.77 9.59 -9.07
CA GLN B 16 3.79 10.11 -10.00
C GLN B 16 3.75 11.63 -9.90
N PRO B 17 4.43 12.32 -10.82
CA PRO B 17 4.47 13.79 -10.85
C PRO B 17 3.14 14.39 -11.29
N ARG B 18 2.13 14.20 -10.45
CA ARG B 18 0.78 14.71 -10.69
C ARG B 18 0.27 14.28 -12.06
N PRO B 19 -0.26 13.04 -12.16
CA PRO B 19 -0.76 12.48 -13.44
C PRO B 19 -1.87 13.32 -14.06
N GLU B 20 -2.20 13.05 -15.31
CA GLU B 20 -3.15 13.88 -16.06
C GLU B 20 -4.51 13.97 -15.36
N LYS B 21 -5.06 12.83 -14.96
CA LYS B 21 -6.37 12.80 -14.32
C LYS B 21 -6.25 12.22 -12.91
N PRO B 22 -5.79 13.00 -11.93
CA PRO B 22 -5.59 12.50 -10.58
C PRO B 22 -6.91 12.41 -9.80
N VAL B 23 -7.20 11.23 -9.29
CA VAL B 23 -8.41 11.01 -8.52
C VAL B 23 -8.07 10.83 -7.05
N PHE B 24 -8.83 11.51 -6.20
CA PHE B 24 -8.57 11.46 -4.76
C PHE B 24 -9.64 10.64 -4.07
N LEU B 25 -9.25 9.45 -3.64
CA LEU B 25 -10.14 8.54 -2.94
C LEU B 25 -9.84 8.63 -1.44
N SER B 26 -10.82 8.32 -0.61
CA SER B 26 -10.62 8.36 0.83
C SER B 26 -11.35 7.22 1.51
N VAL B 27 -10.77 6.70 2.58
CA VAL B 27 -11.40 5.70 3.41
C VAL B 27 -11.50 6.23 4.84
N LYS B 28 -12.72 6.46 5.29
CA LYS B 28 -12.94 7.07 6.60
C LYS B 28 -12.89 6.03 7.71
N ALA B 29 -12.78 6.48 8.96
CA ALA B 29 -12.66 5.57 10.11
C ALA B 29 -13.87 4.65 10.22
N ASP B 30 -15.03 5.13 9.80
CA ASP B 30 -16.25 4.34 9.83
C ASP B 30 -16.37 3.45 8.59
N LYS B 31 -15.23 3.25 7.91
CA LYS B 31 -15.14 2.33 6.77
C LYS B 31 -16.01 2.81 5.62
N GLN B 32 -16.14 4.13 5.51
CA GLN B 32 -16.91 4.75 4.44
C GLN B 32 -15.97 5.29 3.37
N LEU B 33 -16.15 4.83 2.15
CA LEU B 33 -15.34 5.27 1.03
C LEU B 33 -15.86 6.62 0.52
N TYR B 34 -14.93 7.51 0.19
CA TYR B 34 -15.28 8.81 -0.36
C TYR B 34 -14.39 9.11 -1.56
N VAL B 35 -15.00 9.25 -2.72
CA VAL B 35 -14.27 9.62 -3.91
C VAL B 35 -14.62 11.06 -4.30
N GLY B 36 -13.64 11.95 -4.20
CA GLY B 36 -13.91 13.36 -4.38
C GLY B 36 -14.83 13.88 -3.29
N ASP B 37 -16.10 14.05 -3.63
CA ASP B 37 -17.11 14.47 -2.67
C ASP B 37 -18.29 13.53 -2.71
N GLN B 38 -18.07 12.34 -3.24
CA GLN B 38 -19.11 11.34 -3.39
C GLN B 38 -18.87 10.16 -2.46
N PRO B 39 -19.81 9.89 -1.53
CA PRO B 39 -19.74 8.70 -0.67
C PRO B 39 -20.05 7.44 -1.46
N VAL B 40 -19.14 6.47 -1.41
CA VAL B 40 -19.29 5.27 -2.19
C VAL B 40 -18.98 4.02 -1.38
N ASN B 41 -19.50 2.90 -1.85
CA ASN B 41 -19.12 1.60 -1.34
C ASN B 41 -18.25 0.92 -2.39
N ALA B 42 -17.65 -0.21 -2.06
CA ALA B 42 -16.75 -0.90 -2.99
C ALA B 42 -17.41 -1.14 -4.35
N ASP B 43 -18.66 -1.59 -4.32
CA ASP B 43 -19.37 -1.97 -5.55
C ASP B 43 -19.69 -0.74 -6.41
N GLN B 44 -19.63 0.44 -5.81
CA GLN B 44 -19.92 1.67 -6.53
C GLN B 44 -18.63 2.44 -6.80
N LEU B 45 -17.57 2.04 -6.11
CA LEU B 45 -16.28 2.70 -6.19
C LEU B 45 -15.78 2.74 -7.61
N THR B 46 -15.62 1.57 -8.20
CA THR B 46 -15.06 1.44 -9.53
C THR B 46 -15.93 2.14 -10.57
N SER B 47 -17.25 2.13 -10.32
CA SER B 47 -18.19 2.71 -11.26
C SER B 47 -18.02 4.23 -11.30
N VAL B 48 -17.76 4.81 -10.14
CA VAL B 48 -17.52 6.25 -10.06
C VAL B 48 -16.11 6.56 -10.50
N LEU B 49 -15.19 5.67 -10.18
CA LEU B 49 -13.80 5.79 -10.60
C LEU B 49 -13.68 5.85 -12.11
N ASP B 50 -14.44 5.00 -12.81
CA ASP B 50 -14.47 5.04 -14.27
C ASP B 50 -14.90 6.42 -14.76
N GLN B 51 -15.78 7.06 -14.00
CA GLN B 51 -16.24 8.40 -14.33
C GLN B 51 -15.16 9.43 -14.05
N ARG B 52 -14.38 9.19 -13.00
CA ARG B 52 -13.36 10.13 -12.56
C ARG B 52 -12.14 10.06 -13.46
N THR B 53 -11.69 8.85 -13.74
CA THR B 53 -10.46 8.63 -14.49
C THR B 53 -10.72 8.56 -15.99
N GLN B 54 -12.00 8.61 -16.37
CA GLN B 54 -12.41 8.42 -17.75
C GLN B 54 -12.00 7.02 -18.22
N ALA B 55 -11.99 6.09 -17.26
CA ALA B 55 -11.63 4.69 -17.48
C ALA B 55 -10.13 4.52 -17.76
N ASN B 56 -9.34 5.51 -17.36
CA ASN B 56 -7.90 5.39 -17.43
C ASN B 56 -7.40 4.62 -16.21
N LYS B 57 -7.32 3.30 -16.36
CA LYS B 57 -7.01 2.41 -15.25
C LYS B 57 -5.54 2.48 -14.85
N GLU B 58 -4.75 3.23 -15.60
CA GLU B 58 -3.35 3.44 -15.27
C GLU B 58 -3.20 4.68 -14.39
N THR B 59 -4.31 5.28 -14.04
CA THR B 59 -4.32 6.42 -13.14
C THR B 59 -4.02 5.98 -11.73
N THR B 60 -3.14 6.71 -11.06
CA THR B 60 -2.84 6.46 -9.67
C THR B 60 -3.88 7.14 -8.78
N ILE B 61 -4.72 6.34 -8.15
CA ILE B 61 -5.76 6.87 -7.30
C ILE B 61 -5.20 7.11 -5.90
N PHE B 62 -4.86 8.36 -5.61
CA PHE B 62 -4.34 8.71 -4.29
C PHE B 62 -5.45 8.60 -3.26
N PHE B 63 -5.34 7.62 -2.38
CA PHE B 63 -6.35 7.42 -1.36
C PHE B 63 -5.88 8.03 -0.05
N GLN B 64 -6.79 8.73 0.59
CA GLN B 64 -6.56 9.29 1.90
C GLN B 64 -7.35 8.47 2.90
N ALA B 65 -6.67 7.59 3.59
CA ALA B 65 -7.31 6.74 4.56
C ALA B 65 -7.13 7.29 5.95
N ASP B 66 -8.15 7.14 6.77
CA ASP B 66 -8.07 7.58 8.15
C ASP B 66 -7.07 6.73 8.90
N LYS B 67 -6.41 7.34 9.86
CA LYS B 67 -5.37 6.68 10.64
C LYS B 67 -5.88 5.42 11.32
N SER B 68 -7.21 5.30 11.45
CA SER B 68 -7.80 4.19 12.17
C SER B 68 -8.50 3.18 11.24
N VAL B 69 -8.34 3.31 9.91
CA VAL B 69 -8.91 2.29 9.03
C VAL B 69 -8.06 1.03 9.08
N ASP B 70 -8.72 -0.12 9.13
CA ASP B 70 -8.04 -1.40 9.18
C ASP B 70 -7.39 -1.71 7.84
N TYR B 71 -6.25 -2.38 7.89
CA TYR B 71 -5.58 -2.92 6.71
C TYR B 71 -6.55 -3.75 5.87
N GLU B 72 -7.45 -4.47 6.54
CA GLU B 72 -8.47 -5.24 5.86
C GLU B 72 -9.42 -4.32 5.09
N THR B 73 -9.89 -3.28 5.76
CA THR B 73 -10.77 -2.30 5.14
C THR B 73 -10.12 -1.69 3.90
N LEU B 74 -8.95 -1.12 4.11
CA LEU B 74 -8.25 -0.40 3.07
C LEU B 74 -7.96 -1.29 1.87
N MET B 75 -7.43 -2.48 2.14
CA MET B 75 -7.10 -3.41 1.07
C MET B 75 -8.34 -3.93 0.38
N SER B 76 -9.45 -4.01 1.11
CA SER B 76 -10.71 -4.40 0.49
C SER B 76 -11.12 -3.35 -0.53
N VAL B 77 -10.91 -2.09 -0.18
CA VAL B 77 -11.20 -0.97 -1.06
C VAL B 77 -10.30 -1.00 -2.30
N MET B 78 -9.01 -1.17 -2.07
CA MET B 78 -8.04 -1.13 -3.17
C MET B 78 -8.07 -2.41 -3.98
N ASP B 79 -8.45 -3.51 -3.36
CA ASP B 79 -8.62 -4.79 -4.07
C ASP B 79 -9.80 -4.67 -5.03
N THR B 80 -10.72 -3.79 -4.67
CA THR B 80 -11.86 -3.48 -5.53
C THR B 80 -11.38 -2.73 -6.77
N LEU B 81 -10.40 -1.85 -6.60
CA LEU B 81 -9.80 -1.14 -7.71
C LEU B 81 -8.99 -2.11 -8.57
N ARG B 82 -8.40 -3.10 -7.92
CA ARG B 82 -7.69 -4.18 -8.58
C ARG B 82 -8.56 -4.89 -9.62
N LYS B 83 -9.80 -5.21 -9.24
CA LYS B 83 -10.69 -5.93 -10.16
C LYS B 83 -11.20 -4.99 -11.26
N ALA B 84 -11.07 -3.70 -11.03
CA ALA B 84 -11.44 -2.70 -12.02
C ALA B 84 -10.33 -2.58 -13.05
N GLY B 85 -9.13 -2.94 -12.66
CA GLY B 85 -7.99 -2.84 -13.56
C GLY B 85 -7.08 -1.70 -13.19
N TYR B 86 -7.34 -1.07 -12.04
CA TYR B 86 -6.49 0.02 -11.57
C TYR B 86 -5.15 -0.51 -11.12
N LEU B 87 -4.18 -0.32 -11.99
CA LEU B 87 -2.84 -0.84 -11.77
C LEU B 87 -2.07 0.06 -10.82
N LYS B 88 -2.61 1.24 -10.54
CA LYS B 88 -1.92 2.19 -9.67
C LYS B 88 -2.86 2.81 -8.64
N VAL B 89 -2.61 2.53 -7.38
CA VAL B 89 -3.26 3.26 -6.30
C VAL B 89 -2.18 4.01 -5.52
N GLY B 90 -2.56 5.05 -4.80
CA GLY B 90 -1.55 5.87 -4.16
C GLY B 90 -1.81 6.11 -2.69
N LEU B 91 -0.78 5.96 -1.87
CA LEU B 91 -0.91 6.18 -0.45
C LEU B 91 -0.43 7.58 -0.09
N VAL B 92 -1.29 8.36 0.53
CA VAL B 92 -0.88 9.63 1.10
C VAL B 92 -0.15 9.35 2.41
N GLY B 93 1.16 9.57 2.39
CA GLY B 93 2.02 9.23 3.52
C GLY B 93 1.50 9.73 4.85
N MET B 94 0.95 8.81 5.64
CA MET B 94 0.43 9.09 6.98
C MET B 94 -0.53 10.28 6.96
N GLU B 95 -1.42 10.29 5.96
CA GLU B 95 -2.44 11.33 5.84
C GLU B 95 -1.80 12.72 5.90
N GLY B 96 -0.70 12.90 5.18
CA GLY B 96 -0.02 14.18 5.16
C GLY B 96 -0.89 15.28 4.58
N ALA B 97 -1.65 14.95 3.55
CA ALA B 97 -2.54 15.90 2.92
C ALA B 97 -3.88 15.24 2.59
N ALA B 98 -4.91 15.58 3.36
CA ALA B 98 -6.24 15.04 3.14
C ALA B 98 -7.25 16.16 2.90
N LYS B 99 -8.29 15.86 2.14
CA LYS B 99 -9.30 16.85 1.79
C LYS B 99 -10.40 16.91 2.86
N VAL A 2 4.10 12.63 0.95
CA VAL A 2 4.61 11.98 -0.28
C VAL A 2 3.51 11.18 -0.96
N ASP A 3 3.53 11.21 -2.28
CA ASP A 3 2.59 10.41 -3.08
C ASP A 3 3.30 9.14 -3.52
N ILE A 4 2.67 8.00 -3.28
CA ILE A 4 3.29 6.72 -3.57
C ILE A 4 2.52 5.99 -4.66
N ARG A 5 3.25 5.31 -5.53
CA ARG A 5 2.64 4.55 -6.62
C ARG A 5 2.63 3.07 -6.30
N VAL A 6 1.46 2.48 -6.31
CA VAL A 6 1.31 1.04 -6.12
C VAL A 6 0.90 0.38 -7.44
N ASP A 7 1.54 -0.74 -7.77
CA ASP A 7 1.20 -1.46 -8.99
C ASP A 7 0.41 -2.73 -8.65
N LEU A 8 -0.90 -2.64 -8.82
CA LEU A 8 -1.82 -3.73 -8.48
C LEU A 8 -1.90 -4.74 -9.62
N PRO A 9 -1.74 -6.02 -9.32
CA PRO A 9 -1.93 -7.07 -10.32
C PRO A 9 -3.40 -7.46 -10.45
N ALA A 10 -3.91 -7.45 -11.67
CA ALA A 10 -5.32 -7.74 -11.90
C ALA A 10 -5.58 -9.24 -11.86
N SER A 11 -6.67 -9.62 -11.21
CA SER A 11 -7.07 -11.01 -11.07
C SER A 11 -6.07 -11.80 -10.21
N SER A 12 -5.06 -12.38 -10.85
CA SER A 12 -4.07 -13.17 -10.14
C SER A 12 -2.71 -13.03 -10.81
N ALA A 13 -1.86 -12.18 -10.26
CA ALA A 13 -0.53 -11.96 -10.80
C ALA A 13 0.38 -11.38 -9.74
N LYS A 14 1.63 -11.14 -10.12
CA LYS A 14 2.60 -10.54 -9.23
C LYS A 14 3.63 -9.76 -10.04
N PRO A 15 3.66 -8.42 -9.87
CA PRO A 15 4.61 -7.54 -10.54
C PRO A 15 6.06 -7.88 -10.18
N GLN A 16 6.22 -8.65 -9.11
CA GLN A 16 7.52 -9.16 -8.72
C GLN A 16 7.50 -10.69 -8.71
N PRO A 17 7.95 -11.30 -9.81
CA PRO A 17 8.00 -12.77 -9.95
C PRO A 17 9.07 -13.39 -9.06
N ARG A 18 8.81 -13.38 -7.76
CA ARG A 18 9.73 -13.93 -6.76
C ARG A 18 11.12 -13.32 -6.90
N PRO A 19 11.32 -12.11 -6.36
CA PRO A 19 12.62 -11.41 -6.44
C PRO A 19 13.75 -12.26 -5.87
N GLU A 20 14.96 -11.96 -6.34
CA GLU A 20 16.15 -12.75 -5.99
C GLU A 20 16.51 -12.64 -4.52
N LYS A 21 16.00 -11.62 -3.86
CA LYS A 21 16.21 -11.42 -2.43
C LYS A 21 14.89 -11.15 -1.73
N PRO A 22 14.00 -12.15 -1.61
CA PRO A 22 12.67 -11.92 -1.09
C PRO A 22 12.63 -11.87 0.43
N VAL A 23 12.15 -10.76 0.97
CA VAL A 23 12.01 -10.59 2.40
C VAL A 23 10.54 -10.58 2.78
N PHE A 24 10.21 -11.24 3.87
CA PHE A 24 8.84 -11.32 4.33
C PHE A 24 8.71 -10.60 5.66
N LEU A 25 8.07 -9.44 5.61
CA LEU A 25 7.83 -8.66 6.81
C LEU A 25 6.39 -8.87 7.24
N SER A 26 6.11 -8.71 8.52
CA SER A 26 4.76 -8.88 9.02
C SER A 26 4.46 -7.89 10.14
N VAL A 27 3.27 -7.31 10.11
CA VAL A 27 2.80 -6.44 11.17
C VAL A 27 1.62 -7.10 11.86
N LYS A 28 1.77 -7.41 13.14
CA LYS A 28 0.75 -8.16 13.85
C LYS A 28 -0.27 -7.23 14.51
N ALA A 29 -1.37 -7.79 15.02
CA ALA A 29 -2.43 -6.99 15.62
C ALA A 29 -1.92 -6.13 16.78
N ASP A 30 -0.98 -6.68 17.55
CA ASP A 30 -0.39 -5.96 18.67
C ASP A 30 0.65 -4.95 18.20
N LYS A 31 0.60 -4.63 16.91
CA LYS A 31 1.45 -3.60 16.31
C LYS A 31 2.92 -3.97 16.44
N GLN A 32 3.20 -5.26 16.34
CA GLN A 32 4.57 -5.75 16.43
C GLN A 32 5.09 -6.10 15.04
N LEU A 33 6.34 -5.78 14.79
CA LEU A 33 6.97 -6.05 13.51
C LEU A 33 7.71 -7.38 13.56
N TYR A 34 7.55 -8.18 12.51
CA TYR A 34 8.24 -9.47 12.41
C TYR A 34 8.86 -9.63 11.03
N VAL A 35 10.17 -9.79 10.99
CA VAL A 35 10.86 -10.10 9.75
C VAL A 35 11.13 -11.59 9.69
N GLY A 36 10.22 -12.32 9.05
CA GLY A 36 10.29 -13.77 9.09
C GLY A 36 10.02 -14.29 10.48
N ASP A 37 11.08 -14.69 11.17
CA ASP A 37 10.97 -15.13 12.56
C ASP A 37 11.81 -14.24 13.46
N GLN A 38 11.99 -12.99 13.02
CA GLN A 38 12.76 -12.03 13.78
C GLN A 38 11.86 -10.88 14.25
N PRO A 39 11.51 -10.86 15.54
CA PRO A 39 10.73 -9.75 16.12
C PRO A 39 11.55 -8.47 16.14
N VAL A 40 11.03 -7.42 15.53
CA VAL A 40 11.77 -6.17 15.41
C VAL A 40 10.89 -4.97 15.71
N ASN A 41 11.54 -3.88 16.08
CA ASN A 41 10.87 -2.59 16.19
C ASN A 41 11.17 -1.80 14.94
N ALA A 42 10.58 -0.61 14.79
CA ALA A 42 10.76 0.19 13.59
C ALA A 42 12.24 0.51 13.34
N ASP A 43 12.93 0.93 14.38
CA ASP A 43 14.32 1.36 14.25
C ASP A 43 15.24 0.18 13.97
N GLN A 44 14.78 -1.01 14.30
CA GLN A 44 15.58 -2.23 14.08
C GLN A 44 15.20 -2.86 12.74
N LEU A 45 14.03 -2.47 12.23
CA LEU A 45 13.47 -3.03 11.02
C LEU A 45 14.43 -2.91 9.86
N THR A 46 14.86 -1.69 9.62
CA THR A 46 15.73 -1.40 8.48
C THR A 46 17.08 -2.07 8.61
N SER A 47 17.51 -2.24 9.86
CA SER A 47 18.79 -2.87 10.14
C SER A 47 18.74 -4.37 9.85
N VAL A 48 17.67 -5.01 10.30
CA VAL A 48 17.47 -6.43 10.05
C VAL A 48 17.14 -6.65 8.58
N LEU A 49 16.36 -5.73 8.03
CA LEU A 49 16.00 -5.75 6.62
C LEU A 49 17.23 -5.73 5.73
N ASP A 50 18.21 -4.91 6.10
CA ASP A 50 19.44 -4.79 5.34
C ASP A 50 20.18 -6.13 5.34
N GLN A 51 20.06 -6.86 6.44
CA GLN A 51 20.66 -8.18 6.58
C GLN A 51 19.89 -9.22 5.76
N ARG A 52 18.65 -8.88 5.42
CA ARG A 52 17.80 -9.78 4.65
C ARG A 52 18.04 -9.61 3.16
N THR A 53 18.05 -8.37 2.70
CA THR A 53 18.17 -8.09 1.29
C THR A 53 19.63 -8.04 0.86
N GLN A 54 20.52 -8.05 1.86
CA GLN A 54 21.95 -7.85 1.64
C GLN A 54 22.20 -6.45 1.09
N ALA A 55 21.45 -5.50 1.66
CA ALA A 55 21.56 -4.08 1.31
C ALA A 55 21.03 -3.81 -0.10
N ASN A 56 20.07 -4.60 -0.53
CA ASN A 56 19.39 -4.35 -1.80
C ASN A 56 18.09 -3.60 -1.54
N LYS A 57 18.14 -2.27 -1.62
CA LYS A 57 17.04 -1.43 -1.18
C LYS A 57 15.89 -1.36 -2.18
N GLU A 58 16.09 -1.90 -3.38
CA GLU A 58 15.01 -1.94 -4.35
C GLU A 58 14.30 -3.29 -4.32
N THR A 59 14.52 -4.03 -3.25
CA THR A 59 13.82 -5.27 -3.01
C THR A 59 12.40 -4.98 -2.54
N THR A 60 11.44 -5.68 -3.11
CA THR A 60 10.05 -5.54 -2.68
C THR A 60 9.81 -6.37 -1.43
N ILE A 61 9.67 -5.70 -0.31
CA ILE A 61 9.47 -6.37 0.96
C ILE A 61 7.98 -6.69 1.14
N PHE A 62 7.59 -7.92 0.87
CA PHE A 62 6.21 -8.34 1.07
C PHE A 62 5.88 -8.32 2.56
N PHE A 63 4.99 -7.44 2.96
CA PHE A 63 4.60 -7.38 4.35
C PHE A 63 3.23 -8.00 4.54
N GLN A 64 3.14 -8.91 5.47
CA GLN A 64 1.88 -9.52 5.83
C GLN A 64 1.37 -8.86 7.10
N ALA A 65 0.43 -7.96 6.93
CA ALA A 65 -0.12 -7.22 8.05
C ALA A 65 -1.45 -7.82 8.47
N ASP A 66 -1.67 -7.88 9.76
CA ASP A 66 -2.90 -8.42 10.31
C ASP A 66 -4.07 -7.56 9.89
N LYS A 67 -5.23 -8.19 9.76
CA LYS A 67 -6.46 -7.54 9.34
C LYS A 67 -6.76 -6.31 10.19
N SER A 68 -6.30 -6.32 11.43
CA SER A 68 -6.65 -5.30 12.39
C SER A 68 -5.49 -4.33 12.68
N VAL A 69 -4.44 -4.33 11.86
CA VAL A 69 -3.42 -3.29 12.01
C VAL A 69 -3.94 -1.99 11.39
N ASP A 70 -3.82 -0.91 12.13
CA ASP A 70 -4.25 0.40 11.65
C ASP A 70 -3.32 0.87 10.54
N TYR A 71 -3.91 1.54 9.56
CA TYR A 71 -3.17 2.16 8.46
C TYR A 71 -2.07 3.07 8.99
N GLU A 72 -2.32 3.68 10.15
CA GLU A 72 -1.31 4.49 10.82
C GLU A 72 -0.10 3.65 11.19
N THR A 73 -0.32 2.58 11.95
CA THR A 73 0.75 1.66 12.33
C THR A 73 1.50 1.17 11.10
N LEU A 74 0.75 0.68 10.13
CA LEU A 74 1.32 0.11 8.94
C LEU A 74 2.20 1.12 8.20
N MET A 75 1.69 2.33 8.02
CA MET A 75 2.42 3.36 7.31
C MET A 75 3.63 3.80 8.10
N SER A 76 3.55 3.75 9.42
CA SER A 76 4.68 4.05 10.27
C SER A 76 5.80 3.06 9.99
N VAL A 77 5.42 1.79 9.89
CA VAL A 77 6.36 0.71 9.60
C VAL A 77 6.97 0.85 8.22
N MET A 78 6.12 1.06 7.22
CA MET A 78 6.57 1.08 5.83
C MET A 78 7.31 2.38 5.50
N ASP A 79 6.96 3.45 6.18
CA ASP A 79 7.69 4.71 6.04
C ASP A 79 9.11 4.54 6.57
N THR A 80 9.24 3.66 7.56
CA THR A 80 10.54 3.33 8.12
C THR A 80 11.41 2.62 7.09
N LEU A 81 10.81 1.71 6.33
CA LEU A 81 11.51 1.06 5.23
C LEU A 81 11.89 2.07 4.18
N ARG A 82 11.00 3.02 3.95
CA ARG A 82 11.20 4.06 2.96
C ARG A 82 12.43 4.91 3.27
N LYS A 83 12.65 5.23 4.55
CA LYS A 83 13.81 6.04 4.92
C LYS A 83 15.10 5.25 4.78
N ALA A 84 14.99 3.93 4.78
CA ALA A 84 16.14 3.05 4.60
C ALA A 84 16.55 3.03 3.14
N GLY A 85 15.67 3.48 2.28
CA GLY A 85 15.92 3.46 0.86
C GLY A 85 15.13 2.38 0.17
N TYR A 86 14.30 1.68 0.92
CA TYR A 86 13.45 0.64 0.35
C TYR A 86 12.36 1.25 -0.50
N LEU A 87 12.64 1.30 -1.79
CA LEU A 87 11.75 1.93 -2.75
C LEU A 87 10.66 0.95 -3.18
N LYS A 88 10.72 -0.27 -2.67
CA LYS A 88 9.71 -1.28 -2.99
C LYS A 88 9.24 -2.02 -1.75
N VAL A 89 7.95 -1.88 -1.45
CA VAL A 89 7.32 -2.69 -0.41
C VAL A 89 6.17 -3.46 -1.05
N GLY A 90 5.70 -4.51 -0.40
CA GLY A 90 4.71 -5.35 -1.03
C GLY A 90 3.44 -5.50 -0.24
N LEU A 91 2.33 -5.12 -0.86
CA LEU A 91 1.01 -5.25 -0.24
C LEU A 91 0.51 -6.68 -0.43
N VAL A 92 0.44 -7.44 0.64
CA VAL A 92 -0.19 -8.74 0.59
C VAL A 92 -1.70 -8.55 0.67
N GLY A 93 -2.36 -8.77 -0.47
CA GLY A 93 -3.79 -8.48 -0.60
C GLY A 93 -4.64 -9.09 0.49
N MET A 94 -4.98 -8.26 1.48
CA MET A 94 -5.84 -8.66 2.61
C MET A 94 -5.32 -9.94 3.25
N GLU A 95 -4.03 -9.94 3.56
CA GLU A 95 -3.38 -11.07 4.23
C GLU A 95 -3.67 -12.37 3.47
N GLY A 96 -3.59 -12.30 2.14
CA GLY A 96 -3.89 -13.46 1.31
C GLY A 96 -2.73 -14.40 1.19
N ALA A 97 -1.74 -14.22 2.04
CA ALA A 97 -0.56 -15.08 2.07
C ALA A 97 0.08 -15.01 3.44
N ALA A 98 0.57 -16.14 3.93
CA ALA A 98 1.21 -16.19 5.23
C ALA A 98 2.53 -16.92 5.15
N LYS A 99 3.50 -16.46 5.93
CA LYS A 99 4.82 -17.07 5.99
C LYS A 99 4.74 -18.47 6.63
N VAL B 2 -2.39 -12.50 -3.89
CA VAL B 2 -1.59 -11.77 -4.90
C VAL B 2 -0.49 -10.96 -4.23
N ASP B 3 0.66 -10.91 -4.89
CA ASP B 3 1.77 -10.11 -4.42
C ASP B 3 1.76 -8.78 -5.16
N ILE B 4 1.82 -7.69 -4.43
CA ILE B 4 1.73 -6.37 -5.02
C ILE B 4 3.04 -5.60 -4.85
N ARG B 5 3.41 -4.84 -5.87
CA ARG B 5 4.63 -4.05 -5.81
C ARG B 5 4.30 -2.58 -5.56
N VAL B 6 4.86 -2.03 -4.50
CA VAL B 6 4.71 -0.62 -4.20
C VAL B 6 6.04 0.11 -4.44
N ASP B 7 5.98 1.27 -5.09
CA ASP B 7 7.18 2.06 -5.35
C ASP B 7 7.22 3.26 -4.41
N LEU B 8 8.03 3.14 -3.36
CA LEU B 8 8.13 4.17 -2.33
C LEU B 8 9.13 5.24 -2.75
N PRO B 9 8.76 6.51 -2.67
CA PRO B 9 9.67 7.61 -2.92
C PRO B 9 10.50 7.95 -1.68
N ALA B 10 11.81 7.99 -1.83
CA ALA B 10 12.69 8.25 -0.71
C ALA B 10 12.73 9.74 -0.38
N SER B 11 12.69 10.02 0.92
CA SER B 11 12.70 11.39 1.43
C SER B 11 11.45 12.16 1.02
N SER B 12 11.49 12.83 -0.13
CA SER B 12 10.35 13.60 -0.60
C SER B 12 10.27 13.56 -2.12
N ALA B 13 9.41 12.70 -2.64
CA ALA B 13 9.23 12.57 -4.08
C ALA B 13 7.88 11.96 -4.39
N LYS B 14 7.61 11.79 -5.66
CA LYS B 14 6.38 11.16 -6.11
C LYS B 14 6.60 10.47 -7.45
N PRO B 15 6.49 9.14 -7.48
CA PRO B 15 6.64 8.34 -8.71
C PRO B 15 5.59 8.70 -9.76
N GLN B 16 4.56 9.42 -9.33
CA GLN B 16 3.56 9.95 -10.23
C GLN B 16 3.52 11.47 -10.12
N PRO B 17 4.23 12.17 -11.01
CA PRO B 17 4.27 13.63 -11.02
C PRO B 17 2.95 14.24 -11.49
N ARG B 18 1.95 14.15 -10.62
CA ARG B 18 0.60 14.67 -10.89
C ARG B 18 0.06 14.11 -12.21
N PRO B 19 -0.46 12.88 -12.21
CA PRO B 19 -1.00 12.24 -13.42
C PRO B 19 -2.09 13.09 -14.08
N GLU B 20 -2.27 12.87 -15.37
CA GLU B 20 -3.17 13.68 -16.19
C GLU B 20 -4.63 13.49 -15.79
N LYS B 21 -4.91 12.41 -15.08
CA LYS B 21 -6.26 12.13 -14.59
C LYS B 21 -6.21 11.76 -13.11
N PRO B 22 -5.92 12.73 -12.22
CA PRO B 22 -5.70 12.41 -10.82
C PRO B 22 -7.01 12.27 -10.04
N VAL B 23 -7.19 11.11 -9.44
CA VAL B 23 -8.36 10.85 -8.63
C VAL B 23 -7.97 10.77 -7.16
N PHE B 24 -8.79 11.35 -6.29
CA PHE B 24 -8.51 11.33 -4.88
C PHE B 24 -9.59 10.54 -4.15
N LEU B 25 -9.19 9.36 -3.69
CA LEU B 25 -10.07 8.49 -2.95
C LEU B 25 -9.76 8.63 -1.47
N SER B 26 -10.73 8.37 -0.61
CA SER B 26 -10.51 8.46 0.82
C SER B 26 -11.30 7.41 1.55
N VAL B 27 -10.66 6.78 2.54
CA VAL B 27 -11.33 5.83 3.42
C VAL B 27 -11.38 6.41 4.82
N LYS B 28 -12.58 6.64 5.34
CA LYS B 28 -12.72 7.30 6.63
C LYS B 28 -12.75 6.30 7.78
N ALA B 29 -12.67 6.79 9.01
CA ALA B 29 -12.65 5.92 10.19
C ALA B 29 -13.88 5.00 10.25
N ASP B 30 -15.03 5.54 9.85
CA ASP B 30 -16.27 4.77 9.84
C ASP B 30 -16.33 3.84 8.64
N LYS B 31 -15.17 3.59 8.03
CA LYS B 31 -15.04 2.64 6.94
C LYS B 31 -15.88 3.05 5.74
N GLN B 32 -15.98 4.35 5.52
CA GLN B 32 -16.75 4.88 4.41
C GLN B 32 -15.81 5.33 3.31
N LEU B 33 -16.20 5.08 2.07
CA LEU B 33 -15.40 5.45 0.91
C LEU B 33 -15.85 6.80 0.37
N TYR B 34 -14.89 7.66 0.05
CA TYR B 34 -15.18 8.97 -0.51
C TYR B 34 -14.30 9.23 -1.73
N VAL B 35 -14.91 9.46 -2.87
CA VAL B 35 -14.18 9.86 -4.06
C VAL B 35 -14.30 11.37 -4.24
N GLY B 36 -13.34 12.09 -3.71
CA GLY B 36 -13.46 13.54 -3.66
C GLY B 36 -14.56 13.96 -2.71
N ASP B 37 -15.69 14.37 -3.28
CA ASP B 37 -16.86 14.73 -2.47
C ASP B 37 -18.03 13.80 -2.80
N GLN B 38 -17.69 12.60 -3.26
CA GLN B 38 -18.69 11.61 -3.62
C GLN B 38 -18.62 10.41 -2.68
N PRO B 39 -19.57 10.29 -1.74
CA PRO B 39 -19.65 9.13 -0.85
C PRO B 39 -20.03 7.87 -1.63
N VAL B 40 -19.19 6.84 -1.55
CA VAL B 40 -19.41 5.64 -2.32
C VAL B 40 -19.20 4.38 -1.49
N ASN B 41 -19.80 3.30 -1.94
CA ASN B 41 -19.52 1.99 -1.39
C ASN B 41 -18.54 1.27 -2.31
N ALA B 42 -18.09 0.08 -1.95
CA ALA B 42 -17.11 -0.63 -2.73
C ALA B 42 -17.60 -0.88 -4.16
N ASP B 43 -18.85 -1.34 -4.28
CA ASP B 43 -19.39 -1.71 -5.58
C ASP B 43 -19.64 -0.49 -6.45
N GLN B 44 -19.74 0.67 -5.82
CA GLN B 44 -19.98 1.92 -6.53
C GLN B 44 -18.66 2.62 -6.82
N LEU B 45 -17.63 2.23 -6.08
CA LEU B 45 -16.32 2.84 -6.14
C LEU B 45 -15.78 2.83 -7.57
N THR B 46 -15.73 1.64 -8.14
CA THR B 46 -15.16 1.45 -9.46
C THR B 46 -15.97 2.16 -10.53
N SER B 47 -17.26 2.27 -10.29
CA SER B 47 -18.17 2.92 -11.22
C SER B 47 -17.94 4.43 -11.23
N VAL B 48 -17.83 5.01 -10.03
CA VAL B 48 -17.56 6.43 -9.90
C VAL B 48 -16.12 6.73 -10.30
N LEU B 49 -15.23 5.81 -9.97
CA LEU B 49 -13.83 5.91 -10.33
C LEU B 49 -13.65 5.98 -11.84
N ASP B 50 -14.44 5.18 -12.56
CA ASP B 50 -14.38 5.16 -14.02
C ASP B 50 -14.78 6.52 -14.58
N GLN B 51 -15.70 7.17 -13.89
CA GLN B 51 -16.17 8.51 -14.27
C GLN B 51 -15.12 9.56 -13.93
N ARG B 52 -14.20 9.21 -13.03
CA ARG B 52 -13.14 10.12 -12.61
C ARG B 52 -11.96 10.06 -13.56
N THR B 53 -11.52 8.85 -13.87
CA THR B 53 -10.34 8.65 -14.69
C THR B 53 -10.68 8.68 -16.17
N GLN B 54 -11.98 8.66 -16.46
CA GLN B 54 -12.49 8.53 -17.82
C GLN B 54 -12.10 7.18 -18.39
N ALA B 55 -12.18 6.16 -17.53
CA ALA B 55 -11.87 4.78 -17.87
C ALA B 55 -10.38 4.57 -18.12
N ASN B 56 -9.55 5.35 -17.44
CA ASN B 56 -8.11 5.15 -17.49
C ASN B 56 -7.68 4.34 -16.27
N LYS B 57 -7.57 3.03 -16.45
CA LYS B 57 -7.40 2.12 -15.32
C LYS B 57 -5.96 2.06 -14.82
N GLU B 58 -5.03 2.69 -15.53
CA GLU B 58 -3.65 2.75 -15.06
C GLU B 58 -3.38 4.06 -14.36
N THR B 59 -4.45 4.75 -13.98
CA THR B 59 -4.36 5.94 -13.17
C THR B 59 -4.05 5.58 -11.73
N THR B 60 -3.11 6.27 -11.12
CA THR B 60 -2.80 6.07 -9.73
C THR B 60 -3.81 6.80 -8.85
N ILE B 61 -4.69 6.05 -8.22
CA ILE B 61 -5.71 6.64 -7.37
C ILE B 61 -5.16 6.88 -5.98
N PHE B 62 -4.78 8.13 -5.70
CA PHE B 62 -4.28 8.47 -4.36
C PHE B 62 -5.40 8.35 -3.36
N PHE B 63 -5.30 7.41 -2.43
CA PHE B 63 -6.31 7.26 -1.43
C PHE B 63 -5.82 7.82 -0.09
N GLN B 64 -6.63 8.67 0.50
CA GLN B 64 -6.34 9.20 1.80
C GLN B 64 -7.16 8.44 2.82
N ALA B 65 -6.52 7.52 3.51
CA ALA B 65 -7.20 6.70 4.48
C ALA B 65 -6.93 7.21 5.89
N ASP B 66 -7.96 7.19 6.72
CA ASP B 66 -7.85 7.65 8.09
C ASP B 66 -6.89 6.77 8.85
N LYS B 67 -6.22 7.37 9.82
CA LYS B 67 -5.22 6.70 10.65
C LYS B 67 -5.78 5.41 11.25
N SER B 68 -7.08 5.36 11.47
CA SER B 68 -7.70 4.26 12.18
C SER B 68 -8.48 3.32 11.24
N VAL B 69 -8.29 3.41 9.93
CA VAL B 69 -8.88 2.41 9.05
C VAL B 69 -8.05 1.13 9.12
N ASP B 70 -8.72 0.01 9.31
CA ASP B 70 -8.05 -1.28 9.36
C ASP B 70 -7.52 -1.65 7.99
N TYR B 71 -6.34 -2.28 7.97
CA TYR B 71 -5.73 -2.79 6.76
C TYR B 71 -6.70 -3.69 6.00
N GLU B 72 -7.57 -4.38 6.74
CA GLU B 72 -8.62 -5.20 6.15
C GLU B 72 -9.57 -4.33 5.33
N THR B 73 -10.16 -3.33 5.97
CA THR B 73 -11.05 -2.39 5.27
C THR B 73 -10.36 -1.80 4.04
N LEU B 74 -9.17 -1.28 4.25
CA LEU B 74 -8.42 -0.62 3.20
C LEU B 74 -8.18 -1.54 2.01
N MET B 75 -7.73 -2.77 2.31
CA MET B 75 -7.43 -3.73 1.25
C MET B 75 -8.70 -4.17 0.56
N SER B 76 -9.81 -4.19 1.28
CA SER B 76 -11.09 -4.51 0.68
C SER B 76 -11.44 -3.46 -0.36
N VAL B 77 -11.20 -2.19 0.00
CA VAL B 77 -11.46 -1.07 -0.89
C VAL B 77 -10.54 -1.11 -2.11
N MET B 78 -9.25 -1.27 -1.87
CA MET B 78 -8.26 -1.20 -2.94
C MET B 78 -8.29 -2.44 -3.82
N ASP B 79 -8.69 -3.58 -3.26
CA ASP B 79 -8.88 -4.79 -4.04
C ASP B 79 -10.04 -4.60 -5.01
N THR B 80 -11.00 -3.78 -4.58
CA THR B 80 -12.14 -3.43 -5.41
C THR B 80 -11.68 -2.63 -6.63
N LEU B 81 -10.76 -1.70 -6.42
CA LEU B 81 -10.17 -0.95 -7.53
C LEU B 81 -9.41 -1.90 -8.45
N ARG B 82 -8.74 -2.86 -7.83
CA ARG B 82 -7.93 -3.83 -8.56
C ARG B 82 -8.77 -4.65 -9.54
N LYS B 83 -9.98 -5.03 -9.12
CA LYS B 83 -10.85 -5.82 -9.99
C LYS B 83 -11.40 -4.98 -11.14
N ALA B 84 -11.38 -3.66 -10.96
CA ALA B 84 -11.83 -2.74 -12.00
C ALA B 84 -10.76 -2.61 -13.07
N GLY B 85 -9.56 -3.04 -12.74
CA GLY B 85 -8.45 -2.93 -13.65
C GLY B 85 -7.49 -1.84 -13.23
N TYR B 86 -7.77 -1.20 -12.10
CA TYR B 86 -6.89 -0.17 -11.57
C TYR B 86 -5.59 -0.77 -11.09
N LEU B 87 -4.60 -0.73 -11.96
CA LEU B 87 -3.31 -1.32 -11.69
C LEU B 87 -2.44 -0.36 -10.89
N LYS B 88 -2.96 0.82 -10.61
CA LYS B 88 -2.21 1.81 -9.84
C LYS B 88 -3.09 2.46 -8.76
N VAL B 89 -2.71 2.26 -7.52
CA VAL B 89 -3.33 2.96 -6.41
C VAL B 89 -2.24 3.74 -5.67
N GLY B 90 -2.61 4.71 -4.87
CA GLY B 90 -1.61 5.57 -4.27
C GLY B 90 -1.68 5.62 -2.76
N LEU B 91 -0.58 5.23 -2.13
CA LEU B 91 -0.48 5.29 -0.68
C LEU B 91 -0.11 6.70 -0.23
N VAL B 92 -1.04 7.39 0.39
CA VAL B 92 -0.73 8.67 0.99
C VAL B 92 -0.05 8.42 2.33
N GLY B 93 1.26 8.69 2.38
CA GLY B 93 2.08 8.35 3.53
C GLY B 93 1.53 8.85 4.85
N MET B 94 0.86 7.96 5.57
CA MET B 94 0.29 8.25 6.89
C MET B 94 -0.57 9.50 6.84
N GLU B 95 -1.48 9.53 5.86
CA GLU B 95 -2.41 10.66 5.69
C GLU B 95 -1.65 11.98 5.66
N GLY B 96 -0.54 12.00 4.93
CA GLY B 96 0.30 13.19 4.87
C GLY B 96 -0.21 14.19 3.85
N ALA B 97 -1.43 13.99 3.39
CA ALA B 97 -2.06 14.88 2.44
C ALA B 97 -3.57 14.75 2.54
N ALA B 98 -4.28 15.87 2.44
CA ALA B 98 -5.73 15.86 2.51
C ALA B 98 -6.32 16.66 1.37
N LYS B 99 -7.46 16.17 0.87
CA LYS B 99 -8.19 16.83 -0.20
C LYS B 99 -8.77 18.17 0.27
N VAL A 2 3.73 12.54 1.25
CA VAL A 2 4.38 11.92 0.07
C VAL A 2 3.35 11.22 -0.81
N ASP A 3 3.58 11.29 -2.11
CA ASP A 3 2.75 10.60 -3.08
C ASP A 3 3.42 9.27 -3.46
N ILE A 4 2.74 8.16 -3.24
CA ILE A 4 3.32 6.87 -3.51
C ILE A 4 2.54 6.13 -4.60
N ARG A 5 3.26 5.49 -5.50
CA ARG A 5 2.65 4.75 -6.59
C ARG A 5 2.69 3.25 -6.33
N VAL A 6 1.52 2.65 -6.25
CA VAL A 6 1.41 1.20 -6.08
C VAL A 6 1.07 0.54 -7.42
N ASP A 7 1.70 -0.59 -7.70
CA ASP A 7 1.44 -1.34 -8.93
C ASP A 7 0.59 -2.57 -8.63
N LEU A 8 -0.71 -2.43 -8.84
CA LEU A 8 -1.68 -3.49 -8.57
C LEU A 8 -1.76 -4.43 -9.76
N PRO A 9 -1.48 -5.72 -9.55
CA PRO A 9 -1.56 -6.70 -10.62
C PRO A 9 -3.01 -7.11 -10.89
N ALA A 10 -3.42 -7.01 -12.14
CA ALA A 10 -4.79 -7.30 -12.52
C ALA A 10 -5.00 -8.80 -12.72
N SER A 11 -6.20 -9.27 -12.36
CA SER A 11 -6.57 -10.66 -12.52
C SER A 11 -5.72 -11.55 -11.60
N SER A 12 -5.40 -11.02 -10.43
CA SER A 12 -4.62 -11.74 -9.43
C SER A 12 -3.28 -12.22 -9.99
N ALA A 13 -2.34 -11.29 -10.12
CA ALA A 13 -1.04 -11.62 -10.67
C ALA A 13 0.07 -11.18 -9.72
N LYS A 14 1.30 -11.17 -10.22
CA LYS A 14 2.45 -10.77 -9.45
C LYS A 14 3.43 -10.00 -10.33
N PRO A 15 3.57 -8.68 -10.08
CA PRO A 15 4.47 -7.82 -10.84
C PRO A 15 5.92 -8.24 -10.71
N GLN A 16 6.26 -8.76 -9.54
CA GLN A 16 7.59 -9.24 -9.28
C GLN A 16 7.68 -10.74 -9.51
N PRO A 17 8.59 -11.19 -10.39
CA PRO A 17 8.81 -12.62 -10.63
C PRO A 17 9.57 -13.29 -9.50
N ARG A 18 9.09 -13.03 -8.28
CA ARG A 18 9.73 -13.51 -7.06
C ARG A 18 11.19 -13.05 -7.00
N PRO A 19 11.45 -11.87 -6.40
CA PRO A 19 12.79 -11.26 -6.36
C PRO A 19 13.84 -12.23 -5.82
N GLU A 20 15.09 -12.02 -6.23
CA GLU A 20 16.19 -12.91 -5.89
C GLU A 20 16.51 -12.88 -4.39
N LYS A 21 16.00 -11.87 -3.70
CA LYS A 21 16.17 -11.74 -2.26
C LYS A 21 14.84 -11.41 -1.60
N PRO A 22 13.89 -12.35 -1.55
CA PRO A 22 12.56 -12.04 -1.03
C PRO A 22 12.51 -12.02 0.49
N VAL A 23 12.07 -10.89 1.03
CA VAL A 23 11.93 -10.72 2.46
C VAL A 23 10.46 -10.63 2.84
N PHE A 24 10.07 -11.33 3.91
CA PHE A 24 8.71 -11.31 4.38
C PHE A 24 8.61 -10.56 5.69
N LEU A 25 8.02 -9.38 5.62
CA LEU A 25 7.79 -8.55 6.79
C LEU A 25 6.34 -8.71 7.21
N SER A 26 6.03 -8.52 8.48
CA SER A 26 4.66 -8.67 8.93
C SER A 26 4.34 -7.71 10.06
N VAL A 27 3.10 -7.25 10.08
CA VAL A 27 2.58 -6.46 11.19
C VAL A 27 1.40 -7.21 11.79
N LYS A 28 1.54 -7.67 13.03
CA LYS A 28 0.54 -8.52 13.64
C LYS A 28 -0.58 -7.69 14.26
N ALA A 29 -1.64 -8.35 14.71
CA ALA A 29 -2.83 -7.66 15.25
C ALA A 29 -2.46 -6.70 16.38
N ASP A 30 -1.48 -7.06 17.18
CA ASP A 30 -1.05 -6.23 18.31
C ASP A 30 -0.09 -5.13 17.84
N LYS A 31 -0.07 -4.89 16.53
CA LYS A 31 0.75 -3.83 15.94
C LYS A 31 2.24 -4.11 16.16
N GLN A 32 2.59 -5.39 16.12
CA GLN A 32 3.97 -5.81 16.31
C GLN A 32 4.61 -6.19 14.99
N LEU A 33 5.74 -5.55 14.70
CA LEU A 33 6.49 -5.83 13.49
C LEU A 33 7.26 -7.15 13.63
N TYR A 34 7.18 -7.98 12.60
CA TYR A 34 7.92 -9.25 12.57
C TYR A 34 8.61 -9.42 11.23
N VAL A 35 9.92 -9.59 11.27
CA VAL A 35 10.67 -9.91 10.05
C VAL A 35 11.02 -11.39 10.08
N GLY A 36 10.29 -12.19 9.31
CA GLY A 36 10.44 -13.62 9.41
C GLY A 36 9.93 -14.13 10.74
N ASP A 37 10.84 -14.40 11.66
CA ASP A 37 10.48 -14.80 13.01
C ASP A 37 11.10 -13.85 14.02
N GLN A 38 11.63 -12.74 13.53
CA GLN A 38 12.34 -11.78 14.38
C GLN A 38 11.44 -10.58 14.68
N PRO A 39 10.98 -10.43 15.94
CA PRO A 39 10.18 -9.28 16.36
C PRO A 39 11.01 -8.00 16.33
N VAL A 40 10.54 -7.00 15.59
CA VAL A 40 11.30 -5.77 15.42
C VAL A 40 10.45 -4.54 15.68
N ASN A 41 11.13 -3.44 15.93
CA ASN A 41 10.49 -2.14 15.98
C ASN A 41 10.90 -1.37 14.74
N ALA A 42 10.40 -0.15 14.56
CA ALA A 42 10.71 0.63 13.38
C ALA A 42 12.21 0.89 13.26
N ASP A 43 12.83 1.28 14.37
CA ASP A 43 14.24 1.67 14.35
C ASP A 43 15.17 0.47 14.13
N GLN A 44 14.65 -0.73 14.40
CA GLN A 44 15.42 -1.94 14.21
C GLN A 44 15.00 -2.64 12.92
N LEU A 45 13.92 -2.17 12.33
CA LEU A 45 13.35 -2.76 11.13
C LEU A 45 14.36 -2.77 10.00
N THR A 46 14.81 -1.58 9.62
CA THR A 46 15.72 -1.41 8.50
C THR A 46 17.07 -2.07 8.77
N SER A 47 17.38 -2.24 10.05
CA SER A 47 18.62 -2.90 10.47
C SER A 47 18.52 -4.40 10.19
N VAL A 48 17.38 -4.98 10.52
CA VAL A 48 17.15 -6.39 10.28
C VAL A 48 16.89 -6.64 8.81
N LEU A 49 16.17 -5.71 8.18
CA LEU A 49 15.95 -5.75 6.74
C LEU A 49 17.26 -5.79 5.98
N ASP A 50 18.23 -5.02 6.47
CA ASP A 50 19.57 -5.02 5.89
C ASP A 50 20.18 -6.43 5.94
N GLN A 51 19.89 -7.14 7.03
CA GLN A 51 20.39 -8.49 7.23
C GLN A 51 19.62 -9.48 6.36
N ARG A 52 18.44 -9.08 5.93
CA ARG A 52 17.59 -9.94 5.11
C ARG A 52 17.85 -9.72 3.63
N THR A 53 17.84 -8.46 3.23
CA THR A 53 17.95 -8.10 1.83
C THR A 53 19.40 -8.02 1.38
N GLN A 54 20.31 -8.13 2.35
CA GLN A 54 21.73 -7.90 2.10
C GLN A 54 21.95 -6.45 1.69
N ALA A 55 21.06 -5.60 2.21
CA ALA A 55 21.07 -4.15 1.98
C ALA A 55 20.57 -3.79 0.60
N ASN A 56 20.04 -4.77 -0.13
CA ASN A 56 19.47 -4.52 -1.45
C ASN A 56 18.15 -3.76 -1.30
N LYS A 57 18.19 -2.46 -1.56
CA LYS A 57 17.04 -1.59 -1.30
C LYS A 57 15.96 -1.70 -2.38
N GLU A 58 16.26 -2.37 -3.47
CA GLU A 58 15.26 -2.61 -4.51
C GLU A 58 14.55 -3.93 -4.28
N THR A 59 14.72 -4.49 -3.10
CA THR A 59 14.00 -5.67 -2.71
C THR A 59 12.57 -5.32 -2.37
N THR A 60 11.62 -6.05 -2.94
CA THR A 60 10.24 -5.87 -2.61
C THR A 60 9.93 -6.61 -1.32
N ILE A 61 9.76 -5.85 -0.24
CA ILE A 61 9.50 -6.44 1.06
C ILE A 61 8.02 -6.74 1.20
N PHE A 62 7.62 -7.98 0.94
CA PHE A 62 6.23 -8.36 1.06
C PHE A 62 5.82 -8.37 2.52
N PHE A 63 5.02 -7.40 2.91
CA PHE A 63 4.59 -7.31 4.28
C PHE A 63 3.21 -7.90 4.44
N GLN A 64 3.09 -8.77 5.41
CA GLN A 64 1.82 -9.37 5.73
C GLN A 64 1.24 -8.67 6.95
N ALA A 65 0.30 -7.78 6.71
CA ALA A 65 -0.33 -7.06 7.80
C ALA A 65 -1.61 -7.77 8.19
N ASP A 66 -1.82 -7.89 9.49
CA ASP A 66 -3.02 -8.51 10.00
C ASP A 66 -4.21 -7.61 9.69
N LYS A 67 -5.35 -8.26 9.49
CA LYS A 67 -6.59 -7.57 9.15
C LYS A 67 -6.96 -6.48 10.15
N SER A 68 -6.41 -6.57 11.36
CA SER A 68 -6.77 -5.65 12.42
C SER A 68 -5.65 -4.63 12.73
N VAL A 69 -4.63 -4.53 11.86
CA VAL A 69 -3.63 -3.48 12.05
C VAL A 69 -4.14 -2.17 11.49
N ASP A 70 -3.75 -1.07 12.10
CA ASP A 70 -4.19 0.24 11.67
C ASP A 70 -3.23 0.82 10.64
N TYR A 71 -3.80 1.62 9.74
CA TYR A 71 -3.08 2.25 8.62
C TYR A 71 -1.91 3.10 9.11
N GLU A 72 -2.05 3.69 10.29
CA GLU A 72 -0.98 4.52 10.86
C GLU A 72 0.23 3.66 11.22
N THR A 73 0.00 2.60 11.99
CA THR A 73 1.06 1.67 12.35
C THR A 73 1.75 1.14 11.10
N LEU A 74 0.96 0.59 10.19
CA LEU A 74 1.46 -0.03 9.00
C LEU A 74 2.29 0.93 8.15
N MET A 75 1.75 2.11 7.92
CA MET A 75 2.42 3.11 7.10
C MET A 75 3.63 3.69 7.81
N SER A 76 3.62 3.67 9.13
CA SER A 76 4.78 4.07 9.91
C SER A 76 5.91 3.06 9.67
N VAL A 77 5.53 1.79 9.60
CA VAL A 77 6.48 0.72 9.33
C VAL A 77 7.08 0.87 7.93
N MET A 78 6.23 1.04 6.93
CA MET A 78 6.68 1.12 5.55
C MET A 78 7.35 2.45 5.25
N ASP A 79 7.00 3.47 6.02
CA ASP A 79 7.69 4.77 5.95
C ASP A 79 9.14 4.58 6.36
N THR A 80 9.34 3.71 7.34
CA THR A 80 10.66 3.41 7.85
C THR A 80 11.51 2.68 6.79
N LEU A 81 10.86 1.82 6.02
CA LEU A 81 11.54 1.14 4.93
C LEU A 81 11.95 2.13 3.85
N ARG A 82 11.07 3.08 3.58
CA ARG A 82 11.31 4.10 2.57
C ARG A 82 12.55 4.92 2.89
N LYS A 83 12.73 5.29 4.15
CA LYS A 83 13.85 6.13 4.55
C LYS A 83 15.17 5.37 4.43
N ALA A 84 15.09 4.04 4.40
CA ALA A 84 16.26 3.21 4.21
C ALA A 84 16.63 3.14 2.73
N GLY A 85 15.67 3.44 1.89
CA GLY A 85 15.89 3.38 0.47
C GLY A 85 15.12 2.24 -0.18
N TYR A 86 14.30 1.55 0.61
CA TYR A 86 13.47 0.48 0.08
C TYR A 86 12.38 1.06 -0.80
N LEU A 87 12.63 1.02 -2.10
CA LEU A 87 11.75 1.61 -3.09
C LEU A 87 10.60 0.67 -3.41
N LYS A 88 10.66 -0.55 -2.87
CA LYS A 88 9.68 -1.56 -3.20
C LYS A 88 9.20 -2.31 -1.96
N VAL A 89 7.96 -2.07 -1.58
CA VAL A 89 7.34 -2.84 -0.51
C VAL A 89 6.20 -3.65 -1.13
N GLY A 90 5.79 -4.71 -0.47
CA GLY A 90 4.82 -5.59 -1.08
C GLY A 90 3.54 -5.73 -0.28
N LEU A 91 2.43 -5.35 -0.89
CA LEU A 91 1.12 -5.50 -0.28
C LEU A 91 0.62 -6.92 -0.48
N VAL A 92 0.73 -7.74 0.55
CA VAL A 92 0.17 -9.08 0.50
C VAL A 92 -1.34 -8.98 0.68
N GLY A 93 -2.07 -9.19 -0.43
CA GLY A 93 -3.51 -9.02 -0.44
C GLY A 93 -4.22 -9.75 0.68
N MET A 94 -4.63 -9.00 1.71
CA MET A 94 -5.36 -9.54 2.86
C MET A 94 -4.62 -10.71 3.51
N GLU A 95 -3.30 -10.65 3.52
CA GLU A 95 -2.46 -11.72 4.05
C GLU A 95 -2.84 -13.06 3.42
N GLY A 96 -3.17 -13.01 2.12
CA GLY A 96 -3.52 -14.22 1.40
C GLY A 96 -2.37 -15.20 1.33
N ALA A 97 -1.18 -14.67 1.09
CA ALA A 97 0.02 -15.48 1.08
C ALA A 97 0.78 -15.31 2.40
N ALA A 98 0.42 -16.13 3.38
CA ALA A 98 1.02 -16.04 4.71
C ALA A 98 2.40 -16.70 4.71
N LYS A 99 3.16 -16.43 5.77
CA LYS A 99 4.50 -16.96 5.91
C LYS A 99 4.49 -18.47 6.10
N VAL B 2 -2.42 -12.44 -3.41
CA VAL B 2 -1.74 -11.73 -4.51
C VAL B 2 -0.50 -11.01 -4.01
N ASP B 3 0.52 -10.98 -4.84
CA ASP B 3 1.75 -10.25 -4.55
C ASP B 3 1.70 -8.90 -5.24
N ILE B 4 1.80 -7.83 -4.47
CA ILE B 4 1.70 -6.49 -5.03
C ILE B 4 3.00 -5.73 -4.85
N ARG B 5 3.40 -4.99 -5.87
CA ARG B 5 4.63 -4.22 -5.83
C ARG B 5 4.32 -2.73 -5.64
N VAL B 6 4.81 -2.17 -4.55
CA VAL B 6 4.66 -0.75 -4.28
C VAL B 6 5.96 -0.01 -4.60
N ASP B 7 5.86 1.15 -5.22
CA ASP B 7 7.03 1.97 -5.54
C ASP B 7 7.12 3.15 -4.57
N LEU B 8 7.97 2.98 -3.55
CA LEU B 8 8.16 3.98 -2.52
C LEU B 8 9.19 5.00 -2.98
N PRO B 9 8.83 6.27 -3.04
CA PRO B 9 9.77 7.32 -3.43
C PRO B 9 10.70 7.69 -2.28
N ALA B 10 11.99 7.66 -2.54
CA ALA B 10 12.98 7.92 -1.51
C ALA B 10 13.21 9.42 -1.34
N SER B 11 13.47 9.82 -0.09
CA SER B 11 13.73 11.21 0.25
C SER B 11 12.49 12.07 0.01
N SER B 12 11.32 11.48 0.27
CA SER B 12 10.03 12.17 0.12
C SER B 12 9.84 12.72 -1.28
N ALA B 13 9.54 11.83 -2.23
CA ALA B 13 9.36 12.23 -3.61
C ALA B 13 8.00 11.79 -4.13
N LYS B 14 7.84 11.85 -5.45
CA LYS B 14 6.61 11.44 -6.10
C LYS B 14 6.94 10.76 -7.43
N PRO B 15 6.70 9.44 -7.51
CA PRO B 15 6.95 8.65 -8.72
C PRO B 15 6.11 9.12 -9.89
N GLN B 16 4.90 9.58 -9.58
CA GLN B 16 4.00 10.09 -10.58
C GLN B 16 4.11 11.60 -10.68
N PRO B 17 4.39 12.14 -11.87
CA PRO B 17 4.45 13.58 -12.11
C PRO B 17 3.07 14.20 -12.16
N ARG B 18 2.25 13.85 -11.17
CA ARG B 18 0.85 14.27 -11.09
C ARG B 18 0.10 13.86 -12.37
N PRO B 19 -0.50 12.65 -12.37
CA PRO B 19 -1.17 12.09 -13.56
C PRO B 19 -2.20 13.06 -14.15
N GLU B 20 -2.44 12.92 -15.44
CA GLU B 20 -3.31 13.83 -16.19
C GLU B 20 -4.77 13.71 -15.74
N LYS B 21 -5.08 12.65 -15.01
CA LYS B 21 -6.41 12.44 -14.47
C LYS B 21 -6.33 12.02 -13.00
N PRO B 22 -5.94 12.91 -12.09
CA PRO B 22 -5.71 12.54 -10.69
C PRO B 22 -7.02 12.40 -9.91
N VAL B 23 -7.23 11.23 -9.34
CA VAL B 23 -8.40 10.97 -8.52
C VAL B 23 -8.00 10.82 -7.06
N PHE B 24 -8.77 11.42 -6.17
CA PHE B 24 -8.50 11.33 -4.74
C PHE B 24 -9.57 10.48 -4.06
N LEU B 25 -9.18 9.30 -3.66
CA LEU B 25 -10.05 8.39 -2.94
C LEU B 25 -9.70 8.47 -1.46
N SER B 26 -10.65 8.19 -0.58
CA SER B 26 -10.38 8.26 0.84
C SER B 26 -11.16 7.22 1.61
N VAL B 27 -10.56 6.71 2.68
CA VAL B 27 -11.24 5.85 3.61
C VAL B 27 -11.21 6.51 4.98
N LYS B 28 -12.37 6.89 5.49
CA LYS B 28 -12.45 7.67 6.72
C LYS B 28 -12.40 6.76 7.95
N ALA B 29 -12.30 7.36 9.14
CA ALA B 29 -12.16 6.59 10.37
C ALA B 29 -13.28 5.58 10.56
N ASP B 30 -14.49 5.93 10.11
CA ASP B 30 -15.64 5.04 10.24
C ASP B 30 -15.66 4.00 9.12
N LYS B 31 -14.52 3.85 8.44
CA LYS B 31 -14.37 2.87 7.37
C LYS B 31 -15.30 3.18 6.19
N GLN B 32 -15.48 4.47 5.95
CA GLN B 32 -16.36 4.92 4.88
C GLN B 32 -15.53 5.40 3.69
N LEU B 33 -15.81 4.82 2.53
CA LEU B 33 -15.13 5.20 1.29
C LEU B 33 -15.68 6.53 0.79
N TYR B 34 -14.79 7.42 0.39
CA TYR B 34 -15.17 8.72 -0.18
C TYR B 34 -14.35 9.01 -1.43
N VAL B 35 -15.03 9.22 -2.55
CA VAL B 35 -14.36 9.64 -3.77
C VAL B 35 -14.61 11.13 -3.97
N GLY B 36 -13.61 11.95 -3.66
CA GLY B 36 -13.82 13.37 -3.65
C GLY B 36 -14.74 13.78 -2.52
N ASP B 37 -16.00 14.01 -2.86
CA ASP B 37 -17.03 14.33 -1.86
C ASP B 37 -18.17 13.33 -1.95
N GLN B 38 -17.96 12.28 -2.73
CA GLN B 38 -19.00 11.29 -2.99
C GLN B 38 -18.79 10.04 -2.14
N PRO B 39 -19.65 9.80 -1.13
CA PRO B 39 -19.57 8.59 -0.30
C PRO B 39 -19.91 7.35 -1.12
N VAL B 40 -19.00 6.39 -1.13
CA VAL B 40 -19.18 5.20 -1.95
C VAL B 40 -18.94 3.92 -1.16
N ASN B 41 -19.45 2.83 -1.69
CA ASN B 41 -19.13 1.50 -1.19
C ASN B 41 -18.22 0.83 -2.20
N ALA B 42 -17.77 -0.39 -1.92
CA ALA B 42 -16.87 -1.08 -2.83
C ALA B 42 -17.50 -1.29 -4.21
N ASP B 43 -18.74 -1.72 -4.23
CA ASP B 43 -19.41 -2.06 -5.48
C ASP B 43 -19.73 -0.81 -6.31
N GLN B 44 -19.74 0.34 -5.66
CA GLN B 44 -20.00 1.59 -6.36
C GLN B 44 -18.70 2.36 -6.58
N LEU B 45 -17.63 1.88 -5.95
CA LEU B 45 -16.33 2.53 -6.02
C LEU B 45 -15.84 2.64 -7.45
N THR B 46 -15.69 1.50 -8.09
CA THR B 46 -15.16 1.44 -9.44
C THR B 46 -16.10 2.12 -10.44
N SER B 47 -17.37 2.22 -10.08
CA SER B 47 -18.35 2.89 -10.91
C SER B 47 -18.13 4.40 -10.87
N VAL B 48 -17.87 4.92 -9.68
CA VAL B 48 -17.61 6.34 -9.51
C VAL B 48 -16.21 6.68 -9.99
N LEU B 49 -15.27 5.76 -9.73
CA LEU B 49 -13.91 5.88 -10.23
C LEU B 49 -13.90 6.00 -11.74
N ASP B 50 -14.77 5.25 -12.41
CA ASP B 50 -14.94 5.33 -13.86
C ASP B 50 -15.33 6.76 -14.26
N GLN B 51 -16.16 7.38 -13.44
CA GLN B 51 -16.63 8.74 -13.69
C GLN B 51 -15.53 9.76 -13.38
N ARG B 52 -14.55 9.34 -12.59
CA ARG B 52 -13.45 10.22 -12.20
C ARG B 52 -12.28 10.11 -13.17
N THR B 53 -11.89 8.87 -13.43
CA THR B 53 -10.71 8.60 -14.24
C THR B 53 -11.04 8.60 -15.72
N GLN B 54 -12.33 8.68 -16.03
CA GLN B 54 -12.81 8.52 -17.40
C GLN B 54 -12.49 7.11 -17.88
N ALA B 55 -12.48 6.19 -16.90
CA ALA B 55 -12.23 4.76 -17.12
C ALA B 55 -10.76 4.47 -17.37
N ASN B 56 -9.91 5.47 -17.22
CA ASN B 56 -8.47 5.29 -17.38
C ASN B 56 -7.92 4.48 -16.20
N LYS B 57 -7.66 3.20 -16.44
CA LYS B 57 -7.30 2.28 -15.37
C LYS B 57 -5.83 2.42 -14.95
N GLU B 58 -5.06 3.17 -15.71
CA GLU B 58 -3.68 3.44 -15.33
C GLU B 58 -3.57 4.72 -14.51
N THR B 59 -4.70 5.19 -14.06
CA THR B 59 -4.73 6.33 -13.17
C THR B 59 -4.31 5.91 -11.78
N THR B 60 -3.37 6.64 -11.20
CA THR B 60 -2.97 6.39 -9.83
C THR B 60 -3.97 7.03 -8.87
N ILE B 61 -4.80 6.21 -8.25
CA ILE B 61 -5.83 6.71 -7.36
C ILE B 61 -5.22 6.94 -5.99
N PHE B 62 -4.87 8.19 -5.69
CA PHE B 62 -4.29 8.51 -4.39
C PHE B 62 -5.35 8.41 -3.33
N PHE B 63 -5.28 7.38 -2.50
CA PHE B 63 -6.26 7.19 -1.47
C PHE B 63 -5.73 7.73 -0.15
N GLN B 64 -6.55 8.53 0.49
CA GLN B 64 -6.22 9.07 1.79
C GLN B 64 -6.97 8.27 2.84
N ALA B 65 -6.27 7.36 3.49
CA ALA B 65 -6.87 6.55 4.52
C ALA B 65 -6.62 7.18 5.88
N ASP B 66 -7.65 7.23 6.70
CA ASP B 66 -7.53 7.77 8.04
C ASP B 66 -6.65 6.86 8.87
N LYS B 67 -5.92 7.47 9.79
CA LYS B 67 -4.98 6.76 10.66
C LYS B 67 -5.64 5.60 11.41
N SER B 68 -6.97 5.63 11.53
CA SER B 68 -7.67 4.62 12.30
C SER B 68 -8.46 3.64 11.41
N VAL B 69 -8.20 3.63 10.10
CA VAL B 69 -8.82 2.60 9.25
C VAL B 69 -8.01 1.31 9.34
N ASP B 70 -8.71 0.20 9.24
CA ASP B 70 -8.06 -1.11 9.33
C ASP B 70 -7.62 -1.60 7.95
N TYR B 71 -6.52 -2.35 7.96
CA TYR B 71 -5.89 -2.88 6.75
C TYR B 71 -6.85 -3.72 5.92
N GLU B 72 -7.80 -4.38 6.58
CA GLU B 72 -8.78 -5.20 5.87
C GLU B 72 -9.72 -4.33 5.05
N THR B 73 -10.33 -3.34 5.70
CA THR B 73 -11.19 -2.39 5.00
C THR B 73 -10.46 -1.76 3.83
N LEU B 74 -9.30 -1.19 4.12
CA LEU B 74 -8.54 -0.46 3.12
C LEU B 74 -8.17 -1.36 1.93
N MET B 75 -7.65 -2.54 2.22
CA MET B 75 -7.24 -3.45 1.17
C MET B 75 -8.43 -4.03 0.43
N SER B 76 -9.58 -4.09 1.09
CA SER B 76 -10.81 -4.50 0.42
C SER B 76 -11.19 -3.44 -0.61
N VAL B 77 -10.99 -2.18 -0.25
CA VAL B 77 -11.26 -1.05 -1.13
C VAL B 77 -10.33 -1.11 -2.35
N MET B 78 -9.04 -1.24 -2.09
CA MET B 78 -8.05 -1.22 -3.16
C MET B 78 -8.08 -2.51 -3.98
N ASP B 79 -8.54 -3.59 -3.36
CA ASP B 79 -8.76 -4.84 -4.08
C ASP B 79 -9.83 -4.65 -5.14
N THR B 80 -10.83 -3.83 -4.78
CA THR B 80 -11.93 -3.51 -5.66
C THR B 80 -11.45 -2.69 -6.86
N LEU B 81 -10.49 -1.80 -6.63
CA LEU B 81 -9.91 -1.02 -7.71
C LEU B 81 -9.13 -1.93 -8.66
N ARG B 82 -8.43 -2.89 -8.07
CA ARG B 82 -7.62 -3.84 -8.84
C ARG B 82 -8.48 -4.64 -9.82
N LYS B 83 -9.66 -5.08 -9.38
CA LYS B 83 -10.52 -5.90 -10.21
C LYS B 83 -11.09 -5.09 -11.37
N ALA B 84 -11.08 -3.77 -11.23
CA ALA B 84 -11.53 -2.88 -12.29
C ALA B 84 -10.43 -2.70 -13.33
N GLY B 85 -9.20 -2.99 -12.93
CA GLY B 85 -8.07 -2.83 -13.81
C GLY B 85 -7.18 -1.68 -13.38
N TYR B 86 -7.49 -1.08 -12.24
CA TYR B 86 -6.66 0.00 -11.71
C TYR B 86 -5.33 -0.55 -11.23
N LEU B 87 -4.33 -0.42 -12.09
CA LEU B 87 -3.02 -0.99 -11.83
C LEU B 87 -2.21 -0.07 -10.93
N LYS B 88 -2.75 1.11 -10.66
CA LYS B 88 -2.02 2.11 -9.90
C LYS B 88 -2.89 2.76 -8.82
N VAL B 89 -2.61 2.45 -7.58
CA VAL B 89 -3.26 3.14 -6.48
C VAL B 89 -2.19 3.94 -5.72
N GLY B 90 -2.60 4.95 -4.98
CA GLY B 90 -1.63 5.83 -4.38
C GLY B 90 -1.70 5.87 -2.87
N LEU B 91 -0.62 5.49 -2.23
CA LEU B 91 -0.50 5.56 -0.78
C LEU B 91 -0.14 6.96 -0.34
N VAL B 92 -1.12 7.72 0.10
CA VAL B 92 -0.85 9.04 0.66
C VAL B 92 -0.26 8.89 2.05
N GLY B 93 1.05 9.13 2.15
CA GLY B 93 1.78 8.90 3.39
C GLY B 93 1.12 9.55 4.60
N MET B 94 0.46 8.72 5.40
CA MET B 94 -0.20 9.17 6.64
C MET B 94 -1.17 10.31 6.39
N GLU B 95 -1.83 10.29 5.23
CA GLU B 95 -2.74 11.37 4.83
C GLU B 95 -2.05 12.73 4.94
N GLY B 96 -0.77 12.75 4.59
CA GLY B 96 -0.01 13.98 4.62
C GLY B 96 -0.56 15.01 3.65
N ALA B 97 -0.93 14.54 2.46
CA ALA B 97 -1.54 15.39 1.46
C ALA B 97 -3.04 15.17 1.44
N ALA B 98 -3.75 15.91 2.28
CA ALA B 98 -5.19 15.76 2.39
C ALA B 98 -5.91 16.45 1.23
N LYS B 99 -7.19 16.16 1.08
CA LYS B 99 -7.99 16.71 0.00
C LYS B 99 -8.21 18.20 0.18
N VAL A 2 4.10 13.33 0.23
CA VAL A 2 4.61 11.95 0.21
C VAL A 2 3.71 11.05 -0.65
N ASP A 3 3.94 11.06 -1.94
CA ASP A 3 3.13 10.31 -2.88
C ASP A 3 3.82 9.01 -3.25
N ILE A 4 3.09 7.91 -3.22
CA ILE A 4 3.67 6.61 -3.56
C ILE A 4 2.78 5.90 -4.58
N ARG A 5 3.40 5.22 -5.55
CA ARG A 5 2.64 4.52 -6.58
C ARG A 5 2.66 3.01 -6.31
N VAL A 6 1.47 2.45 -6.20
CA VAL A 6 1.31 1.00 -6.07
C VAL A 6 0.87 0.42 -7.40
N ASP A 7 1.61 -0.54 -7.92
CA ASP A 7 1.26 -1.17 -9.18
C ASP A 7 0.54 -2.49 -8.94
N LEU A 8 -0.79 -2.44 -9.00
CA LEU A 8 -1.62 -3.61 -8.77
C LEU A 8 -1.77 -4.40 -10.06
N PRO A 9 -1.62 -5.72 -10.00
CA PRO A 9 -1.88 -6.58 -11.15
C PRO A 9 -3.35 -6.99 -11.24
N ALA A 10 -3.94 -6.80 -12.40
CA ALA A 10 -5.33 -7.16 -12.61
C ALA A 10 -5.49 -8.67 -12.68
N SER A 11 -6.55 -9.18 -12.06
CA SER A 11 -6.83 -10.62 -12.02
C SER A 11 -5.76 -11.37 -11.21
N SER A 12 -5.02 -10.61 -10.38
CA SER A 12 -3.99 -11.15 -9.49
C SER A 12 -2.76 -11.63 -10.28
N ALA A 13 -1.59 -11.32 -9.74
CA ALA A 13 -0.33 -11.70 -10.34
C ALA A 13 0.80 -11.32 -9.40
N LYS A 14 2.03 -11.38 -9.88
CA LYS A 14 3.17 -10.93 -9.11
C LYS A 14 4.11 -10.10 -10.00
N PRO A 15 4.09 -8.77 -9.80
CA PRO A 15 4.96 -7.85 -10.54
C PRO A 15 6.44 -8.12 -10.25
N GLN A 16 6.69 -8.80 -9.14
CA GLN A 16 8.02 -9.21 -8.78
C GLN A 16 8.12 -10.73 -8.82
N PRO A 17 8.70 -11.29 -9.88
CA PRO A 17 8.86 -12.74 -10.03
C PRO A 17 9.90 -13.31 -9.09
N ARG A 18 9.53 -13.37 -7.81
CA ARG A 18 10.39 -13.91 -6.76
C ARG A 18 11.78 -13.26 -6.76
N PRO A 19 11.90 -12.05 -6.19
CA PRO A 19 13.20 -11.35 -6.11
C PRO A 19 14.27 -12.21 -5.45
N GLU A 20 15.52 -11.91 -5.77
CA GLU A 20 16.67 -12.73 -5.39
C GLU A 20 16.82 -12.88 -3.88
N LYS A 21 16.33 -11.89 -3.13
CA LYS A 21 16.42 -11.90 -1.67
C LYS A 21 15.10 -11.46 -1.06
N PRO A 22 14.05 -12.29 -1.15
CA PRO A 22 12.71 -11.89 -0.74
C PRO A 22 12.54 -11.89 0.77
N VAL A 23 12.11 -10.76 1.30
CA VAL A 23 11.89 -10.63 2.74
C VAL A 23 10.41 -10.56 3.05
N PHE A 24 10.00 -11.28 4.07
CA PHE A 24 8.60 -11.32 4.48
C PHE A 24 8.43 -10.62 5.82
N LEU A 25 7.84 -9.44 5.78
CA LEU A 25 7.63 -8.64 6.98
C LEU A 25 6.19 -8.73 7.43
N SER A 26 5.95 -9.35 8.57
CA SER A 26 4.60 -9.56 9.04
C SER A 26 4.25 -8.61 10.18
N VAL A 27 3.18 -7.83 9.99
CA VAL A 27 2.71 -6.93 11.04
C VAL A 27 1.46 -7.53 11.68
N LYS A 28 1.58 -7.91 12.94
CA LYS A 28 0.49 -8.63 13.61
C LYS A 28 -0.51 -7.67 14.26
N ALA A 29 -1.61 -8.21 14.76
CA ALA A 29 -2.69 -7.39 15.34
C ALA A 29 -2.21 -6.59 16.55
N ASP A 30 -1.17 -7.09 17.22
CA ASP A 30 -0.59 -6.38 18.36
C ASP A 30 0.40 -5.31 17.87
N LYS A 31 0.38 -5.07 16.56
CA LYS A 31 1.22 -4.04 15.93
C LYS A 31 2.70 -4.39 16.10
N GLN A 32 2.98 -5.69 16.06
CA GLN A 32 4.34 -6.18 16.20
C GLN A 32 4.89 -6.54 14.83
N LEU A 33 6.12 -6.15 14.57
CA LEU A 33 6.77 -6.39 13.30
C LEU A 33 7.61 -7.66 13.37
N TYR A 34 7.33 -8.62 12.51
CA TYR A 34 8.12 -9.83 12.44
C TYR A 34 8.77 -9.96 11.07
N VAL A 35 10.09 -9.92 11.05
CA VAL A 35 10.84 -10.09 9.82
C VAL A 35 11.56 -11.43 9.85
N GLY A 36 11.24 -12.31 8.90
CA GLY A 36 11.75 -13.66 8.96
C GLY A 36 11.27 -14.36 10.22
N ASP A 37 12.18 -14.63 11.14
CA ASP A 37 11.83 -15.19 12.43
C ASP A 37 12.32 -14.27 13.55
N GLN A 38 12.31 -12.97 13.28
CA GLN A 38 12.82 -12.00 14.23
C GLN A 38 11.77 -10.92 14.53
N PRO A 39 11.40 -10.76 15.81
CA PRO A 39 10.54 -9.66 16.26
C PRO A 39 11.31 -8.34 16.27
N VAL A 40 10.78 -7.34 15.60
CA VAL A 40 11.47 -6.06 15.47
C VAL A 40 10.51 -4.90 15.62
N ASN A 41 11.07 -3.74 15.94
CA ASN A 41 10.34 -2.48 15.91
C ASN A 41 10.72 -1.75 14.62
N ALA A 42 10.11 -0.61 14.36
CA ALA A 42 10.41 0.14 13.14
C ALA A 42 11.89 0.51 13.07
N ASP A 43 12.44 0.94 14.20
CA ASP A 43 13.82 1.38 14.27
C ASP A 43 14.79 0.23 14.00
N GLN A 44 14.40 -0.96 14.41
CA GLN A 44 15.24 -2.14 14.25
C GLN A 44 14.95 -2.83 12.92
N LEU A 45 13.79 -2.50 12.36
CA LEU A 45 13.31 -3.12 11.13
C LEU A 45 14.30 -2.95 10.00
N THR A 46 14.61 -1.70 9.70
CA THR A 46 15.47 -1.36 8.58
C THR A 46 16.88 -1.92 8.76
N SER A 47 17.26 -2.14 10.01
CA SER A 47 18.57 -2.68 10.32
C SER A 47 18.60 -4.17 10.02
N VAL A 48 17.57 -4.88 10.47
CA VAL A 48 17.45 -6.31 10.23
C VAL A 48 17.12 -6.55 8.76
N LEU A 49 16.31 -5.68 8.20
CA LEU A 49 15.97 -5.71 6.78
C LEU A 49 17.23 -5.63 5.94
N ASP A 50 18.15 -4.74 6.32
CA ASP A 50 19.41 -4.60 5.61
C ASP A 50 20.19 -5.91 5.69
N GLN A 51 20.10 -6.58 6.82
CA GLN A 51 20.72 -7.90 7.00
C GLN A 51 20.05 -8.92 6.07
N ARG A 52 18.73 -8.82 5.95
CA ARG A 52 17.95 -9.76 5.15
C ARG A 52 18.20 -9.57 3.67
N THR A 53 18.10 -8.32 3.23
CA THR A 53 18.19 -8.00 1.82
C THR A 53 19.63 -7.85 1.36
N GLN A 54 20.57 -8.00 2.30
CA GLN A 54 21.98 -7.77 2.05
C GLN A 54 22.20 -6.34 1.57
N ALA A 55 21.38 -5.44 2.11
CA ALA A 55 21.43 -4.00 1.85
C ALA A 55 20.81 -3.63 0.50
N ASN A 56 20.28 -4.63 -0.22
CA ASN A 56 19.61 -4.35 -1.49
C ASN A 56 18.26 -3.69 -1.22
N LYS A 57 18.24 -2.38 -1.34
CA LYS A 57 17.06 -1.59 -0.96
C LYS A 57 15.98 -1.61 -2.05
N GLU A 58 16.29 -2.19 -3.20
CA GLU A 58 15.31 -2.32 -4.26
C GLU A 58 14.60 -3.66 -4.17
N THR A 59 14.79 -4.33 -3.06
CA THR A 59 14.08 -5.57 -2.79
C THR A 59 12.65 -5.27 -2.37
N THR A 60 11.70 -5.95 -2.98
CA THR A 60 10.31 -5.79 -2.59
C THR A 60 10.03 -6.57 -1.32
N ILE A 61 9.81 -5.86 -0.24
CA ILE A 61 9.54 -6.49 1.04
C ILE A 61 8.05 -6.83 1.13
N PHE A 62 7.71 -8.09 0.88
CA PHE A 62 6.33 -8.53 0.99
C PHE A 62 5.90 -8.49 2.45
N PHE A 63 5.04 -7.54 2.80
CA PHE A 63 4.58 -7.43 4.15
C PHE A 63 3.21 -8.08 4.31
N GLN A 64 3.06 -8.83 5.38
CA GLN A 64 1.82 -9.50 5.68
C GLN A 64 1.23 -8.87 6.92
N ALA A 65 0.25 -8.01 6.74
CA ALA A 65 -0.36 -7.30 7.85
C ALA A 65 -1.66 -7.95 8.25
N ASP A 66 -1.90 -8.01 9.55
CA ASP A 66 -3.14 -8.55 10.07
C ASP A 66 -4.27 -7.59 9.80
N LYS A 67 -5.47 -8.14 9.65
CA LYS A 67 -6.67 -7.36 9.35
C LYS A 67 -6.90 -6.25 10.37
N SER A 68 -6.35 -6.41 11.57
CA SER A 68 -6.59 -5.44 12.64
C SER A 68 -5.39 -4.53 12.90
N VAL A 69 -4.41 -4.49 11.99
CA VAL A 69 -3.37 -3.48 12.12
C VAL A 69 -3.90 -2.16 11.57
N ASP A 70 -3.60 -1.07 12.25
CA ASP A 70 -4.07 0.24 11.85
C ASP A 70 -3.16 0.81 10.76
N TYR A 71 -3.80 1.52 9.83
CA TYR A 71 -3.12 2.13 8.69
C TYR A 71 -1.97 3.04 9.11
N GLU A 72 -2.06 3.63 10.29
CA GLU A 72 -1.00 4.48 10.80
C GLU A 72 0.24 3.65 11.12
N THR A 73 0.08 2.65 11.96
CA THR A 73 1.18 1.75 12.30
C THR A 73 1.81 1.15 11.06
N LEU A 74 0.99 0.53 10.23
CA LEU A 74 1.46 -0.17 9.05
C LEU A 74 2.24 0.77 8.13
N MET A 75 1.70 1.94 7.88
CA MET A 75 2.35 2.90 7.02
C MET A 75 3.57 3.51 7.70
N SER A 76 3.55 3.58 9.02
CA SER A 76 4.72 4.00 9.77
C SER A 76 5.85 3.01 9.55
N VAL A 77 5.48 1.73 9.54
CA VAL A 77 6.42 0.65 9.29
C VAL A 77 7.05 0.78 7.89
N MET A 78 6.20 0.99 6.89
CA MET A 78 6.67 1.06 5.52
C MET A 78 7.34 2.40 5.23
N ASP A 79 6.91 3.44 5.94
CA ASP A 79 7.55 4.75 5.86
C ASP A 79 8.97 4.65 6.39
N THR A 80 9.14 3.78 7.38
CA THR A 80 10.46 3.50 7.93
C THR A 80 11.33 2.79 6.90
N LEU A 81 10.73 1.89 6.14
CA LEU A 81 11.45 1.21 5.06
C LEU A 81 11.87 2.22 4.00
N ARG A 82 11.01 3.21 3.77
CA ARG A 82 11.27 4.27 2.79
C ARG A 82 12.56 5.01 3.14
N LYS A 83 12.75 5.33 4.42
CA LYS A 83 13.93 6.09 4.84
C LYS A 83 15.19 5.23 4.75
N ALA A 84 15.01 3.91 4.79
CA ALA A 84 16.13 2.99 4.61
C ALA A 84 16.53 2.95 3.15
N GLY A 85 15.61 3.35 2.29
CA GLY A 85 15.86 3.35 0.87
C GLY A 85 15.10 2.26 0.15
N TYR A 86 14.23 1.57 0.88
CA TYR A 86 13.41 0.52 0.28
C TYR A 86 12.39 1.12 -0.67
N LEU A 87 12.72 1.02 -1.94
CA LEU A 87 11.91 1.62 -2.98
C LEU A 87 10.77 0.68 -3.38
N LYS A 88 10.79 -0.54 -2.84
CA LYS A 88 9.73 -1.49 -3.13
C LYS A 88 9.25 -2.20 -1.87
N VAL A 89 7.98 -2.04 -1.55
CA VAL A 89 7.35 -2.85 -0.52
C VAL A 89 6.16 -3.57 -1.16
N GLY A 90 5.73 -4.68 -0.59
CA GLY A 90 4.67 -5.44 -1.22
C GLY A 90 3.57 -5.80 -0.28
N LEU A 91 2.34 -5.51 -0.66
CA LEU A 91 1.20 -5.81 0.19
C LEU A 91 0.52 -7.08 -0.28
N VAL A 92 0.60 -8.11 0.54
CA VAL A 92 -0.12 -9.35 0.26
C VAL A 92 -1.60 -9.13 0.56
N GLY A 93 -2.38 -8.98 -0.50
CA GLY A 93 -3.78 -8.59 -0.39
C GLY A 93 -4.56 -9.33 0.69
N MET A 94 -4.89 -8.61 1.75
CA MET A 94 -5.70 -9.13 2.86
C MET A 94 -5.05 -10.36 3.46
N GLU A 95 -3.73 -10.28 3.66
CA GLU A 95 -2.95 -11.37 4.23
C GLU A 95 -3.24 -12.67 3.47
N GLY A 96 -3.23 -12.58 2.14
CA GLY A 96 -3.49 -13.75 1.31
C GLY A 96 -2.50 -14.87 1.57
N ALA A 97 -1.32 -14.50 2.03
CA ALA A 97 -0.30 -15.45 2.43
C ALA A 97 0.27 -15.03 3.76
N ALA A 98 0.43 -15.97 4.67
CA ALA A 98 0.92 -15.68 6.01
C ALA A 98 2.26 -16.35 6.26
N LYS A 99 2.91 -15.94 7.33
CA LYS A 99 4.19 -16.51 7.72
C LYS A 99 3.98 -17.92 8.25
N VAL B 2 -1.77 -13.19 -4.33
CA VAL B 2 -2.05 -11.77 -4.70
C VAL B 2 -0.89 -10.86 -4.27
N ASP B 3 0.13 -10.79 -5.11
CA ASP B 3 1.31 -10.00 -4.82
C ASP B 3 1.24 -8.65 -5.52
N ILE B 4 1.55 -7.59 -4.80
CA ILE B 4 1.52 -6.26 -5.37
C ILE B 4 2.82 -5.52 -5.06
N ARG B 5 3.33 -4.77 -6.02
CA ARG B 5 4.57 -4.03 -5.83
C ARG B 5 4.28 -2.55 -5.61
N VAL B 6 4.75 -2.03 -4.49
CA VAL B 6 4.66 -0.61 -4.19
C VAL B 6 6.03 0.04 -4.42
N ASP B 7 6.07 1.06 -5.27
CA ASP B 7 7.32 1.75 -5.54
C ASP B 7 7.42 3.02 -4.71
N LEU B 8 8.12 2.93 -3.59
CA LEU B 8 8.31 4.05 -2.68
C LEU B 8 9.48 4.90 -3.13
N PRO B 9 9.31 6.23 -3.15
CA PRO B 9 10.40 7.14 -3.43
C PRO B 9 11.18 7.50 -2.16
N ALA B 10 12.49 7.36 -2.23
CA ALA B 10 13.35 7.67 -1.10
C ALA B 10 13.44 9.19 -0.91
N SER B 11 13.41 9.61 0.35
CA SER B 11 13.45 11.03 0.71
C SER B 11 12.20 11.77 0.22
N SER B 12 11.15 10.99 -0.06
CA SER B 12 9.85 11.51 -0.48
C SER B 12 9.91 12.10 -1.91
N ALA B 13 8.87 11.79 -2.68
CA ALA B 13 8.76 12.25 -4.05
C ALA B 13 7.40 11.86 -4.60
N LYS B 14 7.22 12.00 -5.90
CA LYS B 14 6.00 11.55 -6.55
C LYS B 14 6.33 10.82 -7.84
N PRO B 15 6.22 9.48 -7.82
CA PRO B 15 6.47 8.63 -9.00
C PRO B 15 5.49 8.95 -10.12
N GLN B 16 4.37 9.56 -9.75
CA GLN B 16 3.37 10.01 -10.71
C GLN B 16 3.32 11.53 -10.71
N PRO B 17 3.93 12.17 -11.71
CA PRO B 17 3.94 13.64 -11.83
C PRO B 17 2.58 14.18 -12.23
N ARG B 18 1.65 14.16 -11.29
CA ARG B 18 0.30 14.66 -11.48
C ARG B 18 -0.35 14.06 -12.73
N PRO B 19 -0.87 12.83 -12.64
CA PRO B 19 -1.56 12.18 -13.76
C PRO B 19 -2.69 13.04 -14.32
N GLU B 20 -3.01 12.81 -15.59
CA GLU B 20 -3.94 13.65 -16.34
C GLU B 20 -5.34 13.71 -15.73
N LYS B 21 -5.71 12.67 -15.00
CA LYS B 21 -7.02 12.59 -14.37
C LYS B 21 -6.89 12.05 -12.95
N PRO B 22 -6.33 12.86 -12.03
CA PRO B 22 -6.01 12.38 -10.68
C PRO B 22 -7.25 12.29 -9.79
N VAL B 23 -7.45 11.11 -9.23
CA VAL B 23 -8.59 10.87 -8.35
C VAL B 23 -8.12 10.73 -6.91
N PHE B 24 -8.84 11.37 -6.00
CA PHE B 24 -8.51 11.32 -4.60
C PHE B 24 -9.57 10.55 -3.83
N LEU B 25 -9.21 9.35 -3.41
CA LEU B 25 -10.12 8.47 -2.69
C LEU B 25 -9.80 8.48 -1.21
N SER B 26 -10.70 9.00 -0.41
CA SER B 26 -10.45 9.14 1.02
C SER B 26 -11.24 8.10 1.81
N VAL B 27 -10.53 7.30 2.59
CA VAL B 27 -11.16 6.32 3.47
C VAL B 27 -11.14 6.84 4.90
N LYS B 28 -12.30 7.14 5.45
CA LYS B 28 -12.38 7.78 6.76
C LYS B 28 -12.42 6.75 7.88
N ALA B 29 -12.33 7.21 9.13
CA ALA B 29 -12.27 6.31 10.28
C ALA B 29 -13.53 5.46 10.42
N ASP B 30 -14.64 5.96 9.87
CA ASP B 30 -15.90 5.21 9.87
C ASP B 30 -15.93 4.21 8.71
N LYS B 31 -14.76 4.03 8.07
CA LYS B 31 -14.59 3.09 6.97
C LYS B 31 -15.46 3.49 5.79
N GLN B 32 -15.63 4.79 5.62
CA GLN B 32 -16.44 5.32 4.53
C GLN B 32 -15.52 5.79 3.40
N LEU B 33 -15.90 5.46 2.18
CA LEU B 33 -15.11 5.81 1.01
C LEU B 33 -15.63 7.11 0.39
N TYR B 34 -14.77 8.09 0.27
CA TYR B 34 -15.14 9.34 -0.37
C TYR B 34 -14.28 9.58 -1.60
N VAL B 35 -14.91 9.59 -2.76
CA VAL B 35 -14.21 9.87 -4.01
C VAL B 35 -14.65 11.23 -4.53
N GLY B 36 -13.70 12.15 -4.65
CA GLY B 36 -14.05 13.51 -4.98
C GLY B 36 -14.92 14.12 -3.91
N ASP B 37 -16.18 14.36 -4.24
CA ASP B 37 -17.16 14.82 -3.27
C ASP B 37 -18.33 13.86 -3.20
N GLN B 38 -18.05 12.58 -3.40
CA GLN B 38 -19.09 11.57 -3.45
C GLN B 38 -18.80 10.44 -2.45
N PRO B 39 -19.72 10.19 -1.51
CA PRO B 39 -19.65 9.03 -0.62
C PRO B 39 -19.99 7.75 -1.37
N VAL B 40 -19.12 6.77 -1.31
CA VAL B 40 -19.31 5.53 -2.04
C VAL B 40 -18.93 4.31 -1.20
N ASN B 41 -19.44 3.17 -1.62
CA ASN B 41 -19.01 1.89 -1.08
C ASN B 41 -18.06 1.26 -2.07
N ALA B 42 -17.48 0.11 -1.75
CA ALA B 42 -16.56 -0.55 -2.66
C ALA B 42 -17.20 -0.85 -4.00
N ASP B 43 -18.44 -1.33 -3.95
CA ASP B 43 -19.17 -1.73 -5.15
C ASP B 43 -19.44 -0.53 -6.05
N GLN B 44 -19.64 0.63 -5.44
CA GLN B 44 -19.97 1.84 -6.17
C GLN B 44 -18.69 2.60 -6.52
N LEU B 45 -17.62 2.26 -5.81
CA LEU B 45 -16.35 2.93 -5.95
C LEU B 45 -15.85 2.86 -7.38
N THR B 46 -15.69 1.65 -7.88
CA THR B 46 -15.13 1.42 -9.19
C THR B 46 -15.99 2.02 -10.30
N SER B 47 -17.27 2.17 -10.00
CA SER B 47 -18.21 2.74 -10.95
C SER B 47 -18.02 4.25 -11.03
N VAL B 48 -17.92 4.89 -9.87
CA VAL B 48 -17.69 6.33 -9.81
C VAL B 48 -16.27 6.65 -10.21
N LEU B 49 -15.34 5.78 -9.84
CA LEU B 49 -13.96 5.87 -10.24
C LEU B 49 -13.84 5.90 -11.75
N ASP B 50 -14.58 5.03 -12.42
CA ASP B 50 -14.60 4.97 -13.88
C ASP B 50 -15.09 6.31 -14.44
N GLN B 51 -16.05 6.91 -13.75
CA GLN B 51 -16.55 8.23 -14.10
C GLN B 51 -15.45 9.28 -13.92
N ARG B 52 -14.70 9.15 -12.83
CA ARG B 52 -13.65 10.10 -12.49
C ARG B 52 -12.47 10.00 -13.46
N THR B 53 -12.00 8.79 -13.66
CA THR B 53 -10.80 8.55 -14.45
C THR B 53 -11.11 8.49 -15.94
N GLN B 54 -12.39 8.62 -16.28
CA GLN B 54 -12.86 8.46 -17.64
C GLN B 54 -12.50 7.07 -18.15
N ALA B 55 -12.54 6.10 -17.23
CA ALA B 55 -12.28 4.69 -17.50
C ALA B 55 -10.79 4.39 -17.64
N ASN B 56 -9.94 5.39 -17.48
CA ASN B 56 -8.50 5.18 -17.52
C ASN B 56 -8.05 4.45 -16.26
N LYS B 57 -7.89 3.14 -16.38
CA LYS B 57 -7.60 2.29 -15.23
C LYS B 57 -6.13 2.33 -14.83
N GLU B 58 -5.31 2.99 -15.63
CA GLU B 58 -3.90 3.15 -15.29
C GLU B 58 -3.67 4.45 -14.53
N THR B 59 -4.76 5.06 -14.11
CA THR B 59 -4.69 6.24 -13.28
C THR B 59 -4.34 5.86 -11.85
N THR B 60 -3.37 6.54 -11.27
CA THR B 60 -3.01 6.31 -9.89
C THR B 60 -4.01 7.01 -8.98
N ILE B 61 -4.81 6.21 -8.29
CA ILE B 61 -5.82 6.75 -7.39
C ILE B 61 -5.18 7.03 -6.04
N PHE B 62 -4.85 8.28 -5.79
CA PHE B 62 -4.27 8.66 -4.50
C PHE B 62 -5.32 8.52 -3.41
N PHE B 63 -5.17 7.52 -2.56
CA PHE B 63 -6.12 7.31 -1.50
C PHE B 63 -5.60 7.90 -0.20
N GLN B 64 -6.48 8.57 0.50
CA GLN B 64 -6.16 9.17 1.78
C GLN B 64 -6.93 8.45 2.86
N ALA B 65 -6.26 7.56 3.57
CA ALA B 65 -6.90 6.77 4.60
C ALA B 65 -6.63 7.33 5.97
N ASP B 66 -7.65 7.30 6.81
CA ASP B 66 -7.50 7.77 8.17
C ASP B 66 -6.68 6.78 8.97
N LYS B 67 -5.99 7.29 9.98
CA LYS B 67 -5.11 6.48 10.82
C LYS B 67 -5.84 5.30 11.45
N SER B 68 -7.16 5.40 11.56
CA SER B 68 -7.94 4.38 12.24
C SER B 68 -8.73 3.50 11.27
N VAL B 69 -8.42 3.55 9.97
CA VAL B 69 -9.00 2.57 9.06
C VAL B 69 -8.22 1.27 9.17
N ASP B 70 -8.93 0.16 9.17
CA ASP B 70 -8.29 -1.14 9.30
C ASP B 70 -7.78 -1.61 7.93
N TYR B 71 -6.63 -2.29 7.98
CA TYR B 71 -5.95 -2.80 6.79
C TYR B 71 -6.86 -3.68 5.94
N GLU B 72 -7.81 -4.34 6.57
CA GLU B 72 -8.75 -5.19 5.84
C GLU B 72 -9.66 -4.35 4.97
N THR B 73 -10.35 -3.39 5.59
CA THR B 73 -11.23 -2.48 4.86
C THR B 73 -10.47 -1.77 3.74
N LEU B 74 -9.36 -1.14 4.08
CA LEU B 74 -8.60 -0.35 3.14
C LEU B 74 -8.15 -1.20 1.95
N MET B 75 -7.63 -2.38 2.23
CA MET B 75 -7.16 -3.27 1.17
C MET B 75 -8.34 -3.86 0.41
N SER B 76 -9.47 -4.01 1.07
CA SER B 76 -10.69 -4.44 0.39
C SER B 76 -11.09 -3.38 -0.63
N VAL B 77 -10.94 -2.12 -0.24
CA VAL B 77 -11.22 -0.99 -1.11
C VAL B 77 -10.31 -1.02 -2.34
N MET B 78 -9.02 -1.18 -2.11
CA MET B 78 -8.05 -1.15 -3.19
C MET B 78 -8.08 -2.45 -4.00
N ASP B 79 -8.45 -3.54 -3.34
CA ASP B 79 -8.65 -4.82 -4.03
C ASP B 79 -9.82 -4.70 -4.99
N THR B 80 -10.79 -3.89 -4.61
CA THR B 80 -11.93 -3.59 -5.47
C THR B 80 -11.49 -2.78 -6.68
N LEU B 81 -10.56 -1.86 -6.47
CA LEU B 81 -9.99 -1.10 -7.58
C LEU B 81 -9.24 -2.02 -8.53
N ARG B 82 -8.59 -3.03 -7.96
CA ARG B 82 -7.83 -4.01 -8.74
C ARG B 82 -8.74 -4.72 -9.74
N LYS B 83 -9.93 -5.11 -9.29
CA LYS B 83 -10.86 -5.84 -10.17
C LYS B 83 -11.43 -4.94 -11.25
N ALA B 84 -11.42 -3.63 -10.99
CA ALA B 84 -11.85 -2.66 -11.99
C ALA B 84 -10.77 -2.51 -13.06
N GLY B 85 -9.56 -2.89 -12.70
CA GLY B 85 -8.45 -2.80 -13.62
C GLY B 85 -7.48 -1.70 -13.23
N TYR B 86 -7.71 -1.09 -12.07
CA TYR B 86 -6.82 -0.05 -11.58
C TYR B 86 -5.48 -0.61 -11.20
N LEU B 87 -4.53 -0.43 -12.11
CA LEU B 87 -3.21 -0.99 -11.95
C LEU B 87 -2.34 -0.08 -11.10
N LYS B 88 -2.85 1.10 -10.76
CA LYS B 88 -2.11 2.03 -9.92
C LYS B 88 -3.00 2.65 -8.84
N VAL B 89 -2.65 2.42 -7.59
CA VAL B 89 -3.25 3.13 -6.49
C VAL B 89 -2.15 3.85 -5.73
N GLY B 90 -2.46 4.90 -5.01
CA GLY B 90 -1.42 5.66 -4.35
C GLY B 90 -1.72 5.91 -2.90
N LEU B 91 -0.77 5.59 -2.03
CA LEU B 91 -0.95 5.81 -0.61
C LEU B 91 -0.25 7.07 -0.16
N VAL B 92 -1.03 8.05 0.23
CA VAL B 92 -0.49 9.27 0.80
C VAL B 92 -0.01 8.98 2.22
N GLY B 93 1.31 8.88 2.38
CA GLY B 93 1.91 8.42 3.63
C GLY B 93 1.32 9.06 4.87
N MET B 94 0.59 8.26 5.64
CA MET B 94 0.01 8.68 6.92
C MET B 94 -0.88 9.91 6.72
N GLU B 95 -1.69 9.85 5.67
CA GLU B 95 -2.60 10.94 5.33
C GLU B 95 -1.85 12.27 5.31
N GLY B 96 -0.70 12.27 4.63
CA GLY B 96 0.11 13.47 4.52
C GLY B 96 -0.64 14.61 3.87
N ALA B 97 -1.61 14.26 3.04
CA ALA B 97 -2.49 15.22 2.41
C ALA B 97 -3.92 14.74 2.54
N ALA B 98 -4.81 15.64 2.92
CA ALA B 98 -6.21 15.28 3.12
C ALA B 98 -7.10 15.99 2.12
N LYS B 99 -8.35 15.54 2.05
CA LYS B 99 -9.33 16.14 1.16
C LYS B 99 -9.74 17.51 1.69
N VAL A 2 4.45 13.16 0.33
CA VAL A 2 4.86 11.74 0.13
C VAL A 2 3.79 10.97 -0.62
N ASP A 3 3.81 11.10 -1.93
CA ASP A 3 2.85 10.43 -2.79
C ASP A 3 3.47 9.17 -3.37
N ILE A 4 3.01 8.02 -2.91
CA ILE A 4 3.61 6.76 -3.31
C ILE A 4 2.74 6.06 -4.38
N ARG A 5 3.39 5.48 -5.38
CA ARG A 5 2.70 4.78 -6.45
C ARG A 5 2.78 3.27 -6.27
N VAL A 6 1.64 2.61 -6.27
CA VAL A 6 1.58 1.16 -6.23
C VAL A 6 1.33 0.59 -7.61
N ASP A 7 1.91 -0.57 -7.91
CA ASP A 7 1.68 -1.25 -9.18
C ASP A 7 0.90 -2.53 -8.92
N LEU A 8 -0.41 -2.44 -9.14
CA LEU A 8 -1.33 -3.53 -8.84
C LEU A 8 -1.47 -4.45 -10.03
N PRO A 9 -1.46 -5.78 -9.80
CA PRO A 9 -1.69 -6.74 -10.84
C PRO A 9 -3.17 -7.08 -11.02
N ALA A 10 -3.65 -6.99 -12.25
CA ALA A 10 -5.03 -7.28 -12.56
C ALA A 10 -5.22 -8.78 -12.78
N SER A 11 -6.38 -9.29 -12.38
CA SER A 11 -6.71 -10.71 -12.50
C SER A 11 -5.76 -11.57 -11.67
N SER A 12 -5.21 -10.97 -10.61
CA SER A 12 -4.32 -11.65 -9.66
C SER A 12 -3.02 -12.09 -10.34
N ALA A 13 -1.96 -11.34 -10.10
CA ALA A 13 -0.65 -11.66 -10.65
C ALA A 13 0.44 -11.19 -9.70
N LYS A 14 1.68 -11.24 -10.16
CA LYS A 14 2.81 -10.79 -9.37
C LYS A 14 3.79 -10.00 -10.24
N PRO A 15 3.85 -8.68 -10.05
CA PRO A 15 4.79 -7.82 -10.77
C PRO A 15 6.23 -8.20 -10.48
N GLN A 16 6.43 -8.83 -9.33
CA GLN A 16 7.72 -9.37 -8.96
C GLN A 16 7.67 -10.89 -8.99
N PRO A 17 8.22 -11.52 -10.04
CA PRO A 17 8.25 -12.97 -10.19
C PRO A 17 9.23 -13.63 -9.21
N ARG A 18 8.90 -13.53 -7.93
CA ARG A 18 9.72 -14.08 -6.86
C ARG A 18 11.15 -13.54 -6.93
N PRO A 19 11.39 -12.32 -6.39
CA PRO A 19 12.70 -11.68 -6.43
C PRO A 19 13.79 -12.55 -5.80
N GLU A 20 15.04 -12.25 -6.17
CA GLU A 20 16.20 -13.05 -5.77
C GLU A 20 16.42 -13.06 -4.27
N LYS A 21 16.00 -11.99 -3.60
CA LYS A 21 16.12 -11.89 -2.15
C LYS A 21 14.78 -11.48 -1.54
N PRO A 22 13.78 -12.38 -1.51
CA PRO A 22 12.45 -12.03 -1.04
C PRO A 22 12.37 -11.94 0.47
N VAL A 23 11.93 -10.79 0.96
CA VAL A 23 11.79 -10.59 2.39
C VAL A 23 10.32 -10.52 2.77
N PHE A 24 9.96 -11.23 3.83
CA PHE A 24 8.59 -11.26 4.29
C PHE A 24 8.47 -10.51 5.61
N LEU A 25 7.85 -9.35 5.54
CA LEU A 25 7.62 -8.54 6.71
C LEU A 25 6.16 -8.72 7.12
N SER A 26 5.86 -8.56 8.39
CA SER A 26 4.51 -8.74 8.86
C SER A 26 4.19 -7.85 10.04
N VAL A 27 2.98 -7.33 10.08
CA VAL A 27 2.50 -6.55 11.21
C VAL A 27 1.34 -7.30 11.86
N LYS A 28 1.50 -7.70 13.11
CA LYS A 28 0.48 -8.54 13.76
C LYS A 28 -0.60 -7.68 14.40
N ALA A 29 -1.65 -8.32 14.90
CA ALA A 29 -2.79 -7.61 15.48
C ALA A 29 -2.38 -6.71 16.64
N ASP A 30 -1.31 -7.09 17.34
CA ASP A 30 -0.81 -6.29 18.46
C ASP A 30 0.09 -5.16 17.95
N LYS A 31 0.04 -4.93 16.64
CA LYS A 31 0.79 -3.84 16.01
C LYS A 31 2.29 -4.03 16.18
N GLN A 32 2.72 -5.29 16.18
CA GLN A 32 4.12 -5.61 16.32
C GLN A 32 4.70 -6.03 14.96
N LEU A 33 5.95 -5.61 14.72
CA LEU A 33 6.61 -5.90 13.46
C LEU A 33 7.38 -7.22 13.55
N TYR A 34 7.24 -8.04 12.53
CA TYR A 34 7.98 -9.29 12.41
C TYR A 34 8.55 -9.43 11.01
N VAL A 35 9.85 -9.62 10.91
CA VAL A 35 10.46 -9.87 9.62
C VAL A 35 11.16 -11.23 9.62
N GLY A 36 10.61 -12.16 8.83
CA GLY A 36 11.08 -13.52 8.85
C GLY A 36 10.85 -14.17 10.20
N ASP A 37 11.91 -14.34 10.97
CA ASP A 37 11.80 -14.85 12.33
C ASP A 37 12.44 -13.87 13.31
N GLN A 38 12.35 -12.59 12.99
CA GLN A 38 12.95 -11.56 13.81
C GLN A 38 11.90 -10.52 14.23
N PRO A 39 11.59 -10.42 15.53
CA PRO A 39 10.75 -9.35 16.05
C PRO A 39 11.47 -8.03 15.99
N VAL A 40 10.87 -7.05 15.33
CA VAL A 40 11.53 -5.77 15.12
C VAL A 40 10.62 -4.60 15.43
N ASN A 41 11.24 -3.48 15.73
CA ASN A 41 10.55 -2.20 15.80
C ASN A 41 10.96 -1.39 14.58
N ALA A 42 10.39 -0.21 14.39
CA ALA A 42 10.68 0.60 13.21
C ALA A 42 12.17 0.90 13.08
N ASP A 43 12.79 1.31 14.18
CA ASP A 43 14.18 1.75 14.15
C ASP A 43 15.14 0.57 13.90
N GLN A 44 14.68 -0.62 14.20
CA GLN A 44 15.49 -1.82 14.01
C GLN A 44 15.12 -2.51 12.70
N LEU A 45 13.95 -2.14 12.17
CA LEU A 45 13.40 -2.73 10.95
C LEU A 45 14.40 -2.61 9.81
N THR A 46 14.79 -1.38 9.53
CA THR A 46 15.66 -1.08 8.40
C THR A 46 17.04 -1.73 8.58
N SER A 47 17.40 -2.00 9.82
CA SER A 47 18.69 -2.59 10.12
C SER A 47 18.66 -4.08 9.84
N VAL A 48 17.58 -4.72 10.26
CA VAL A 48 17.39 -6.15 10.01
C VAL A 48 17.06 -6.39 8.55
N LEU A 49 16.24 -5.50 8.00
CA LEU A 49 15.88 -5.52 6.59
C LEU A 49 17.10 -5.45 5.71
N ASP A 50 18.04 -4.58 6.07
CA ASP A 50 19.27 -4.41 5.31
C ASP A 50 20.05 -5.73 5.29
N GLN A 51 19.95 -6.49 6.37
CA GLN A 51 20.55 -7.81 6.44
C GLN A 51 19.76 -8.80 5.58
N ARG A 52 18.44 -8.72 5.69
CA ARG A 52 17.55 -9.61 4.94
C ARG A 52 17.76 -9.45 3.44
N THR A 53 17.77 -8.21 2.99
CA THR A 53 17.80 -7.89 1.57
C THR A 53 19.22 -7.81 1.03
N GLN A 54 20.19 -8.00 1.92
CA GLN A 54 21.60 -7.84 1.57
C GLN A 54 21.85 -6.41 1.07
N ALA A 55 21.13 -5.47 1.70
CA ALA A 55 21.24 -4.04 1.41
C ALA A 55 20.56 -3.64 0.11
N ASN A 56 19.96 -4.61 -0.58
CA ASN A 56 19.26 -4.32 -1.83
C ASN A 56 17.94 -3.63 -1.53
N LYS A 57 17.92 -2.31 -1.72
CA LYS A 57 16.78 -1.50 -1.31
C LYS A 57 15.64 -1.53 -2.34
N GLU A 58 15.91 -2.10 -3.50
CA GLU A 58 14.85 -2.26 -4.51
C GLU A 58 14.18 -3.62 -4.36
N THR A 59 14.50 -4.31 -3.28
CA THR A 59 13.85 -5.55 -2.95
C THR A 59 12.43 -5.28 -2.49
N THR A 60 11.48 -5.98 -3.09
CA THR A 60 10.09 -5.84 -2.70
C THR A 60 9.82 -6.59 -1.40
N ILE A 61 9.63 -5.83 -0.33
CA ILE A 61 9.38 -6.42 0.97
C ILE A 61 7.89 -6.73 1.10
N PHE A 62 7.51 -7.97 0.88
CA PHE A 62 6.11 -8.37 1.01
C PHE A 62 5.70 -8.33 2.48
N PHE A 63 4.89 -7.36 2.84
CA PHE A 63 4.42 -7.27 4.20
C PHE A 63 3.04 -7.90 4.31
N GLN A 64 2.90 -8.77 5.27
CA GLN A 64 1.63 -9.41 5.55
C GLN A 64 1.10 -8.89 6.87
N ALA A 65 0.16 -7.97 6.79
CA ALA A 65 -0.39 -7.33 7.97
C ALA A 65 -1.69 -7.97 8.37
N ASP A 66 -1.94 -8.02 9.66
CA ASP A 66 -3.16 -8.61 10.19
C ASP A 66 -4.34 -7.70 9.89
N LYS A 67 -5.50 -8.31 9.75
CA LYS A 67 -6.74 -7.63 9.44
C LYS A 67 -7.05 -6.49 10.42
N SER A 68 -6.49 -6.59 11.63
CA SER A 68 -6.79 -5.63 12.67
C SER A 68 -5.64 -4.65 12.95
N VAL A 69 -4.63 -4.59 12.07
CA VAL A 69 -3.62 -3.54 12.21
C VAL A 69 -4.17 -2.23 11.64
N ASP A 70 -3.85 -1.14 12.30
CA ASP A 70 -4.33 0.17 11.87
C ASP A 70 -3.39 0.76 10.83
N TYR A 71 -3.96 1.59 9.97
CA TYR A 71 -3.24 2.20 8.85
C TYR A 71 -2.07 3.07 9.32
N GLU A 72 -2.18 3.63 10.52
CA GLU A 72 -1.10 4.45 11.07
C GLU A 72 0.11 3.57 11.37
N THR A 73 -0.10 2.54 12.18
CA THR A 73 0.95 1.58 12.49
C THR A 73 1.59 1.03 11.22
N LEU A 74 0.75 0.53 10.32
CA LEU A 74 1.22 -0.07 9.09
C LEU A 74 2.06 0.92 8.29
N MET A 75 1.57 2.14 8.16
CA MET A 75 2.28 3.16 7.40
C MET A 75 3.56 3.57 8.10
N SER A 76 3.54 3.60 9.42
CA SER A 76 4.73 3.91 10.18
C SER A 76 5.82 2.89 9.88
N VAL A 77 5.40 1.64 9.72
CA VAL A 77 6.31 0.56 9.38
C VAL A 77 6.86 0.72 7.97
N MET A 78 5.97 0.93 7.01
CA MET A 78 6.35 0.96 5.61
C MET A 78 7.06 2.26 5.25
N ASP A 79 6.70 3.35 5.93
CA ASP A 79 7.38 4.63 5.74
C ASP A 79 8.80 4.51 6.25
N THR A 80 8.98 3.67 7.26
CA THR A 80 10.30 3.37 7.79
C THR A 80 11.16 2.68 6.75
N LEU A 81 10.55 1.77 5.98
CA LEU A 81 11.24 1.11 4.88
C LEU A 81 11.58 2.14 3.81
N ARG A 82 10.64 3.05 3.57
CA ARG A 82 10.81 4.10 2.57
C ARG A 82 12.04 4.95 2.88
N LYS A 83 12.20 5.32 4.15
CA LYS A 83 13.33 6.18 4.54
C LYS A 83 14.66 5.40 4.48
N ALA A 84 14.56 4.07 4.50
CA ALA A 84 15.73 3.23 4.35
C ALA A 84 16.16 3.17 2.89
N GLY A 85 15.26 3.59 2.02
CA GLY A 85 15.54 3.57 0.60
C GLY A 85 14.82 2.43 -0.09
N TYR A 86 13.95 1.74 0.64
CA TYR A 86 13.19 0.64 0.06
C TYR A 86 12.16 1.19 -0.92
N LEU A 87 12.52 1.10 -2.19
CA LEU A 87 11.72 1.64 -3.25
C LEU A 87 10.61 0.67 -3.63
N LYS A 88 10.67 -0.54 -3.08
CA LYS A 88 9.64 -1.54 -3.35
C LYS A 88 9.19 -2.24 -2.07
N VAL A 89 7.95 -2.00 -1.69
CA VAL A 89 7.32 -2.78 -0.65
C VAL A 89 6.17 -3.55 -1.28
N GLY A 90 5.75 -4.62 -0.65
CA GLY A 90 4.71 -5.44 -1.25
C GLY A 90 3.57 -5.71 -0.31
N LEU A 91 2.35 -5.57 -0.79
CA LEU A 91 1.19 -5.80 0.04
C LEU A 91 0.43 -7.01 -0.47
N VAL A 92 0.20 -7.96 0.41
CA VAL A 92 -0.59 -9.12 0.09
C VAL A 92 -2.06 -8.81 0.34
N GLY A 93 -2.83 -8.73 -0.75
CA GLY A 93 -4.22 -8.27 -0.69
C GLY A 93 -5.03 -8.92 0.41
N MET A 94 -5.25 -8.16 1.49
CA MET A 94 -6.07 -8.59 2.62
C MET A 94 -5.58 -9.93 3.16
N GLU A 95 -4.29 -9.99 3.46
CA GLU A 95 -3.66 -11.19 4.02
C GLU A 95 -4.02 -12.42 3.17
N GLY A 96 -3.77 -12.31 1.88
CA GLY A 96 -4.02 -13.43 0.98
C GLY A 96 -3.16 -14.63 1.31
N ALA A 97 -2.03 -14.37 1.97
CA ALA A 97 -1.15 -15.42 2.43
C ALA A 97 -0.81 -15.19 3.90
N ALA A 98 -1.04 -16.19 4.73
CA ALA A 98 -0.77 -16.09 6.15
C ALA A 98 0.68 -16.46 6.45
N LYS A 99 1.25 -15.82 7.45
CA LYS A 99 2.63 -16.08 7.83
C LYS A 99 2.71 -17.23 8.81
N VAL B 2 -2.02 -12.99 -4.53
CA VAL B 2 -2.10 -11.56 -4.89
C VAL B 2 -0.95 -10.76 -4.28
N ASP B 3 0.19 -10.82 -4.95
CA ASP B 3 1.39 -10.14 -4.50
C ASP B 3 1.54 -8.82 -5.23
N ILE B 4 1.33 -7.72 -4.54
CA ILE B 4 1.35 -6.41 -5.18
C ILE B 4 2.66 -5.69 -4.90
N ARG B 5 3.19 -5.02 -5.92
CA ARG B 5 4.45 -4.29 -5.80
C ARG B 5 4.20 -2.79 -5.68
N VAL B 6 4.75 -2.18 -4.65
CA VAL B 6 4.67 -0.72 -4.48
C VAL B 6 5.99 -0.09 -4.90
N ASP B 7 5.92 1.10 -5.49
CA ASP B 7 7.11 1.86 -5.87
C ASP B 7 7.24 3.09 -4.97
N LEU B 8 8.07 2.96 -3.94
CA LEU B 8 8.22 4.00 -2.93
C LEU B 8 9.29 4.99 -3.34
N PRO B 9 9.04 6.29 -3.14
CA PRO B 9 10.03 7.32 -3.39
C PRO B 9 10.89 7.61 -2.16
N ALA B 10 12.20 7.58 -2.37
CA ALA B 10 13.14 7.83 -1.29
C ALA B 10 13.37 9.33 -1.13
N SER B 11 13.58 9.77 0.10
CA SER B 11 13.79 11.18 0.42
C SER B 11 12.57 12.03 0.05
N SER B 12 11.40 11.38 0.05
CA SER B 12 10.12 12.05 -0.22
C SER B 12 10.05 12.57 -1.66
N ALA B 13 9.34 11.85 -2.51
CA ALA B 13 9.17 12.24 -3.90
C ALA B 13 7.82 11.76 -4.42
N LYS B 14 7.62 11.88 -5.71
CA LYS B 14 6.40 11.42 -6.34
C LYS B 14 6.70 10.74 -7.66
N PRO B 15 6.54 9.40 -7.71
CA PRO B 15 6.74 8.62 -8.93
C PRO B 15 5.77 9.04 -10.02
N GLN B 16 4.65 9.61 -9.59
CA GLN B 16 3.67 10.18 -10.51
C GLN B 16 3.67 11.69 -10.38
N PRO B 17 4.29 12.39 -11.33
CA PRO B 17 4.35 13.86 -11.34
C PRO B 17 3.01 14.49 -11.67
N ARG B 18 2.05 14.30 -10.77
CA ARG B 18 0.70 14.81 -10.92
C ARG B 18 0.08 14.32 -12.24
N PRO B 19 -0.46 13.09 -12.25
CA PRO B 19 -1.06 12.50 -13.47
C PRO B 19 -2.17 13.37 -14.05
N GLU B 20 -2.46 13.13 -15.33
CA GLU B 20 -3.38 13.96 -16.10
C GLU B 20 -4.81 13.88 -15.56
N LYS B 21 -5.15 12.77 -14.93
CA LYS B 21 -6.47 12.59 -14.33
C LYS B 21 -6.32 12.09 -12.89
N PRO B 22 -5.90 12.94 -11.96
CA PRO B 22 -5.63 12.51 -10.60
C PRO B 22 -6.91 12.33 -9.79
N VAL B 23 -7.08 11.15 -9.23
CA VAL B 23 -8.24 10.84 -8.44
C VAL B 23 -7.85 10.70 -6.97
N PHE B 24 -8.62 11.33 -6.10
CA PHE B 24 -8.35 11.28 -4.67
C PHE B 24 -9.41 10.45 -3.97
N LEU B 25 -9.02 9.27 -3.55
CA LEU B 25 -9.89 8.38 -2.82
C LEU B 25 -9.54 8.48 -1.34
N SER B 26 -10.49 8.24 -0.46
CA SER B 26 -10.24 8.34 0.96
C SER B 26 -11.09 7.36 1.75
N VAL B 27 -10.50 6.78 2.78
CA VAL B 27 -11.23 5.93 3.71
C VAL B 27 -11.24 6.60 5.08
N LYS B 28 -12.42 6.92 5.58
CA LYS B 28 -12.52 7.67 6.83
C LYS B 28 -12.52 6.74 8.03
N ALA B 29 -12.46 7.32 9.24
CA ALA B 29 -12.38 6.53 10.47
C ALA B 29 -13.57 5.58 10.62
N ASP B 30 -14.71 5.95 10.07
CA ASP B 30 -15.90 5.10 10.12
C ASP B 30 -15.86 4.04 9.03
N LYS B 31 -14.69 3.89 8.40
CA LYS B 31 -14.46 2.87 7.37
C LYS B 31 -15.36 3.10 6.17
N GLN B 32 -15.61 4.37 5.87
CA GLN B 32 -16.44 4.75 4.73
C GLN B 32 -15.55 5.25 3.60
N LEU B 33 -15.94 4.91 2.37
CA LEU B 33 -15.18 5.29 1.19
C LEU B 33 -15.67 6.63 0.65
N TYR B 34 -14.74 7.51 0.33
CA TYR B 34 -15.06 8.79 -0.29
C TYR B 34 -14.12 9.04 -1.47
N VAL B 35 -14.68 9.28 -2.64
CA VAL B 35 -13.86 9.63 -3.79
C VAL B 35 -14.24 11.02 -4.30
N GLY B 36 -13.32 11.96 -4.16
CA GLY B 36 -13.62 13.35 -4.48
C GLY B 36 -14.71 13.90 -3.58
N ASP B 37 -15.90 14.06 -4.12
CA ASP B 37 -17.06 14.49 -3.33
C ASP B 37 -18.19 13.48 -3.47
N GLN B 38 -17.82 12.21 -3.61
CA GLN B 38 -18.79 11.16 -3.80
C GLN B 38 -18.60 10.06 -2.75
N PRO B 39 -19.58 9.87 -1.85
CA PRO B 39 -19.58 8.74 -0.92
C PRO B 39 -19.84 7.44 -1.66
N VAL B 40 -18.94 6.48 -1.53
CA VAL B 40 -19.04 5.25 -2.29
C VAL B 40 -18.81 4.02 -1.43
N ASN B 41 -19.34 2.90 -1.89
CA ASN B 41 -19.01 1.61 -1.33
C ASN B 41 -18.14 0.88 -2.34
N ALA B 42 -17.64 -0.29 -2.00
CA ALA B 42 -16.72 -1.01 -2.88
C ALA B 42 -17.34 -1.26 -4.26
N ASP B 43 -18.58 -1.71 -4.29
CA ASP B 43 -19.23 -2.09 -5.54
C ASP B 43 -19.52 -0.88 -6.41
N GLN B 44 -19.59 0.29 -5.80
CA GLN B 44 -19.87 1.53 -6.53
C GLN B 44 -18.57 2.28 -6.80
N LEU B 45 -17.52 1.89 -6.06
CA LEU B 45 -16.22 2.54 -6.15
C LEU B 45 -15.70 2.52 -7.57
N THR B 46 -15.61 1.33 -8.13
CA THR B 46 -15.05 1.14 -9.46
C THR B 46 -15.89 1.82 -10.53
N SER B 47 -17.17 2.03 -10.22
CA SER B 47 -18.08 2.65 -11.16
C SER B 47 -17.87 4.16 -11.17
N VAL B 48 -17.73 4.73 -9.99
CA VAL B 48 -17.48 6.16 -9.87
C VAL B 48 -16.04 6.47 -10.27
N LEU B 49 -15.14 5.58 -9.88
CA LEU B 49 -13.73 5.70 -10.25
C LEU B 49 -13.56 5.72 -11.76
N ASP B 50 -14.31 4.86 -12.45
CA ASP B 50 -14.25 4.78 -13.91
C ASP B 50 -14.66 6.13 -14.51
N GLN B 51 -15.57 6.82 -13.84
CA GLN B 51 -15.98 8.15 -14.25
C GLN B 51 -14.88 9.16 -13.92
N ARG B 52 -14.31 9.03 -12.72
CA ARG B 52 -13.26 9.93 -12.26
C ARG B 52 -12.06 9.88 -13.19
N THR B 53 -11.62 8.66 -13.48
CA THR B 53 -10.39 8.43 -14.22
C THR B 53 -10.61 8.44 -15.73
N GLN B 54 -11.87 8.61 -16.13
CA GLN B 54 -12.25 8.52 -17.55
C GLN B 54 -11.88 7.14 -18.09
N ALA B 55 -12.04 6.13 -17.22
CA ALA B 55 -11.81 4.73 -17.54
C ALA B 55 -10.32 4.38 -17.61
N ASN B 56 -9.46 5.37 -17.37
CA ASN B 56 -8.02 5.13 -17.38
C ASN B 56 -7.61 4.37 -16.13
N LYS B 57 -7.40 3.06 -16.28
CA LYS B 57 -7.16 2.20 -15.14
C LYS B 57 -5.71 2.24 -14.66
N GLU B 58 -4.84 2.89 -15.41
CA GLU B 58 -3.46 3.07 -14.97
C GLU B 58 -3.30 4.39 -14.24
N THR B 59 -4.43 5.02 -13.95
CA THR B 59 -4.43 6.22 -13.14
C THR B 59 -4.13 5.88 -11.70
N THR B 60 -3.15 6.56 -11.12
CA THR B 60 -2.81 6.35 -9.73
C THR B 60 -3.84 7.01 -8.82
N ILE B 61 -4.65 6.18 -8.18
CA ILE B 61 -5.68 6.69 -7.29
C ILE B 61 -5.07 6.93 -5.90
N PHE B 62 -4.74 8.17 -5.60
CA PHE B 62 -4.19 8.51 -4.30
C PHE B 62 -5.26 8.36 -3.24
N PHE B 63 -5.15 7.34 -2.41
CA PHE B 63 -6.09 7.15 -1.34
C PHE B 63 -5.53 7.72 -0.05
N GLN B 64 -6.33 8.53 0.61
CA GLN B 64 -5.97 9.09 1.88
C GLN B 64 -6.84 8.48 2.96
N ALA B 65 -6.28 7.53 3.68
CA ALA B 65 -7.02 6.80 4.69
C ALA B 65 -6.74 7.36 6.06
N ASP B 66 -7.75 7.33 6.91
CA ASP B 66 -7.63 7.84 8.27
C ASP B 66 -6.76 6.90 9.09
N LYS B 67 -6.09 7.49 10.07
CA LYS B 67 -5.18 6.77 10.96
C LYS B 67 -5.85 5.57 11.62
N SER B 68 -7.17 5.60 11.74
CA SER B 68 -7.90 4.57 12.45
C SER B 68 -8.67 3.63 11.52
N VAL B 69 -8.39 3.65 10.22
CA VAL B 69 -8.99 2.65 9.35
C VAL B 69 -8.18 1.36 9.46
N ASP B 70 -8.86 0.23 9.44
CA ASP B 70 -8.21 -1.07 9.56
C ASP B 70 -7.75 -1.55 8.19
N TYR B 71 -6.69 -2.35 8.21
CA TYR B 71 -6.04 -2.87 7.01
C TYR B 71 -7.00 -3.72 6.17
N GLU B 72 -7.97 -4.36 6.81
CA GLU B 72 -8.95 -5.17 6.09
C GLU B 72 -9.83 -4.26 5.24
N THR B 73 -10.47 -3.29 5.88
CA THR B 73 -11.29 -2.31 5.17
C THR B 73 -10.52 -1.67 4.04
N LEU B 74 -9.35 -1.14 4.36
CA LEU B 74 -8.52 -0.45 3.38
C LEU B 74 -8.20 -1.36 2.20
N MET B 75 -7.81 -2.59 2.49
CA MET B 75 -7.45 -3.53 1.44
C MET B 75 -8.68 -3.93 0.64
N SER B 76 -9.82 -4.04 1.30
CA SER B 76 -11.05 -4.37 0.61
C SER B 76 -11.36 -3.27 -0.41
N VAL B 77 -11.06 -2.04 -0.05
CA VAL B 77 -11.26 -0.90 -0.94
C VAL B 77 -10.29 -0.96 -2.12
N MET B 78 -9.01 -1.14 -1.82
CA MET B 78 -7.97 -1.08 -2.85
C MET B 78 -7.96 -2.33 -3.72
N ASP B 79 -8.34 -3.46 -3.14
CA ASP B 79 -8.46 -4.71 -3.90
C ASP B 79 -9.62 -4.56 -4.89
N THR B 80 -10.61 -3.79 -4.51
CA THR B 80 -11.73 -3.48 -5.36
C THR B 80 -11.26 -2.68 -6.58
N LEU B 81 -10.33 -1.76 -6.36
CA LEU B 81 -9.73 -1.01 -7.46
C LEU B 81 -8.93 -1.95 -8.35
N ARG B 82 -8.22 -2.87 -7.70
CA ARG B 82 -7.42 -3.86 -8.40
C ARG B 82 -8.25 -4.68 -9.37
N LYS B 83 -9.43 -5.13 -8.92
CA LYS B 83 -10.29 -5.95 -9.76
C LYS B 83 -10.91 -5.12 -10.89
N ALA B 84 -10.92 -3.81 -10.72
CA ALA B 84 -11.40 -2.91 -11.76
C ALA B 84 -10.35 -2.75 -12.85
N GLY B 85 -9.13 -3.15 -12.52
CA GLY B 85 -8.03 -3.03 -13.45
C GLY B 85 -7.12 -1.87 -13.09
N TYR B 86 -7.36 -1.26 -11.94
CA TYR B 86 -6.51 -0.16 -11.49
C TYR B 86 -5.14 -0.68 -11.11
N LEU B 87 -4.22 -0.52 -12.04
CA LEU B 87 -2.87 -1.01 -11.88
C LEU B 87 -2.03 -0.06 -11.05
N LYS B 88 -2.59 1.11 -10.75
CA LYS B 88 -1.88 2.09 -9.94
C LYS B 88 -2.79 2.69 -8.86
N VAL B 89 -2.51 2.38 -7.62
CA VAL B 89 -3.14 3.07 -6.51
C VAL B 89 -2.06 3.83 -5.77
N GLY B 90 -2.42 4.85 -5.02
CA GLY B 90 -1.42 5.66 -4.36
C GLY B 90 -1.70 5.83 -2.89
N LEU B 91 -0.67 5.67 -2.08
CA LEU B 91 -0.83 5.82 -0.64
C LEU B 91 -0.05 7.02 -0.15
N VAL B 92 -0.74 7.91 0.53
CA VAL B 92 -0.11 9.06 1.13
C VAL B 92 0.41 8.68 2.52
N GLY B 93 1.73 8.64 2.65
CA GLY B 93 2.37 8.13 3.85
C GLY B 93 1.80 8.68 5.15
N MET B 94 0.99 7.85 5.80
CA MET B 94 0.39 8.18 7.10
C MET B 94 -0.37 9.50 7.03
N GLU B 95 -1.27 9.58 6.05
CA GLU B 95 -2.10 10.76 5.86
C GLU B 95 -1.24 12.03 5.83
N GLY B 96 -0.22 12.01 4.98
CA GLY B 96 0.64 13.17 4.82
C GLY B 96 -0.11 14.38 4.30
N ALA B 97 -1.23 14.12 3.64
CA ALA B 97 -2.10 15.17 3.17
C ALA B 97 -3.53 14.86 3.56
N ALA B 98 -4.17 15.81 4.23
CA ALA B 98 -5.55 15.63 4.67
C ALA B 98 -6.53 16.04 3.59
N LYS B 99 -7.66 15.36 3.54
CA LYS B 99 -8.68 15.64 2.54
C LYS B 99 -9.62 16.73 3.04
N VAL A 2 4.25 12.30 2.06
CA VAL A 2 4.83 11.65 0.85
C VAL A 2 3.77 10.91 0.06
N ASP A 3 3.90 10.98 -1.25
CA ASP A 3 3.00 10.29 -2.16
C ASP A 3 3.66 9.00 -2.63
N ILE A 4 2.95 7.87 -2.49
CA ILE A 4 3.50 6.59 -2.89
C ILE A 4 2.70 5.98 -4.02
N ARG A 5 3.39 5.37 -4.98
CA ARG A 5 2.75 4.74 -6.12
C ARG A 5 2.67 3.23 -5.92
N VAL A 6 1.46 2.70 -5.83
CA VAL A 6 1.25 1.28 -5.68
C VAL A 6 0.88 0.66 -7.02
N ASP A 7 1.52 -0.45 -7.38
CA ASP A 7 1.26 -1.13 -8.63
C ASP A 7 0.42 -2.38 -8.39
N LEU A 8 -0.88 -2.24 -8.62
CA LEU A 8 -1.84 -3.31 -8.38
C LEU A 8 -1.99 -4.18 -9.61
N PRO A 9 -2.02 -5.50 -9.45
CA PRO A 9 -2.28 -6.41 -10.55
C PRO A 9 -3.78 -6.59 -10.81
N ALA A 10 -4.18 -6.40 -12.05
CA ALA A 10 -5.57 -6.59 -12.44
C ALA A 10 -5.80 -8.03 -12.84
N SER A 11 -6.99 -8.54 -12.54
CA SER A 11 -7.33 -9.94 -12.81
C SER A 11 -6.48 -10.88 -11.96
N SER A 12 -5.88 -10.32 -10.91
CA SER A 12 -5.04 -11.06 -9.96
C SER A 12 -3.73 -11.53 -10.60
N ALA A 13 -2.62 -11.08 -10.03
CA ALA A 13 -1.29 -11.43 -10.51
C ALA A 13 -0.25 -11.03 -9.49
N LYS A 14 1.02 -11.18 -9.87
CA LYS A 14 2.12 -10.71 -9.05
C LYS A 14 3.09 -9.90 -9.90
N PRO A 15 3.12 -8.58 -9.70
CA PRO A 15 4.01 -7.68 -10.44
C PRO A 15 5.49 -8.02 -10.23
N GLN A 16 5.76 -8.72 -9.14
CA GLN A 16 7.10 -9.21 -8.85
C GLN A 16 7.11 -10.73 -8.88
N PRO A 17 7.58 -11.33 -9.98
CA PRO A 17 7.66 -12.79 -10.13
C PRO A 17 8.79 -13.39 -9.30
N ARG A 18 8.61 -13.33 -7.98
CA ARG A 18 9.57 -13.88 -7.02
C ARG A 18 10.94 -13.21 -7.19
N PRO A 19 11.18 -12.10 -6.46
CA PRO A 19 12.46 -11.38 -6.53
C PRO A 19 13.61 -12.25 -6.04
N GLU A 20 14.84 -11.83 -6.35
CA GLU A 20 16.02 -12.62 -6.03
C GLU A 20 16.08 -12.99 -4.54
N LYS A 21 15.97 -12.00 -3.66
CA LYS A 21 16.05 -12.23 -2.23
C LYS A 21 14.78 -11.73 -1.54
N PRO A 22 13.66 -12.46 -1.66
CA PRO A 22 12.38 -12.00 -1.14
C PRO A 22 12.32 -12.04 0.38
N VAL A 23 12.02 -10.90 0.98
CA VAL A 23 11.93 -10.80 2.42
C VAL A 23 10.47 -10.71 2.83
N PHE A 24 10.13 -11.44 3.89
CA PHE A 24 8.77 -11.47 4.37
C PHE A 24 8.67 -10.73 5.70
N LEU A 25 8.06 -9.56 5.65
CA LEU A 25 7.86 -8.72 6.82
C LEU A 25 6.43 -8.90 7.30
N SER A 26 6.19 -8.67 8.58
CA SER A 26 4.85 -8.79 9.11
C SER A 26 4.58 -7.76 10.20
N VAL A 27 3.37 -7.24 10.21
CA VAL A 27 2.92 -6.32 11.24
C VAL A 27 1.73 -6.93 11.97
N LYS A 28 1.92 -7.28 13.23
CA LYS A 28 0.89 -7.99 13.99
C LYS A 28 -0.10 -7.02 14.60
N ALA A 29 -1.24 -7.55 15.06
CA ALA A 29 -2.31 -6.73 15.61
C ALA A 29 -1.84 -5.93 16.83
N ASP A 30 -0.87 -6.47 17.54
CA ASP A 30 -0.31 -5.80 18.71
C ASP A 30 0.75 -4.77 18.30
N LYS A 31 0.77 -4.43 17.01
CA LYS A 31 1.68 -3.42 16.48
C LYS A 31 3.13 -3.86 16.61
N GLN A 32 3.34 -5.16 16.49
CA GLN A 32 4.67 -5.73 16.59
C GLN A 32 5.18 -6.10 15.19
N LEU A 33 6.31 -5.54 14.82
CA LEU A 33 6.93 -5.83 13.54
C LEU A 33 7.70 -7.15 13.63
N TYR A 34 7.56 -7.97 12.61
CA TYR A 34 8.28 -9.24 12.53
C TYR A 34 8.91 -9.39 11.15
N VAL A 35 10.22 -9.55 11.11
CA VAL A 35 10.90 -9.82 9.86
C VAL A 35 11.54 -11.20 9.91
N GLY A 36 11.04 -12.11 9.09
CA GLY A 36 11.47 -13.49 9.15
C GLY A 36 11.04 -14.14 10.46
N ASP A 37 11.97 -14.25 11.39
CA ASP A 37 11.68 -14.77 12.71
C ASP A 37 12.10 -13.76 13.78
N GLN A 38 12.49 -12.57 13.33
CA GLN A 38 13.04 -11.57 14.22
C GLN A 38 12.00 -10.49 14.53
N PRO A 39 11.64 -10.31 15.81
CA PRO A 39 10.79 -9.21 16.24
C PRO A 39 11.55 -7.90 16.20
N VAL A 40 11.04 -6.91 15.49
CA VAL A 40 11.74 -5.66 15.31
C VAL A 40 10.85 -4.45 15.55
N ASN A 41 11.49 -3.33 15.80
CA ASN A 41 10.82 -2.04 15.82
C ASN A 41 11.09 -1.34 14.49
N ALA A 42 10.52 -0.17 14.28
CA ALA A 42 10.72 0.55 13.04
C ALA A 42 12.20 0.85 12.80
N ASP A 43 12.87 1.31 13.85
CA ASP A 43 14.27 1.70 13.75
C ASP A 43 15.17 0.50 13.48
N GLN A 44 14.77 -0.66 14.00
CA GLN A 44 15.57 -1.87 13.82
C GLN A 44 15.17 -2.60 12.56
N LEU A 45 13.99 -2.26 12.04
CA LEU A 45 13.44 -2.88 10.85
C LEU A 45 14.41 -2.77 9.69
N THR A 46 14.77 -1.55 9.37
CA THR A 46 15.63 -1.26 8.24
C THR A 46 17.02 -1.86 8.44
N SER A 47 17.41 -1.98 9.70
CA SER A 47 18.72 -2.52 10.05
C SER A 47 18.76 -4.02 9.78
N VAL A 48 17.71 -4.72 10.17
CA VAL A 48 17.62 -6.15 9.94
C VAL A 48 17.26 -6.43 8.49
N LEU A 49 16.41 -5.57 7.93
CA LEU A 49 16.04 -5.65 6.53
C LEU A 49 17.27 -5.59 5.62
N ASP A 50 18.18 -4.69 5.95
CA ASP A 50 19.43 -4.54 5.19
C ASP A 50 20.20 -5.85 5.19
N GLN A 51 20.14 -6.57 6.31
CA GLN A 51 20.79 -7.86 6.43
C GLN A 51 20.03 -8.92 5.64
N ARG A 52 18.71 -8.77 5.60
CA ARG A 52 17.85 -9.73 4.91
C ARG A 52 18.08 -9.71 3.41
N THR A 53 18.07 -8.52 2.84
CA THR A 53 18.17 -8.36 1.40
C THR A 53 19.62 -8.27 0.94
N GLN A 54 20.53 -8.24 1.90
CA GLN A 54 21.95 -8.00 1.64
C GLN A 54 22.12 -6.62 1.02
N ALA A 55 21.33 -5.68 1.54
CA ALA A 55 21.36 -4.27 1.12
C ALA A 55 20.80 -4.08 -0.29
N ASN A 56 19.98 -5.02 -0.73
CA ASN A 56 19.30 -4.90 -2.01
C ASN A 56 17.98 -4.18 -1.80
N LYS A 57 18.02 -2.86 -1.89
CA LYS A 57 16.89 -2.01 -1.53
C LYS A 57 15.79 -2.01 -2.61
N GLU A 58 16.03 -2.69 -3.72
CA GLU A 58 15.03 -2.81 -4.77
C GLU A 58 14.22 -4.09 -4.57
N THR A 59 14.48 -4.77 -3.47
CA THR A 59 13.73 -5.96 -3.12
C THR A 59 12.33 -5.59 -2.63
N THR A 60 11.33 -6.25 -3.15
CA THR A 60 9.97 -6.05 -2.71
C THR A 60 9.73 -6.82 -1.42
N ILE A 61 9.61 -6.09 -0.32
CA ILE A 61 9.42 -6.71 0.98
C ILE A 61 7.93 -7.00 1.21
N PHE A 62 7.52 -8.23 0.97
CA PHE A 62 6.13 -8.62 1.17
C PHE A 62 5.79 -8.56 2.65
N PHE A 63 4.90 -7.65 3.04
CA PHE A 63 4.54 -7.50 4.43
C PHE A 63 3.18 -8.13 4.70
N GLN A 64 3.13 -8.93 5.76
CA GLN A 64 1.91 -9.55 6.20
C GLN A 64 1.37 -8.76 7.37
N ALA A 65 0.38 -7.92 7.13
CA ALA A 65 -0.21 -7.12 8.19
C ALA A 65 -1.53 -7.72 8.62
N ASP A 66 -1.73 -7.77 9.93
CA ASP A 66 -2.96 -8.30 10.49
C ASP A 66 -4.12 -7.38 10.16
N LYS A 67 -5.29 -7.96 10.03
CA LYS A 67 -6.50 -7.24 9.65
C LYS A 67 -6.80 -6.08 10.59
N SER A 68 -6.28 -6.14 11.81
CA SER A 68 -6.59 -5.14 12.81
C SER A 68 -5.42 -4.17 13.06
N VAL A 69 -4.41 -4.17 12.19
CA VAL A 69 -3.36 -3.15 12.31
C VAL A 69 -3.87 -1.84 11.74
N ASP A 70 -3.62 -0.76 12.45
CA ASP A 70 -4.02 0.57 11.99
C ASP A 70 -3.20 0.99 10.78
N TYR A 71 -3.87 1.65 9.85
CA TYR A 71 -3.22 2.24 8.68
C TYR A 71 -2.07 3.16 9.10
N GLU A 72 -2.21 3.75 10.28
CA GLU A 72 -1.14 4.57 10.85
C GLU A 72 0.06 3.71 11.22
N THR A 73 -0.20 2.60 11.91
CA THR A 73 0.85 1.66 12.28
C THR A 73 1.62 1.19 11.04
N LEU A 74 0.89 0.58 10.12
CA LEU A 74 1.47 -0.04 8.95
C LEU A 74 2.25 0.96 8.12
N MET A 75 1.67 2.11 7.87
CA MET A 75 2.31 3.12 7.05
C MET A 75 3.50 3.74 7.76
N SER A 76 3.50 3.73 9.08
CA SER A 76 4.65 4.19 9.83
C SER A 76 5.80 3.20 9.65
N VAL A 77 5.45 1.92 9.60
CA VAL A 77 6.41 0.86 9.35
C VAL A 77 7.04 1.02 7.97
N MET A 78 6.20 1.16 6.96
CA MET A 78 6.67 1.24 5.58
C MET A 78 7.30 2.60 5.29
N ASP A 79 6.88 3.62 6.03
CA ASP A 79 7.49 4.95 5.94
C ASP A 79 8.96 4.87 6.35
N THR A 80 9.22 4.00 7.31
CA THR A 80 10.57 3.79 7.80
C THR A 80 11.43 3.09 6.75
N LEU A 81 10.79 2.30 5.90
CA LEU A 81 11.50 1.60 4.83
C LEU A 81 11.97 2.59 3.77
N ARG A 82 11.28 3.72 3.67
CA ARG A 82 11.65 4.75 2.71
C ARG A 82 13.03 5.30 3.00
N LYS A 83 13.32 5.57 4.26
CA LYS A 83 14.62 6.12 4.64
C LYS A 83 15.72 5.08 4.48
N ALA A 84 15.33 3.81 4.43
CA ALA A 84 16.25 2.73 4.19
C ALA A 84 16.63 2.68 2.72
N GLY A 85 15.71 3.13 1.88
CA GLY A 85 15.94 3.09 0.45
C GLY A 85 15.11 2.02 -0.23
N TYR A 86 14.24 1.37 0.55
CA TYR A 86 13.38 0.33 0.00
C TYR A 86 12.31 0.93 -0.88
N LEU A 87 12.53 0.83 -2.17
CA LEU A 87 11.63 1.41 -3.15
C LEU A 87 10.46 0.47 -3.42
N LYS A 88 10.52 -0.75 -2.90
CA LYS A 88 9.45 -1.71 -3.14
C LYS A 88 9.05 -2.44 -1.86
N VAL A 89 7.81 -2.26 -1.46
CA VAL A 89 7.23 -3.07 -0.39
C VAL A 89 6.08 -3.87 -0.99
N GLY A 90 5.74 -4.99 -0.37
CA GLY A 90 4.76 -5.86 -0.98
C GLY A 90 3.46 -5.92 -0.22
N LEU A 91 2.40 -5.46 -0.85
CA LEU A 91 1.08 -5.45 -0.27
C LEU A 91 0.39 -6.79 -0.50
N VAL A 92 0.39 -7.64 0.52
CA VAL A 92 -0.31 -8.91 0.44
C VAL A 92 -1.81 -8.69 0.62
N GLY A 93 -2.57 -9.01 -0.42
CA GLY A 93 -4.00 -8.76 -0.44
C GLY A 93 -4.72 -9.32 0.76
N MET A 94 -4.93 -8.44 1.75
CA MET A 94 -5.66 -8.78 2.98
C MET A 94 -5.07 -10.02 3.63
N GLU A 95 -3.73 -10.05 3.71
CA GLU A 95 -3.01 -11.14 4.36
C GLU A 95 -3.50 -12.51 3.88
N GLY A 96 -3.67 -12.63 2.56
CA GLY A 96 -4.18 -13.86 2.00
C GLY A 96 -3.19 -15.00 2.09
N ALA A 97 -1.97 -14.77 1.62
CA ALA A 97 -0.93 -15.77 1.67
C ALA A 97 0.13 -15.39 2.69
N ALA A 98 -0.18 -15.62 3.96
CA ALA A 98 0.70 -15.24 5.05
C ALA A 98 1.61 -16.38 5.47
N LYS A 99 2.54 -16.09 6.36
CA LYS A 99 3.42 -17.10 6.91
C LYS A 99 2.73 -17.80 8.09
N VAL B 2 -3.40 -12.23 -3.43
CA VAL B 2 -2.67 -11.49 -4.48
C VAL B 2 -1.48 -10.75 -3.91
N ASP B 3 -0.40 -10.72 -4.67
CA ASP B 3 0.81 -10.00 -4.30
C ASP B 3 0.84 -8.66 -5.01
N ILE B 4 1.02 -7.58 -4.27
CA ILE B 4 1.05 -6.26 -4.86
C ILE B 4 2.41 -5.60 -4.67
N ARG B 5 2.88 -4.91 -5.70
CA ARG B 5 4.17 -4.23 -5.65
C ARG B 5 3.96 -2.73 -5.40
N VAL B 6 4.47 -2.27 -4.27
CA VAL B 6 4.38 -0.84 -3.94
C VAL B 6 5.71 -0.17 -4.23
N ASP B 7 5.66 0.98 -4.90
CA ASP B 7 6.86 1.74 -5.24
C ASP B 7 7.01 2.93 -4.31
N LEU B 8 7.85 2.77 -3.30
CA LEU B 8 8.08 3.79 -2.28
C LEU B 8 9.19 4.73 -2.71
N PRO B 9 9.01 6.03 -2.51
CA PRO B 9 10.07 7.00 -2.77
C PRO B 9 11.01 7.15 -1.57
N ALA B 10 12.30 7.02 -1.85
CA ALA B 10 13.32 7.18 -0.83
C ALA B 10 13.73 8.64 -0.73
N SER B 11 14.03 9.09 0.48
CA SER B 11 14.38 10.50 0.74
C SER B 11 13.18 11.41 0.47
N SER B 12 12.00 10.79 0.42
CA SER B 12 10.73 11.50 0.20
C SER B 12 10.63 12.06 -1.22
N ALA B 13 9.60 11.61 -1.94
CA ALA B 13 9.36 12.04 -3.31
C ALA B 13 7.97 11.61 -3.75
N LYS B 14 7.67 11.82 -5.02
CA LYS B 14 6.43 11.34 -5.60
C LYS B 14 6.73 10.63 -6.91
N PRO B 15 6.59 9.29 -6.94
CA PRO B 15 6.83 8.47 -8.12
C PRO B 15 5.91 8.86 -9.28
N GLN B 16 4.79 9.49 -8.94
CA GLN B 16 3.87 10.01 -9.95
C GLN B 16 3.83 11.53 -9.87
N PRO B 17 4.54 12.21 -10.78
CA PRO B 17 4.58 13.67 -10.83
C PRO B 17 3.27 14.26 -11.37
N ARG B 18 2.22 14.11 -10.57
CA ARG B 18 0.88 14.64 -10.91
C ARG B 18 0.38 14.02 -12.22
N PRO B 19 -0.32 12.88 -12.14
CA PRO B 19 -0.86 12.21 -13.33
C PRO B 19 -1.89 13.08 -14.06
N GLU B 20 -2.21 12.73 -15.29
CA GLU B 20 -3.10 13.53 -16.12
C GLU B 20 -4.44 13.82 -15.42
N LYS B 21 -5.11 12.77 -14.95
CA LYS B 21 -6.40 12.91 -14.31
C LYS B 21 -6.36 12.32 -12.89
N PRO B 22 -5.73 13.02 -11.93
CA PRO B 22 -5.53 12.48 -10.60
C PRO B 22 -6.83 12.43 -9.80
N VAL B 23 -7.16 11.24 -9.32
CA VAL B 23 -8.37 11.04 -8.54
C VAL B 23 -8.01 10.88 -7.07
N PHE B 24 -8.79 11.53 -6.21
CA PHE B 24 -8.54 11.48 -4.79
C PHE B 24 -9.62 10.66 -4.10
N LEU B 25 -9.23 9.47 -3.66
CA LEU B 25 -10.12 8.56 -2.97
C LEU B 25 -9.84 8.65 -1.48
N SER B 26 -10.83 8.34 -0.66
CA SER B 26 -10.64 8.39 0.77
C SER B 26 -11.41 7.27 1.47
N VAL B 27 -10.80 6.72 2.51
CA VAL B 27 -11.45 5.72 3.35
C VAL B 27 -11.52 6.24 4.77
N LYS B 28 -12.73 6.52 5.24
CA LYS B 28 -12.90 7.15 6.54
C LYS B 28 -12.91 6.10 7.66
N ALA B 29 -12.78 6.56 8.90
CA ALA B 29 -12.70 5.66 10.05
C ALA B 29 -13.96 4.82 10.19
N ASP B 30 -15.08 5.34 9.72
CA ASP B 30 -16.35 4.62 9.76
C ASP B 30 -16.47 3.65 8.58
N LYS B 31 -15.34 3.40 7.91
CA LYS B 31 -15.28 2.45 6.80
C LYS B 31 -16.13 2.92 5.63
N GLN B 32 -16.18 4.23 5.47
CA GLN B 32 -16.94 4.85 4.39
C GLN B 32 -16.00 5.32 3.29
N LEU B 33 -16.20 4.82 2.10
CA LEU B 33 -15.40 5.22 0.95
C LEU B 33 -15.91 6.55 0.39
N TYR B 34 -14.99 7.43 0.07
CA TYR B 34 -15.31 8.72 -0.52
C TYR B 34 -14.43 8.99 -1.74
N VAL B 35 -15.05 9.20 -2.88
CA VAL B 35 -14.30 9.57 -4.07
C VAL B 35 -14.71 10.96 -4.51
N GLY B 36 -13.78 11.91 -4.41
CA GLY B 36 -14.10 13.29 -4.67
C GLY B 36 -15.05 13.84 -3.62
N ASP B 37 -16.33 13.93 -3.98
CA ASP B 37 -17.36 14.35 -3.03
C ASP B 37 -18.45 13.28 -2.93
N GLN B 38 -18.21 12.15 -3.58
CA GLN B 38 -19.21 11.11 -3.69
C GLN B 38 -18.92 9.97 -2.70
N PRO B 39 -19.86 9.71 -1.77
CA PRO B 39 -19.78 8.55 -0.89
C PRO B 39 -20.08 7.26 -1.66
N VAL B 40 -19.16 6.31 -1.61
CA VAL B 40 -19.31 5.09 -2.39
C VAL B 40 -19.03 3.85 -1.58
N ASN B 41 -19.51 2.73 -2.08
CA ASN B 41 -19.15 1.42 -1.56
C ASN B 41 -18.10 0.82 -2.48
N ALA B 42 -17.59 -0.36 -2.15
CA ALA B 42 -16.58 -0.99 -2.99
C ALA B 42 -17.09 -1.22 -4.40
N ASP B 43 -18.31 -1.71 -4.50
CA ASP B 43 -18.91 -2.06 -5.80
C ASP B 43 -19.16 -0.81 -6.64
N GLN B 44 -19.45 0.31 -5.98
CA GLN B 44 -19.74 1.55 -6.68
C GLN B 44 -18.46 2.34 -6.91
N LEU B 45 -17.43 2.00 -6.15
CA LEU B 45 -16.14 2.67 -6.22
C LEU B 45 -15.60 2.66 -7.63
N THR B 46 -15.45 1.48 -8.18
CA THR B 46 -14.89 1.30 -9.50
C THR B 46 -15.76 1.93 -10.57
N SER B 47 -17.06 1.98 -10.30
CA SER B 47 -18.03 2.55 -11.23
C SER B 47 -17.87 4.06 -11.32
N VAL B 48 -17.72 4.69 -10.16
CA VAL B 48 -17.53 6.13 -10.09
C VAL B 48 -16.10 6.49 -10.49
N LEU B 49 -15.18 5.64 -10.07
CA LEU B 49 -13.76 5.79 -10.43
C LEU B 49 -13.58 5.84 -11.94
N ASP B 50 -14.28 4.95 -12.64
CA ASP B 50 -14.23 4.89 -14.10
C ASP B 50 -14.66 6.23 -14.70
N GLN B 51 -15.63 6.86 -14.04
CA GLN B 51 -16.10 8.17 -14.47
C GLN B 51 -15.09 9.26 -14.13
N ARG B 52 -14.38 9.06 -13.01
CA ARG B 52 -13.40 10.03 -12.54
C ARG B 52 -12.20 10.11 -13.48
N THR B 53 -11.66 8.95 -13.82
CA THR B 53 -10.45 8.89 -14.62
C THR B 53 -10.75 8.88 -16.11
N GLN B 54 -12.04 8.82 -16.44
CA GLN B 54 -12.49 8.65 -17.81
C GLN B 54 -11.99 7.32 -18.34
N ALA B 55 -12.02 6.31 -17.46
CA ALA B 55 -11.61 4.94 -17.78
C ALA B 55 -10.11 4.82 -17.99
N ASN B 56 -9.36 5.76 -17.43
CA ASN B 56 -7.91 5.69 -17.48
C ASN B 56 -7.41 4.92 -16.26
N LYS B 57 -7.29 3.61 -16.43
CA LYS B 57 -7.03 2.70 -15.32
C LYS B 57 -5.55 2.73 -14.89
N GLU B 58 -4.73 3.48 -15.62
CA GLU B 58 -3.34 3.64 -15.24
C GLU B 58 -3.16 4.88 -14.36
N THR B 59 -4.27 5.49 -14.00
CA THR B 59 -4.25 6.63 -13.11
C THR B 59 -3.98 6.18 -11.68
N THR B 60 -3.05 6.85 -11.02
CA THR B 60 -2.77 6.56 -9.63
C THR B 60 -3.80 7.24 -8.73
N ILE B 61 -4.67 6.45 -8.14
CA ILE B 61 -5.73 6.98 -7.30
C ILE B 61 -5.21 7.20 -5.89
N PHE B 62 -4.83 8.43 -5.57
CA PHE B 62 -4.35 8.75 -4.22
C PHE B 62 -5.47 8.58 -3.22
N PHE B 63 -5.34 7.62 -2.31
CA PHE B 63 -6.37 7.38 -1.33
C PHE B 63 -5.95 7.95 0.02
N GLN B 64 -6.88 8.66 0.63
CA GLN B 64 -6.69 9.21 1.95
C GLN B 64 -7.42 8.33 2.96
N ALA B 65 -6.69 7.49 3.64
CA ALA B 65 -7.29 6.60 4.61
C ALA B 65 -7.04 7.12 6.02
N ASP B 66 -8.08 7.08 6.84
CA ASP B 66 -7.98 7.54 8.22
C ASP B 66 -7.09 6.60 9.01
N LYS B 67 -6.42 7.15 10.01
CA LYS B 67 -5.47 6.41 10.82
C LYS B 67 -6.09 5.19 11.47
N SER B 68 -7.42 5.19 11.62
CA SER B 68 -8.10 4.11 12.31
C SER B 68 -8.85 3.17 11.37
N VAL B 69 -8.60 3.26 10.05
CA VAL B 69 -9.18 2.27 9.14
C VAL B 69 -8.37 0.98 9.22
N ASP B 70 -9.08 -0.13 9.29
CA ASP B 70 -8.43 -1.44 9.33
C ASP B 70 -7.77 -1.75 8.01
N TYR B 71 -6.59 -2.39 8.08
CA TYR B 71 -5.88 -2.87 6.91
C TYR B 71 -6.77 -3.78 6.07
N GLU B 72 -7.72 -4.44 6.72
CA GLU B 72 -8.70 -5.26 6.02
C GLU B 72 -9.65 -4.38 5.21
N THR B 73 -10.16 -3.33 5.83
CA THR B 73 -11.03 -2.38 5.16
C THR B 73 -10.36 -1.80 3.92
N LEU B 74 -9.21 -1.17 4.15
CA LEU B 74 -8.51 -0.45 3.11
C LEU B 74 -8.13 -1.37 1.95
N MET B 75 -7.58 -2.53 2.27
CA MET B 75 -7.15 -3.46 1.25
C MET B 75 -8.31 -4.07 0.52
N SER B 76 -9.47 -4.15 1.17
CA SER B 76 -10.68 -4.62 0.50
C SER B 76 -11.11 -3.59 -0.53
N VAL B 77 -10.96 -2.31 -0.16
CA VAL B 77 -11.25 -1.20 -1.06
C VAL B 77 -10.35 -1.26 -2.29
N MET B 78 -9.05 -1.36 -2.07
CA MET B 78 -8.07 -1.34 -3.15
C MET B 78 -8.08 -2.65 -3.92
N ASP B 79 -8.48 -3.73 -3.25
CA ASP B 79 -8.65 -5.03 -3.91
C ASP B 79 -9.74 -4.94 -4.98
N THR B 80 -10.73 -4.12 -4.70
CA THR B 80 -11.83 -3.90 -5.61
C THR B 80 -11.37 -3.10 -6.84
N LEU B 81 -10.34 -2.28 -6.64
CA LEU B 81 -9.79 -1.49 -7.75
C LEU B 81 -9.05 -2.39 -8.74
N ARG B 82 -8.59 -3.54 -8.25
CA ARG B 82 -7.88 -4.49 -9.11
C ARG B 82 -8.80 -5.01 -10.21
N LYS B 83 -10.04 -5.34 -9.85
CA LYS B 83 -10.98 -5.88 -10.82
C LYS B 83 -11.43 -4.79 -11.79
N ALA B 84 -11.23 -3.55 -11.40
CA ALA B 84 -11.52 -2.41 -12.26
C ALA B 84 -10.43 -2.26 -13.30
N GLY B 85 -9.22 -2.68 -12.95
CA GLY B 85 -8.10 -2.55 -13.84
C GLY B 85 -7.14 -1.46 -13.39
N TYR B 86 -7.41 -0.89 -12.21
CA TYR B 86 -6.55 0.16 -11.66
C TYR B 86 -5.24 -0.43 -11.20
N LEU B 87 -4.22 -0.23 -12.01
CA LEU B 87 -2.91 -0.79 -11.75
C LEU B 87 -2.13 0.12 -10.80
N LYS B 88 -2.67 1.31 -10.52
CA LYS B 88 -1.97 2.24 -9.65
C LYS B 88 -2.91 2.88 -8.63
N VAL B 89 -2.65 2.63 -7.36
CA VAL B 89 -3.32 3.35 -6.30
C VAL B 89 -2.27 4.14 -5.53
N GLY B 90 -2.67 5.21 -4.87
CA GLY B 90 -1.71 6.10 -4.26
C GLY B 90 -1.73 6.06 -2.75
N LEU B 91 -0.63 5.61 -2.17
CA LEU B 91 -0.49 5.52 -0.73
C LEU B 91 -0.01 6.84 -0.16
N VAL B 92 -0.93 7.62 0.39
CA VAL B 92 -0.56 8.87 1.03
C VAL B 92 0.03 8.59 2.41
N GLY B 93 1.30 8.95 2.58
CA GLY B 93 2.02 8.65 3.80
C GLY B 93 1.31 9.10 5.06
N MET B 94 0.59 8.17 5.67
CA MET B 94 -0.13 8.40 6.92
C MET B 94 -1.06 9.61 6.79
N GLU B 95 -1.78 9.68 5.68
CA GLU B 95 -2.75 10.75 5.43
C GLU B 95 -2.12 12.13 5.69
N GLY B 96 -0.90 12.32 5.22
CA GLY B 96 -0.19 13.57 5.46
C GLY B 96 -0.82 14.74 4.71
N ALA B 97 -1.00 14.57 3.41
CA ALA B 97 -1.59 15.61 2.59
C ALA B 97 -2.98 15.20 2.14
N ALA B 98 -3.95 15.35 3.05
CA ALA B 98 -5.31 14.92 2.79
C ALA B 98 -6.16 16.07 2.28
N LYS B 99 -7.39 15.75 1.88
CA LYS B 99 -8.33 16.75 1.45
C LYS B 99 -9.05 17.35 2.65
N VAL A 2 4.27 12.31 1.28
CA VAL A 2 4.85 11.61 0.11
C VAL A 2 3.77 10.95 -0.72
N ASP A 3 3.92 11.05 -2.03
CA ASP A 3 3.01 10.42 -2.97
C ASP A 3 3.59 9.11 -3.46
N ILE A 4 2.98 8.00 -3.11
CA ILE A 4 3.52 6.70 -3.49
C ILE A 4 2.67 6.04 -4.57
N ARG A 5 3.34 5.49 -5.57
CA ARG A 5 2.65 4.80 -6.65
C ARG A 5 2.74 3.29 -6.45
N VAL A 6 1.59 2.65 -6.37
CA VAL A 6 1.53 1.20 -6.21
C VAL A 6 1.24 0.54 -7.54
N ASP A 7 1.89 -0.57 -7.83
CA ASP A 7 1.67 -1.31 -9.07
C ASP A 7 0.88 -2.58 -8.77
N LEU A 8 -0.43 -2.51 -8.98
CA LEU A 8 -1.32 -3.62 -8.72
C LEU A 8 -1.53 -4.44 -9.98
N PRO A 9 -1.35 -5.76 -9.90
CA PRO A 9 -1.63 -6.63 -11.03
C PRO A 9 -3.10 -7.03 -11.11
N ALA A 10 -3.69 -6.84 -12.27
CA ALA A 10 -5.08 -7.22 -12.47
C ALA A 10 -5.17 -8.71 -12.79
N SER A 11 -6.24 -9.34 -12.31
CA SER A 11 -6.45 -10.78 -12.51
C SER A 11 -5.38 -11.60 -11.80
N SER A 12 -4.73 -10.97 -10.82
CA SER A 12 -3.71 -11.61 -9.97
C SER A 12 -2.42 -11.86 -10.75
N ALA A 13 -1.30 -11.49 -10.13
CA ALA A 13 0.02 -11.67 -10.71
C ALA A 13 1.08 -11.27 -9.69
N LYS A 14 2.33 -11.27 -10.11
CA LYS A 14 3.43 -10.88 -9.25
C LYS A 14 4.47 -10.10 -10.06
N PRO A 15 4.44 -8.76 -9.94
CA PRO A 15 5.34 -7.87 -10.69
C PRO A 15 6.82 -8.24 -10.51
N GLN A 16 7.14 -8.75 -9.33
CA GLN A 16 8.45 -9.34 -9.10
C GLN A 16 8.28 -10.83 -8.85
N PRO A 17 8.48 -11.65 -9.89
CA PRO A 17 8.32 -13.11 -9.80
C PRO A 17 9.30 -13.75 -8.85
N ARG A 18 8.96 -13.72 -7.56
CA ARG A 18 9.77 -14.31 -6.50
C ARG A 18 11.23 -13.83 -6.61
N PRO A 19 11.51 -12.59 -6.15
CA PRO A 19 12.86 -12.01 -6.20
C PRO A 19 13.89 -12.88 -5.51
N GLU A 20 15.15 -12.72 -5.93
CA GLU A 20 16.24 -13.56 -5.45
C GLU A 20 16.58 -13.30 -3.98
N LYS A 21 16.11 -12.17 -3.46
CA LYS A 21 16.29 -11.83 -2.05
C LYS A 21 14.93 -11.45 -1.45
N PRO A 22 14.01 -12.42 -1.29
CA PRO A 22 12.65 -12.11 -0.87
C PRO A 22 12.53 -11.99 0.65
N VAL A 23 12.03 -10.85 1.09
CA VAL A 23 11.80 -10.61 2.50
C VAL A 23 10.32 -10.54 2.82
N PHE A 24 9.93 -11.15 3.91
CA PHE A 24 8.54 -11.14 4.35
C PHE A 24 8.43 -10.40 5.67
N LEU A 25 7.82 -9.24 5.63
CA LEU A 25 7.62 -8.43 6.82
C LEU A 25 6.18 -8.60 7.29
N SER A 26 5.92 -8.42 8.56
CA SER A 26 4.58 -8.57 9.07
C SER A 26 4.29 -7.63 10.23
N VAL A 27 3.08 -7.09 10.24
CA VAL A 27 2.61 -6.28 11.34
C VAL A 27 1.43 -6.99 12.00
N LYS A 28 1.62 -7.45 13.23
CA LYS A 28 0.61 -8.28 13.89
C LYS A 28 -0.42 -7.41 14.60
N ALA A 29 -1.51 -8.02 15.06
CA ALA A 29 -2.63 -7.28 15.65
C ALA A 29 -2.20 -6.34 16.76
N ASP A 30 -1.24 -6.78 17.58
CA ASP A 30 -0.77 -5.97 18.70
C ASP A 30 0.26 -4.94 18.25
N LYS A 31 0.30 -4.70 16.93
CA LYS A 31 1.16 -3.68 16.33
C LYS A 31 2.63 -4.03 16.51
N GLN A 32 2.94 -5.32 16.41
CA GLN A 32 4.31 -5.78 16.51
C GLN A 32 4.85 -6.12 15.13
N LEU A 33 6.08 -5.72 14.87
CA LEU A 33 6.72 -5.98 13.59
C LEU A 33 7.50 -7.29 13.64
N TYR A 34 7.32 -8.11 12.61
CA TYR A 34 8.07 -9.35 12.48
C TYR A 34 8.64 -9.46 11.07
N VAL A 35 9.95 -9.49 10.96
CA VAL A 35 10.59 -9.70 9.67
C VAL A 35 11.22 -11.08 9.63
N GLY A 36 10.63 -11.95 8.81
CA GLY A 36 11.05 -13.34 8.79
C GLY A 36 10.79 -14.02 10.12
N ASP A 37 11.84 -14.18 10.92
CA ASP A 37 11.71 -14.78 12.24
C ASP A 37 12.28 -13.84 13.30
N GLN A 38 12.44 -12.57 12.94
CA GLN A 38 13.00 -11.58 13.84
C GLN A 38 11.94 -10.56 14.26
N PRO A 39 11.63 -10.48 15.57
CA PRO A 39 10.76 -9.43 16.10
C PRO A 39 11.48 -8.09 16.13
N VAL A 40 10.91 -7.09 15.48
CA VAL A 40 11.58 -5.80 15.34
C VAL A 40 10.65 -4.64 15.62
N ASN A 41 11.27 -3.51 15.91
CA ASN A 41 10.58 -2.23 15.93
C ASN A 41 11.01 -1.46 14.69
N ALA A 42 10.34 -0.37 14.38
CA ALA A 42 10.62 0.39 13.16
C ALA A 42 12.10 0.75 13.04
N ASP A 43 12.69 1.20 14.13
CA ASP A 43 14.08 1.65 14.13
C ASP A 43 15.06 0.49 13.87
N GLN A 44 14.65 -0.71 14.24
CA GLN A 44 15.50 -1.89 14.05
C GLN A 44 15.11 -2.62 12.77
N LEU A 45 13.97 -2.23 12.21
CA LEU A 45 13.40 -2.86 11.04
C LEU A 45 14.37 -2.80 9.87
N THR A 46 14.76 -1.60 9.52
CA THR A 46 15.62 -1.37 8.37
C THR A 46 16.98 -2.02 8.55
N SER A 47 17.41 -2.11 9.81
CA SER A 47 18.69 -2.72 10.14
C SER A 47 18.67 -4.21 9.82
N VAL A 48 17.56 -4.86 10.19
CA VAL A 48 17.41 -6.28 9.94
C VAL A 48 17.07 -6.51 8.47
N LEU A 49 16.32 -5.58 7.90
CA LEU A 49 15.98 -5.62 6.49
C LEU A 49 17.23 -5.65 5.62
N ASP A 50 18.22 -4.83 5.96
CA ASP A 50 19.51 -4.86 5.25
C ASP A 50 20.16 -6.23 5.37
N GLN A 51 19.89 -6.91 6.46
CA GLN A 51 20.44 -8.25 6.69
C GLN A 51 19.62 -9.30 5.94
N ARG A 52 18.40 -8.94 5.58
CA ARG A 52 17.51 -9.86 4.86
C ARG A 52 17.68 -9.70 3.36
N THR A 53 17.66 -8.46 2.89
CA THR A 53 17.75 -8.18 1.47
C THR A 53 19.20 -8.16 1.00
N GLN A 54 20.12 -8.23 1.97
CA GLN A 54 21.54 -8.04 1.71
C GLN A 54 21.78 -6.63 1.21
N ALA A 55 20.95 -5.72 1.69
CA ALA A 55 21.00 -4.29 1.36
C ALA A 55 20.55 -4.04 -0.08
N ASN A 56 19.72 -4.93 -0.61
CA ASN A 56 19.11 -4.73 -1.91
C ASN A 56 17.79 -3.99 -1.73
N LYS A 57 17.86 -2.67 -1.80
CA LYS A 57 16.74 -1.81 -1.43
C LYS A 57 15.64 -1.76 -2.49
N GLU A 58 15.86 -2.39 -3.63
CA GLU A 58 14.83 -2.46 -4.66
C GLU A 58 14.09 -3.80 -4.58
N THR A 59 14.26 -4.48 -3.48
CA THR A 59 13.53 -5.69 -3.19
C THR A 59 12.14 -5.37 -2.69
N THR A 60 11.13 -5.99 -3.28
CA THR A 60 9.77 -5.83 -2.80
C THR A 60 9.60 -6.59 -1.49
N ILE A 61 9.47 -5.85 -0.39
CA ILE A 61 9.29 -6.47 0.90
C ILE A 61 7.81 -6.79 1.10
N PHE A 62 7.44 -8.04 0.86
CA PHE A 62 6.05 -8.46 1.02
C PHE A 62 5.68 -8.42 2.49
N PHE A 63 4.86 -7.45 2.87
CA PHE A 63 4.46 -7.35 4.25
C PHE A 63 3.06 -7.93 4.45
N GLN A 64 2.93 -8.72 5.49
CA GLN A 64 1.66 -9.31 5.83
C GLN A 64 1.17 -8.68 7.13
N ALA A 65 0.25 -7.76 7.03
CA ALA A 65 -0.28 -7.07 8.18
C ALA A 65 -1.60 -7.69 8.58
N ASP A 66 -1.85 -7.73 9.89
CA ASP A 66 -3.08 -8.32 10.40
C ASP A 66 -4.26 -7.43 10.09
N LYS A 67 -5.40 -8.08 9.92
CA LYS A 67 -6.66 -7.43 9.56
C LYS A 67 -7.00 -6.27 10.50
N SER A 68 -6.52 -6.32 11.74
CA SER A 68 -6.88 -5.32 12.72
C SER A 68 -5.74 -4.34 13.03
N VAL A 69 -4.68 -4.30 12.22
CA VAL A 69 -3.67 -3.27 12.41
C VAL A 69 -4.15 -1.96 11.79
N ASP A 70 -3.93 -0.88 12.50
CA ASP A 70 -4.31 0.44 12.01
C ASP A 70 -3.42 0.84 10.85
N TYR A 71 -4.02 1.47 9.85
CA TYR A 71 -3.31 1.99 8.69
C TYR A 71 -2.18 2.93 9.11
N GLU A 72 -2.36 3.61 10.23
CA GLU A 72 -1.33 4.47 10.79
C GLU A 72 -0.11 3.64 11.19
N THR A 73 -0.34 2.59 11.96
CA THR A 73 0.71 1.66 12.37
C THR A 73 1.47 1.17 11.15
N LEU A 74 0.74 0.63 10.19
CA LEU A 74 1.32 0.06 9.00
C LEU A 74 2.16 1.07 8.24
N MET A 75 1.62 2.28 8.08
CA MET A 75 2.32 3.31 7.35
C MET A 75 3.57 3.76 8.09
N SER A 76 3.53 3.75 9.41
CA SER A 76 4.71 4.07 10.19
C SER A 76 5.81 3.07 9.90
N VAL A 77 5.41 1.80 9.78
CA VAL A 77 6.34 0.72 9.48
C VAL A 77 6.91 0.85 8.07
N MET A 78 6.04 1.02 7.09
CA MET A 78 6.45 1.03 5.69
C MET A 78 7.16 2.34 5.32
N ASP A 79 6.78 3.42 6.00
CA ASP A 79 7.46 4.70 5.82
C ASP A 79 8.90 4.59 6.31
N THR A 80 9.11 3.70 7.28
CA THR A 80 10.44 3.43 7.79
C THR A 80 11.28 2.71 6.74
N LEU A 81 10.66 1.80 6.00
CA LEU A 81 11.34 1.12 4.91
C LEU A 81 11.72 2.12 3.83
N ARG A 82 10.84 3.08 3.60
CA ARG A 82 11.06 4.12 2.60
C ARG A 82 12.32 4.93 2.90
N LYS A 83 12.54 5.26 4.17
CA LYS A 83 13.71 6.05 4.55
C LYS A 83 14.99 5.22 4.43
N ALA A 84 14.83 3.91 4.47
CA ALA A 84 15.95 3.00 4.28
C ALA A 84 16.35 2.96 2.82
N GLY A 85 15.43 3.35 1.96
CA GLY A 85 15.68 3.33 0.53
C GLY A 85 14.92 2.22 -0.15
N TYR A 86 14.04 1.55 0.60
CA TYR A 86 13.21 0.50 0.02
C TYR A 86 12.18 1.09 -0.92
N LEU A 87 12.51 1.02 -2.20
CA LEU A 87 11.68 1.60 -3.23
C LEU A 87 10.54 0.66 -3.58
N LYS A 88 10.57 -0.55 -3.03
CA LYS A 88 9.51 -1.52 -3.28
C LYS A 88 9.06 -2.21 -1.99
N VAL A 89 7.80 -2.00 -1.63
CA VAL A 89 7.19 -2.78 -0.56
C VAL A 89 6.04 -3.59 -1.15
N GLY A 90 5.61 -4.63 -0.47
CA GLY A 90 4.62 -5.52 -1.06
C GLY A 90 3.33 -5.58 -0.30
N LEU A 91 2.24 -5.22 -0.97
CA LEU A 91 0.91 -5.31 -0.38
C LEU A 91 0.37 -6.71 -0.58
N VAL A 92 0.43 -7.53 0.46
CA VAL A 92 -0.20 -8.83 0.40
C VAL A 92 -1.70 -8.65 0.61
N GLY A 93 -2.44 -8.73 -0.49
CA GLY A 93 -3.86 -8.39 -0.52
C GLY A 93 -4.67 -9.02 0.61
N MET A 94 -4.88 -8.24 1.67
CA MET A 94 -5.68 -8.67 2.82
C MET A 94 -5.17 -10.00 3.35
N GLU A 95 -3.86 -10.07 3.59
CA GLU A 95 -3.22 -11.27 4.11
C GLU A 95 -3.57 -12.48 3.24
N GLY A 96 -3.48 -12.29 1.93
CA GLY A 96 -3.76 -13.37 1.00
C GLY A 96 -2.83 -14.54 1.19
N ALA A 97 -1.62 -14.25 1.64
CA ALA A 97 -0.63 -15.27 1.93
C ALA A 97 0.00 -15.00 3.29
N ALA A 98 0.46 -16.06 3.94
CA ALA A 98 1.11 -15.93 5.23
C ALA A 98 2.40 -16.73 5.25
N LYS A 99 3.37 -16.27 6.01
CA LYS A 99 4.65 -16.95 6.12
C LYS A 99 4.58 -18.08 7.15
N VAL B 2 -2.77 -12.21 -3.83
CA VAL B 2 -2.06 -11.41 -4.87
C VAL B 2 -0.83 -10.74 -4.30
N ASP B 3 0.24 -10.75 -5.07
CA ASP B 3 1.48 -10.10 -4.69
C ASP B 3 1.57 -8.75 -5.37
N ILE B 4 1.54 -7.68 -4.60
CA ILE B 4 1.54 -6.35 -5.17
C ILE B 4 2.88 -5.64 -4.92
N ARG B 5 3.40 -5.01 -5.95
CA ARG B 5 4.66 -4.27 -5.84
C ARG B 5 4.39 -2.79 -5.72
N VAL B 6 4.85 -2.19 -4.64
CA VAL B 6 4.69 -0.76 -4.43
C VAL B 6 5.98 -0.02 -4.78
N ASP B 7 5.86 1.12 -5.43
CA ASP B 7 7.02 1.93 -5.79
C ASP B 7 7.11 3.15 -4.88
N LEU B 8 7.94 3.05 -3.85
CA LEU B 8 8.10 4.11 -2.88
C LEU B 8 9.27 4.99 -3.27
N PRO B 9 9.08 6.31 -3.30
CA PRO B 9 10.15 7.23 -3.56
C PRO B 9 10.92 7.59 -2.28
N ALA B 10 12.24 7.45 -2.34
CA ALA B 10 13.07 7.79 -1.21
C ALA B 10 13.36 9.28 -1.20
N SER B 11 13.43 9.86 0.00
CA SER B 11 13.67 11.29 0.17
C SER B 11 12.49 12.12 -0.36
N SER B 12 11.34 11.45 -0.48
CA SER B 12 10.09 12.07 -0.92
C SER B 12 10.11 12.41 -2.41
N ALA B 13 9.03 12.04 -3.10
CA ALA B 13 8.87 12.31 -4.52
C ALA B 13 7.48 11.89 -4.96
N LYS B 14 7.25 11.96 -6.25
CA LYS B 14 5.97 11.55 -6.82
C LYS B 14 6.19 10.86 -8.16
N PRO B 15 6.15 9.51 -8.17
CA PRO B 15 6.40 8.71 -9.38
C PRO B 15 5.50 9.11 -10.55
N GLN B 16 4.30 9.56 -10.23
CA GLN B 16 3.43 10.18 -11.22
C GLN B 16 3.24 11.64 -10.85
N PRO B 17 4.01 12.54 -11.49
CA PRO B 17 3.97 13.98 -11.20
C PRO B 17 2.63 14.60 -11.55
N ARG B 18 1.68 14.48 -10.63
CA ARG B 18 0.34 15.03 -10.79
C ARG B 18 -0.27 14.61 -12.13
N PRO B 19 -0.75 13.36 -12.23
CA PRO B 19 -1.34 12.83 -13.47
C PRO B 19 -2.49 13.69 -13.98
N GLU B 20 -2.74 13.60 -15.29
CA GLU B 20 -3.72 14.46 -15.95
C GLU B 20 -5.16 14.11 -15.55
N LYS B 21 -5.35 12.93 -14.96
CA LYS B 21 -6.63 12.52 -14.44
C LYS B 21 -6.48 12.06 -13.00
N PRO B 22 -6.20 12.97 -12.05
CA PRO B 22 -5.90 12.60 -10.68
C PRO B 22 -7.15 12.36 -9.84
N VAL B 23 -7.25 11.18 -9.26
CA VAL B 23 -8.37 10.85 -8.39
C VAL B 23 -7.90 10.70 -6.95
N PHE B 24 -8.68 11.24 -6.03
CA PHE B 24 -8.38 11.14 -4.61
C PHE B 24 -9.46 10.33 -3.91
N LEU B 25 -9.08 9.15 -3.48
CA LEU B 25 -9.98 8.25 -2.77
C LEU B 25 -9.69 8.36 -1.28
N SER B 26 -10.67 8.08 -0.44
CA SER B 26 -10.45 8.15 0.98
C SER B 26 -11.28 7.13 1.73
N VAL B 27 -10.68 6.55 2.77
CA VAL B 27 -11.38 5.66 3.67
C VAL B 27 -11.41 6.28 5.05
N LYS B 28 -12.58 6.67 5.51
CA LYS B 28 -12.69 7.41 6.77
C LYS B 28 -12.77 6.47 7.96
N ALA B 29 -12.67 7.02 9.18
CA ALA B 29 -12.59 6.20 10.39
C ALA B 29 -13.75 5.21 10.50
N ASP B 30 -14.94 5.63 10.09
CA ASP B 30 -16.12 4.77 10.17
C ASP B 30 -16.19 3.81 9.00
N LYS B 31 -15.07 3.65 8.31
CA LYS B 31 -14.94 2.70 7.20
C LYS B 31 -15.82 3.09 6.02
N GLN B 32 -15.93 4.39 5.79
CA GLN B 32 -16.71 4.90 4.67
C GLN B 32 -15.78 5.35 3.55
N LEU B 33 -16.14 5.00 2.32
CA LEU B 33 -15.35 5.36 1.16
C LEU B 33 -15.82 6.70 0.59
N TYR B 34 -14.88 7.58 0.30
CA TYR B 34 -15.17 8.85 -0.35
C TYR B 34 -14.23 9.06 -1.53
N VAL B 35 -14.77 9.15 -2.72
CA VAL B 35 -13.97 9.45 -3.88
C VAL B 35 -14.29 10.86 -4.37
N GLY B 36 -13.33 11.77 -4.20
CA GLY B 36 -13.56 13.16 -4.49
C GLY B 36 -14.62 13.75 -3.57
N ASP B 37 -15.83 13.89 -4.08
CA ASP B 37 -16.95 14.40 -3.29
C ASP B 37 -18.12 13.42 -3.33
N GLN B 38 -17.83 12.18 -3.72
CA GLN B 38 -18.86 11.16 -3.83
C GLN B 38 -18.66 10.08 -2.77
N PRO B 39 -19.64 9.90 -1.87
CA PRO B 39 -19.64 8.80 -0.92
C PRO B 39 -19.97 7.48 -1.62
N VAL B 40 -19.08 6.50 -1.49
CA VAL B 40 -19.25 5.26 -2.22
C VAL B 40 -19.01 4.05 -1.35
N ASN B 41 -19.51 2.92 -1.82
CA ASN B 41 -19.15 1.62 -1.29
C ASN B 41 -18.26 0.94 -2.31
N ALA B 42 -17.61 -0.16 -1.95
CA ALA B 42 -16.65 -0.82 -2.84
C ALA B 42 -17.26 -1.12 -4.21
N ASP B 43 -18.49 -1.61 -4.21
CA ASP B 43 -19.16 -2.01 -5.45
C ASP B 43 -19.46 -0.81 -6.35
N GLN B 44 -19.62 0.36 -5.75
CA GLN B 44 -19.90 1.57 -6.51
C GLN B 44 -18.62 2.37 -6.74
N LEU B 45 -17.57 1.97 -6.04
CA LEU B 45 -16.28 2.65 -6.09
C LEU B 45 -15.74 2.71 -7.50
N THR B 46 -15.59 1.54 -8.10
CA THR B 46 -15.00 1.40 -9.42
C THR B 46 -15.85 2.10 -10.48
N SER B 47 -17.16 2.12 -10.23
CA SER B 47 -18.10 2.76 -11.14
C SER B 47 -17.86 4.25 -11.19
N VAL B 48 -17.68 4.85 -10.01
CA VAL B 48 -17.43 6.28 -9.91
C VAL B 48 -15.99 6.59 -10.31
N LEU B 49 -15.10 5.66 -9.99
CA LEU B 49 -13.69 5.77 -10.39
C LEU B 49 -13.56 5.91 -11.90
N ASP B 50 -14.32 5.11 -12.64
CA ASP B 50 -14.33 5.21 -14.10
C ASP B 50 -14.80 6.60 -14.54
N GLN B 51 -15.65 7.21 -13.73
CA GLN B 51 -16.16 8.55 -14.01
C GLN B 51 -15.14 9.61 -13.60
N ARG B 52 -14.21 9.24 -12.73
CA ARG B 52 -13.19 10.17 -12.26
C ARG B 52 -11.95 10.11 -13.15
N THR B 53 -11.50 8.90 -13.42
CA THR B 53 -10.30 8.71 -14.22
C THR B 53 -10.60 8.78 -15.70
N GLN B 54 -11.89 8.81 -16.03
CA GLN B 54 -12.36 8.69 -17.40
C GLN B 54 -11.98 7.32 -17.95
N ALA B 55 -11.97 6.35 -17.04
CA ALA B 55 -11.64 4.95 -17.34
C ALA B 55 -10.17 4.77 -17.67
N ASN B 56 -9.34 5.66 -17.15
CA ASN B 56 -7.89 5.52 -17.27
C ASN B 56 -7.38 4.72 -16.07
N LYS B 57 -7.30 3.41 -16.25
CA LYS B 57 -7.05 2.49 -15.15
C LYS B 57 -5.58 2.47 -14.70
N GLU B 58 -4.71 3.18 -15.42
CA GLU B 58 -3.32 3.27 -15.02
C GLU B 58 -3.07 4.57 -14.25
N THR B 59 -4.15 5.19 -13.82
CA THR B 59 -4.07 6.36 -12.98
C THR B 59 -3.81 5.95 -11.54
N THR B 60 -2.83 6.58 -10.91
CA THR B 60 -2.57 6.34 -9.50
C THR B 60 -3.66 7.01 -8.67
N ILE B 61 -4.52 6.20 -8.07
CA ILE B 61 -5.59 6.73 -7.24
C ILE B 61 -5.05 6.99 -5.84
N PHE B 62 -4.70 8.24 -5.55
CA PHE B 62 -4.17 8.59 -4.24
C PHE B 62 -5.27 8.44 -3.20
N PHE B 63 -5.15 7.43 -2.35
CA PHE B 63 -6.16 7.23 -1.34
C PHE B 63 -5.66 7.75 0.00
N GLN B 64 -6.53 8.47 0.68
CA GLN B 64 -6.24 8.98 1.99
C GLN B 64 -7.11 8.26 3.00
N ALA B 65 -6.51 7.31 3.70
CA ALA B 65 -7.25 6.53 4.68
C ALA B 65 -6.97 7.08 6.07
N ASP B 66 -7.97 7.03 6.92
CA ASP B 66 -7.85 7.54 8.27
C ASP B 66 -6.97 6.63 9.10
N LYS B 67 -6.29 7.25 10.05
CA LYS B 67 -5.33 6.58 10.92
C LYS B 67 -5.93 5.35 11.61
N SER B 68 -7.26 5.34 11.80
CA SER B 68 -7.89 4.28 12.53
C SER B 68 -8.69 3.32 11.63
N VAL B 69 -8.50 3.37 10.30
CA VAL B 69 -9.13 2.37 9.46
C VAL B 69 -8.30 1.08 9.50
N ASP B 70 -8.99 -0.04 9.59
CA ASP B 70 -8.33 -1.33 9.59
C ASP B 70 -7.74 -1.63 8.23
N TYR B 71 -6.54 -2.21 8.23
CA TYR B 71 -5.87 -2.65 7.01
C TYR B 71 -6.76 -3.56 6.18
N GLU B 72 -7.62 -4.32 6.84
CA GLU B 72 -8.59 -5.18 6.16
C GLU B 72 -9.56 -4.33 5.34
N THR B 73 -10.15 -3.34 5.99
CA THR B 73 -11.05 -2.39 5.33
C THR B 73 -10.39 -1.80 4.10
N LEU B 74 -9.22 -1.23 4.30
CA LEU B 74 -8.48 -0.56 3.25
C LEU B 74 -8.20 -1.50 2.08
N MET B 75 -7.75 -2.71 2.41
CA MET B 75 -7.42 -3.68 1.37
C MET B 75 -8.65 -4.11 0.62
N SER B 76 -9.79 -4.19 1.30
CA SER B 76 -11.04 -4.52 0.64
C SER B 76 -11.36 -3.45 -0.41
N VAL B 77 -11.10 -2.20 -0.03
CA VAL B 77 -11.34 -1.08 -0.93
C VAL B 77 -10.39 -1.10 -2.12
N MET B 78 -9.10 -1.24 -1.85
CA MET B 78 -8.09 -1.15 -2.90
C MET B 78 -8.06 -2.41 -3.76
N ASP B 79 -8.44 -3.53 -3.18
CA ASP B 79 -8.56 -4.78 -3.93
C ASP B 79 -9.70 -4.65 -4.94
N THR B 80 -10.68 -3.82 -4.60
CA THR B 80 -11.79 -3.53 -5.48
C THR B 80 -11.31 -2.71 -6.68
N LEU B 81 -10.39 -1.79 -6.45
CA LEU B 81 -9.80 -1.01 -7.54
C LEU B 81 -9.00 -1.92 -8.46
N ARG B 82 -8.35 -2.91 -7.86
CA ARG B 82 -7.54 -3.86 -8.60
C ARG B 82 -8.40 -4.64 -9.60
N LYS B 83 -9.59 -5.06 -9.19
CA LYS B 83 -10.48 -5.82 -10.08
C LYS B 83 -11.03 -4.94 -11.19
N ALA B 84 -11.02 -3.64 -10.96
CA ALA B 84 -11.44 -2.67 -11.96
C ALA B 84 -10.37 -2.54 -13.03
N GLY B 85 -9.15 -2.91 -12.68
CA GLY B 85 -8.05 -2.78 -13.59
C GLY B 85 -7.12 -1.66 -13.20
N TYR B 86 -7.35 -1.07 -12.02
CA TYR B 86 -6.48 -0.02 -11.51
C TYR B 86 -5.15 -0.59 -11.12
N LEU B 87 -4.20 -0.42 -12.01
CA LEU B 87 -2.86 -0.97 -11.83
C LEU B 87 -2.03 -0.06 -10.94
N LYS B 88 -2.57 1.12 -10.63
CA LYS B 88 -1.87 2.06 -9.77
C LYS B 88 -2.80 2.65 -8.71
N VAL B 89 -2.49 2.38 -7.45
CA VAL B 89 -3.14 3.06 -6.35
C VAL B 89 -2.10 3.87 -5.59
N GLY B 90 -2.51 4.85 -4.82
CA GLY B 90 -1.55 5.74 -4.20
C GLY B 90 -1.57 5.71 -2.69
N LEU B 91 -0.45 5.35 -2.09
CA LEU B 91 -0.31 5.35 -0.65
C LEU B 91 0.07 6.74 -0.18
N VAL B 92 -0.89 7.49 0.33
CA VAL B 92 -0.57 8.78 0.93
C VAL B 92 -0.01 8.53 2.33
N GLY B 93 1.31 8.65 2.43
CA GLY B 93 2.03 8.26 3.64
C GLY B 93 1.44 8.79 4.93
N MET B 94 0.64 7.95 5.58
CA MET B 94 0.01 8.27 6.87
C MET B 94 -0.75 9.59 6.76
N GLU B 95 -1.60 9.68 5.74
CA GLU B 95 -2.41 10.87 5.51
C GLU B 95 -1.51 12.12 5.47
N GLY B 96 -0.41 12.02 4.73
CA GLY B 96 0.49 13.14 4.60
C GLY B 96 -0.18 14.34 3.95
N ALA B 97 -1.15 14.06 3.10
CA ALA B 97 -1.93 15.10 2.44
C ALA B 97 -3.41 14.77 2.54
N ALA B 98 -4.24 15.79 2.53
CA ALA B 98 -5.68 15.61 2.59
C ALA B 98 -6.36 16.46 1.52
N LYS B 99 -7.48 15.97 1.01
CA LYS B 99 -8.23 16.70 -0.01
C LYS B 99 -9.13 17.75 0.62
N VAL A 2 4.60 12.82 0.69
CA VAL A 2 4.92 11.43 0.28
C VAL A 2 3.78 10.81 -0.53
N ASP A 3 3.88 10.94 -1.83
CA ASP A 3 2.90 10.35 -2.74
C ASP A 3 3.46 9.04 -3.28
N ILE A 4 2.91 7.93 -2.82
CA ILE A 4 3.46 6.63 -3.19
C ILE A 4 2.60 5.96 -4.25
N ARG A 5 3.25 5.44 -5.29
CA ARG A 5 2.54 4.78 -6.38
C ARG A 5 2.69 3.26 -6.26
N VAL A 6 1.55 2.58 -6.25
CA VAL A 6 1.53 1.12 -6.21
C VAL A 6 1.25 0.56 -7.60
N ASP A 7 1.80 -0.61 -7.90
CA ASP A 7 1.51 -1.29 -9.15
C ASP A 7 0.71 -2.56 -8.86
N LEU A 8 -0.60 -2.46 -8.99
CA LEU A 8 -1.50 -3.56 -8.65
C LEU A 8 -1.63 -4.53 -9.79
N PRO A 9 -1.52 -5.84 -9.51
CA PRO A 9 -1.78 -6.86 -10.50
C PRO A 9 -3.25 -7.27 -10.52
N ALA A 10 -3.84 -7.27 -11.70
CA ALA A 10 -5.24 -7.64 -11.85
C ALA A 10 -5.38 -9.15 -12.00
N SER A 11 -6.43 -9.69 -11.37
CA SER A 11 -6.71 -11.12 -11.41
C SER A 11 -5.63 -11.90 -10.65
N SER A 12 -4.97 -11.20 -9.73
CA SER A 12 -3.91 -11.76 -8.89
C SER A 12 -2.68 -12.18 -9.69
N ALA A 13 -1.62 -11.39 -9.57
CA ALA A 13 -0.36 -11.69 -10.22
C ALA A 13 0.79 -11.25 -9.34
N LYS A 14 2.01 -11.34 -9.86
CA LYS A 14 3.19 -10.94 -9.12
C LYS A 14 4.15 -10.16 -10.00
N PRO A 15 4.22 -8.84 -9.80
CA PRO A 15 5.15 -7.96 -10.52
C PRO A 15 6.60 -8.29 -10.20
N GLN A 16 6.78 -9.06 -9.13
CA GLN A 16 8.08 -9.57 -8.74
C GLN A 16 8.09 -11.09 -8.83
N PRO A 17 8.70 -11.66 -9.88
CA PRO A 17 8.79 -13.10 -10.06
C PRO A 17 9.79 -13.74 -9.10
N ARG A 18 9.45 -13.68 -7.82
CA ARG A 18 10.29 -14.23 -6.75
C ARG A 18 11.70 -13.60 -6.77
N PRO A 19 11.87 -12.46 -6.07
CA PRO A 19 13.18 -11.80 -5.96
C PRO A 19 14.22 -12.74 -5.36
N GLU A 20 15.49 -12.44 -5.64
CA GLU A 20 16.60 -13.29 -5.20
C GLU A 20 16.77 -13.25 -3.68
N LYS A 21 16.28 -12.19 -3.07
CA LYS A 21 16.31 -12.05 -1.61
C LYS A 21 14.94 -11.61 -1.11
N PRO A 22 13.95 -12.52 -1.09
CA PRO A 22 12.59 -12.17 -0.70
C PRO A 22 12.48 -12.01 0.80
N VAL A 23 12.03 -10.85 1.23
CA VAL A 23 11.86 -10.58 2.64
C VAL A 23 10.39 -10.49 2.97
N PHE A 24 9.95 -11.38 3.85
CA PHE A 24 8.58 -11.38 4.29
C PHE A 24 8.49 -10.66 5.61
N LEU A 25 7.93 -9.46 5.57
CA LEU A 25 7.72 -8.65 6.75
C LEU A 25 6.28 -8.81 7.18
N SER A 26 6.00 -8.67 8.45
CA SER A 26 4.64 -8.83 8.92
C SER A 26 4.35 -7.89 10.09
N VAL A 27 3.15 -7.34 10.09
CA VAL A 27 2.65 -6.56 11.22
C VAL A 27 1.44 -7.27 11.79
N LYS A 28 1.57 -7.79 13.00
CA LYS A 28 0.52 -8.61 13.58
C LYS A 28 -0.54 -7.76 14.26
N ALA A 29 -1.60 -8.38 14.77
CA ALA A 29 -2.70 -7.65 15.40
C ALA A 29 -2.21 -6.79 16.57
N ASP A 30 -1.16 -7.26 17.24
CA ASP A 30 -0.56 -6.52 18.34
C ASP A 30 0.17 -5.27 17.83
N LYS A 31 0.27 -5.16 16.51
CA LYS A 31 1.02 -4.09 15.84
C LYS A 31 2.53 -4.30 16.01
N GLN A 32 2.91 -5.56 16.19
CA GLN A 32 4.30 -5.92 16.32
C GLN A 32 4.88 -6.28 14.95
N LEU A 33 6.11 -5.86 14.71
CA LEU A 33 6.78 -6.10 13.43
C LEU A 33 7.53 -7.42 13.48
N TYR A 34 7.44 -8.18 12.39
CA TYR A 34 8.16 -9.44 12.26
C TYR A 34 8.83 -9.52 10.89
N VAL A 35 10.14 -9.66 10.89
CA VAL A 35 10.88 -9.87 9.66
C VAL A 35 11.24 -11.34 9.53
N GLY A 36 10.46 -12.07 8.76
CA GLY A 36 10.63 -13.50 8.71
C GLY A 36 10.25 -14.13 10.04
N ASP A 37 11.25 -14.48 10.83
CA ASP A 37 11.03 -15.01 12.18
C ASP A 37 11.72 -14.13 13.20
N GLN A 38 12.07 -12.93 12.78
CA GLN A 38 12.77 -11.97 13.63
C GLN A 38 11.81 -10.88 14.11
N PRO A 39 11.40 -10.90 15.39
CA PRO A 39 10.56 -9.84 15.96
C PRO A 39 11.35 -8.54 16.07
N VAL A 40 10.84 -7.49 15.46
CA VAL A 40 11.58 -6.23 15.40
C VAL A 40 10.67 -5.05 15.70
N ASN A 41 11.30 -3.97 16.13
CA ASN A 41 10.61 -2.69 16.23
C ASN A 41 10.98 -1.88 14.99
N ALA A 42 10.41 -0.70 14.83
CA ALA A 42 10.68 0.11 13.65
C ALA A 42 12.16 0.42 13.50
N ASP A 43 12.80 0.77 14.62
CA ASP A 43 14.21 1.16 14.61
C ASP A 43 15.10 -0.03 14.26
N GLN A 44 14.61 -1.23 14.55
CA GLN A 44 15.39 -2.45 14.33
C GLN A 44 15.04 -3.06 12.98
N LEU A 45 13.94 -2.60 12.40
CA LEU A 45 13.43 -3.13 11.14
C LEU A 45 14.46 -3.01 10.04
N THR A 46 14.88 -1.79 9.77
CA THR A 46 15.82 -1.52 8.69
C THR A 46 17.15 -2.23 8.95
N SER A 47 17.52 -2.31 10.22
CA SER A 47 18.76 -2.93 10.64
C SER A 47 18.78 -4.40 10.24
N VAL A 48 17.64 -5.05 10.37
CA VAL A 48 17.50 -6.45 9.99
C VAL A 48 17.33 -6.58 8.49
N LEU A 49 16.61 -5.63 7.90
CA LEU A 49 16.40 -5.58 6.46
C LEU A 49 17.72 -5.46 5.71
N ASP A 50 18.64 -4.64 6.22
CA ASP A 50 19.97 -4.50 5.63
C ASP A 50 20.70 -5.85 5.62
N GLN A 51 20.30 -6.73 6.52
CA GLN A 51 20.85 -8.09 6.56
C GLN A 51 20.08 -8.98 5.60
N ARG A 52 18.77 -8.81 5.56
CA ARG A 52 17.89 -9.65 4.75
C ARG A 52 18.18 -9.50 3.27
N THR A 53 18.08 -8.28 2.77
CA THR A 53 18.22 -8.03 1.35
C THR A 53 19.68 -7.77 1.00
N GLN A 54 20.55 -7.92 2.00
CA GLN A 54 21.96 -7.56 1.87
C GLN A 54 22.08 -6.07 1.56
N ALA A 55 21.10 -5.32 2.10
CA ALA A 55 21.02 -3.88 1.95
C ALA A 55 20.66 -3.46 0.54
N ASN A 56 20.10 -4.39 -0.23
CA ASN A 56 19.54 -4.05 -1.52
C ASN A 56 18.17 -3.42 -1.30
N LYS A 57 18.10 -2.12 -1.53
CA LYS A 57 16.92 -1.36 -1.16
C LYS A 57 15.87 -1.35 -2.27
N GLU A 58 16.14 -2.05 -3.37
CA GLU A 58 15.16 -2.20 -4.43
C GLU A 58 14.48 -3.57 -4.37
N THR A 59 14.73 -4.29 -3.30
CA THR A 59 14.06 -5.55 -3.06
C THR A 59 12.65 -5.29 -2.54
N THR A 60 11.67 -5.97 -3.12
CA THR A 60 10.30 -5.83 -2.70
C THR A 60 10.05 -6.59 -1.40
N ILE A 61 9.82 -5.84 -0.33
CA ILE A 61 9.55 -6.44 0.97
C ILE A 61 8.06 -6.74 1.11
N PHE A 62 7.68 -8.00 0.88
CA PHE A 62 6.29 -8.41 1.02
C PHE A 62 5.89 -8.38 2.48
N PHE A 63 5.02 -7.46 2.86
CA PHE A 63 4.58 -7.36 4.24
C PHE A 63 3.19 -7.97 4.40
N GLN A 64 3.04 -8.75 5.45
CA GLN A 64 1.78 -9.34 5.81
C GLN A 64 1.22 -8.60 7.02
N ALA A 65 0.26 -7.74 6.79
CA ALA A 65 -0.35 -6.98 7.86
C ALA A 65 -1.68 -7.62 8.25
N ASP A 66 -1.88 -7.78 9.55
CA ASP A 66 -3.12 -8.36 10.06
C ASP A 66 -4.27 -7.41 9.79
N LYS A 67 -5.46 -7.97 9.67
CA LYS A 67 -6.65 -7.22 9.32
C LYS A 67 -6.94 -6.10 10.32
N SER A 68 -6.37 -6.20 11.52
CA SER A 68 -6.68 -5.24 12.56
C SER A 68 -5.53 -4.25 12.82
N VAL A 69 -4.48 -4.28 12.00
CA VAL A 69 -3.40 -3.32 12.19
C VAL A 69 -3.85 -1.93 11.72
N ASP A 70 -3.55 -0.94 12.53
CA ASP A 70 -3.85 0.45 12.18
C ASP A 70 -3.01 0.87 10.98
N TYR A 71 -3.67 1.44 9.99
CA TYR A 71 -3.01 1.93 8.78
C TYR A 71 -1.89 2.91 9.12
N GLU A 72 -2.04 3.64 10.21
CA GLU A 72 -0.99 4.53 10.68
C GLU A 72 0.25 3.72 11.10
N THR A 73 0.03 2.70 11.92
CA THR A 73 1.11 1.81 12.33
C THR A 73 1.82 1.23 11.11
N LEU A 74 1.04 0.67 10.20
CA LEU A 74 1.57 0.06 9.00
C LEU A 74 2.38 1.06 8.18
N MET A 75 1.84 2.27 8.05
CA MET A 75 2.53 3.31 7.29
C MET A 75 3.78 3.77 8.00
N SER A 76 3.79 3.69 9.33
CA SER A 76 4.97 4.00 10.11
C SER A 76 6.05 2.96 9.81
N VAL A 77 5.62 1.70 9.68
CA VAL A 77 6.50 0.61 9.33
C VAL A 77 7.08 0.80 7.93
N MET A 78 6.22 1.15 6.99
CA MET A 78 6.63 1.34 5.61
C MET A 78 7.41 2.64 5.43
N ASP A 79 7.12 3.63 6.26
CA ASP A 79 7.90 4.87 6.29
C ASP A 79 9.31 4.55 6.77
N THR A 80 9.39 3.57 7.67
CA THR A 80 10.66 3.09 8.17
C THR A 80 11.48 2.46 7.04
N LEU A 81 10.84 1.63 6.23
CA LEU A 81 11.51 1.03 5.08
C LEU A 81 11.83 2.10 4.04
N ARG A 82 10.94 3.06 3.91
CA ARG A 82 11.09 4.17 2.98
C ARG A 82 12.35 4.97 3.28
N LYS A 83 12.60 5.26 4.55
CA LYS A 83 13.78 6.02 4.94
C LYS A 83 15.04 5.17 4.85
N ALA A 84 14.86 3.86 4.83
CA ALA A 84 15.96 2.94 4.62
C ALA A 84 16.40 2.97 3.16
N GLY A 85 15.48 3.39 2.31
CA GLY A 85 15.75 3.44 0.89
C GLY A 85 14.99 2.39 0.12
N TYR A 86 14.13 1.65 0.83
CA TYR A 86 13.34 0.61 0.19
C TYR A 86 12.29 1.21 -0.73
N LEU A 87 12.60 1.19 -2.01
CA LEU A 87 11.75 1.77 -3.02
C LEU A 87 10.68 0.77 -3.46
N LYS A 88 10.77 -0.46 -2.95
CA LYS A 88 9.78 -1.48 -3.28
C LYS A 88 9.31 -2.22 -2.03
N VAL A 89 8.07 -1.98 -1.64
CA VAL A 89 7.44 -2.78 -0.61
C VAL A 89 6.28 -3.55 -1.23
N GLY A 90 5.82 -4.61 -0.61
CA GLY A 90 4.79 -5.41 -1.23
C GLY A 90 3.65 -5.74 -0.30
N LEU A 91 2.44 -5.51 -0.76
CA LEU A 91 1.26 -5.83 0.04
C LEU A 91 0.80 -7.24 -0.27
N VAL A 92 0.82 -8.10 0.71
CA VAL A 92 0.14 -9.37 0.60
C VAL A 92 -1.35 -9.12 0.76
N GLY A 93 -2.06 -9.11 -0.37
CA GLY A 93 -3.44 -8.61 -0.43
C GLY A 93 -4.34 -9.18 0.65
N MET A 94 -4.55 -8.39 1.70
CA MET A 94 -5.43 -8.75 2.81
C MET A 94 -5.01 -10.10 3.37
N GLU A 95 -3.72 -10.23 3.66
CA GLU A 95 -3.15 -11.45 4.22
C GLU A 95 -3.53 -12.65 3.33
N GLY A 96 -3.34 -12.48 2.03
CA GLY A 96 -3.67 -13.54 1.08
C GLY A 96 -2.86 -14.80 1.30
N ALA A 97 -1.59 -14.63 1.60
CA ALA A 97 -0.69 -15.75 1.87
C ALA A 97 0.18 -15.45 3.07
N ALA A 98 -0.25 -15.90 4.24
CA ALA A 98 0.46 -15.66 5.47
C ALA A 98 1.50 -16.75 5.74
N LYS A 99 2.54 -16.37 6.46
CA LYS A 99 3.58 -17.33 6.84
C LYS A 99 3.03 -18.31 7.86
N VAL B 2 -2.35 -12.66 -4.43
CA VAL B 2 -2.22 -11.24 -4.83
C VAL B 2 -0.98 -10.60 -4.20
N ASP B 3 0.12 -10.64 -4.93
CA ASP B 3 1.36 -10.03 -4.48
C ASP B 3 1.51 -8.67 -5.14
N ILE B 4 1.33 -7.61 -4.38
CA ILE B 4 1.33 -6.28 -4.95
C ILE B 4 2.66 -5.57 -4.69
N ARG B 5 3.22 -4.97 -5.74
CA ARG B 5 4.49 -4.25 -5.61
C ARG B 5 4.25 -2.75 -5.58
N VAL B 6 4.78 -2.10 -4.55
CA VAL B 6 4.70 -0.65 -4.43
C VAL B 6 6.03 -0.02 -4.83
N ASP B 7 5.97 1.18 -5.38
CA ASP B 7 7.18 1.94 -5.68
C ASP B 7 7.27 3.16 -4.78
N LEU B 8 8.04 3.02 -3.71
CA LEU B 8 8.13 4.07 -2.69
C LEU B 8 9.15 5.11 -3.08
N PRO B 9 8.81 6.39 -2.96
CA PRO B 9 9.76 7.46 -3.15
C PRO B 9 10.47 7.84 -1.86
N ALA B 10 11.79 7.88 -1.93
CA ALA B 10 12.60 8.21 -0.77
C ALA B 10 12.74 9.72 -0.61
N SER B 11 12.69 10.18 0.63
CA SER B 11 12.80 11.61 0.95
C SER B 11 11.58 12.37 0.43
N SER B 12 10.47 11.63 0.26
CA SER B 12 9.21 12.19 -0.21
C SER B 12 9.30 12.69 -1.66
N ALA B 13 8.69 11.93 -2.56
CA ALA B 13 8.63 12.31 -3.96
C ALA B 13 7.31 11.85 -4.57
N LYS B 14 7.17 12.02 -5.87
CA LYS B 14 5.95 11.62 -6.55
C LYS B 14 6.28 10.92 -7.87
N PRO B 15 6.13 9.60 -7.91
CA PRO B 15 6.33 8.80 -9.13
C PRO B 15 5.32 9.17 -10.21
N GLN B 16 4.27 9.87 -9.81
CA GLN B 16 3.27 10.39 -10.72
C GLN B 16 3.29 11.92 -10.66
N PRO B 17 3.89 12.56 -11.68
CA PRO B 17 3.95 14.03 -11.77
C PRO B 17 2.60 14.64 -12.12
N ARG B 18 1.65 14.48 -11.22
CA ARG B 18 0.28 14.99 -11.39
C ARG B 18 -0.36 14.40 -12.65
N PRO B 19 -1.01 13.23 -12.53
CA PRO B 19 -1.73 12.61 -13.66
C PRO B 19 -2.80 13.55 -14.22
N GLU B 20 -3.17 13.31 -15.47
CA GLU B 20 -4.13 14.16 -16.17
C GLU B 20 -5.53 14.04 -15.58
N LYS B 21 -5.78 12.92 -14.92
CA LYS B 21 -7.05 12.69 -14.25
C LYS B 21 -6.79 12.18 -12.83
N PRO B 22 -6.36 13.05 -11.91
CA PRO B 22 -6.02 12.63 -10.56
C PRO B 22 -7.27 12.37 -9.73
N VAL B 23 -7.38 11.17 -9.21
CA VAL B 23 -8.51 10.80 -8.39
C VAL B 23 -8.09 10.65 -6.94
N PHE B 24 -8.66 11.48 -6.09
CA PHE B 24 -8.37 11.40 -4.67
C PHE B 24 -9.46 10.58 -3.98
N LEU B 25 -9.09 9.39 -3.60
CA LEU B 25 -9.99 8.49 -2.89
C LEU B 25 -9.66 8.57 -1.41
N SER B 26 -10.63 8.34 -0.56
CA SER B 26 -10.38 8.42 0.86
C SER B 26 -11.22 7.41 1.63
N VAL B 27 -10.60 6.81 2.65
CA VAL B 27 -11.31 5.94 3.57
C VAL B 27 -11.24 6.57 4.96
N LYS B 28 -12.38 7.03 5.47
CA LYS B 28 -12.40 7.78 6.71
C LYS B 28 -12.43 6.84 7.91
N ALA B 29 -12.38 7.40 9.12
CA ALA B 29 -12.36 6.59 10.34
C ALA B 29 -13.58 5.68 10.43
N ASP B 30 -14.70 6.13 9.88
CA ASP B 30 -15.93 5.35 9.85
C ASP B 30 -15.80 4.15 8.90
N LYS B 31 -14.69 4.13 8.14
CA LYS B 31 -14.44 3.13 7.10
C LYS B 31 -15.34 3.39 5.89
N GLN B 32 -15.72 4.64 5.72
CA GLN B 32 -16.53 5.05 4.59
C GLN B 32 -15.64 5.51 3.45
N LEU B 33 -16.02 5.13 2.23
CA LEU B 33 -15.25 5.49 1.05
C LEU B 33 -15.70 6.83 0.48
N TYR B 34 -14.75 7.66 0.09
CA TYR B 34 -15.02 8.94 -0.53
C TYR B 34 -14.18 9.13 -1.78
N VAL B 35 -14.82 9.31 -2.92
CA VAL B 35 -14.12 9.63 -4.15
C VAL B 35 -14.24 11.11 -4.43
N GLY B 36 -13.22 11.87 -4.09
CA GLY B 36 -13.31 13.31 -4.17
C GLY B 36 -14.31 13.84 -3.16
N ASP B 37 -15.50 14.17 -3.63
CA ASP B 37 -16.58 14.59 -2.73
C ASP B 37 -17.78 13.67 -2.90
N GLN B 38 -17.54 12.51 -3.47
CA GLN B 38 -18.59 11.53 -3.72
C GLN B 38 -18.49 10.39 -2.71
N PRO B 39 -19.40 10.31 -1.73
CA PRO B 39 -19.44 9.19 -0.79
C PRO B 39 -19.88 7.92 -1.50
N VAL B 40 -19.05 6.88 -1.42
CA VAL B 40 -19.31 5.66 -2.16
C VAL B 40 -19.09 4.42 -1.30
N ASN B 41 -19.73 3.34 -1.69
CA ASN B 41 -19.43 2.04 -1.14
C ASN B 41 -18.50 1.32 -2.11
N ALA B 42 -18.04 0.13 -1.76
CA ALA B 42 -17.11 -0.59 -2.63
C ALA B 42 -17.71 -0.84 -4.01
N ASP B 43 -18.97 -1.23 -4.04
CA ASP B 43 -19.64 -1.57 -5.29
C ASP B 43 -19.82 -0.33 -6.17
N GLN B 44 -19.88 0.83 -5.53
CA GLN B 44 -20.11 2.08 -6.24
C GLN B 44 -18.79 2.77 -6.57
N LEU B 45 -17.73 2.30 -5.91
CA LEU B 45 -16.41 2.89 -6.04
C LEU B 45 -15.95 2.89 -7.49
N THR B 46 -15.86 1.70 -8.06
CA THR B 46 -15.39 1.53 -9.42
C THR B 46 -16.29 2.26 -10.41
N SER B 47 -17.57 2.28 -10.10
CA SER B 47 -18.57 2.92 -10.94
C SER B 47 -18.30 4.41 -11.07
N VAL B 48 -17.87 5.02 -9.97
CA VAL B 48 -17.53 6.42 -9.95
C VAL B 48 -16.14 6.64 -10.52
N LEU B 49 -15.25 5.70 -10.25
CA LEU B 49 -13.89 5.73 -10.77
C LEU B 49 -13.88 5.71 -12.30
N ASP B 50 -14.74 4.89 -12.89
CA ASP B 50 -14.88 4.83 -14.35
C ASP B 50 -15.28 6.20 -14.91
N GLN B 51 -15.89 7.02 -14.07
CA GLN B 51 -16.25 8.38 -14.43
C GLN B 51 -15.07 9.31 -14.20
N ARG B 52 -14.39 9.10 -13.07
CA ARG B 52 -13.29 9.94 -12.65
C ARG B 52 -12.14 9.91 -13.64
N THR B 53 -11.60 8.72 -13.87
CA THR B 53 -10.43 8.57 -14.71
C THR B 53 -10.82 8.37 -16.16
N GLN B 54 -12.12 8.50 -16.43
CA GLN B 54 -12.70 8.18 -17.74
C GLN B 54 -12.42 6.73 -18.07
N ALA B 55 -12.38 5.91 -17.02
CA ALA B 55 -12.16 4.47 -17.10
C ALA B 55 -10.73 4.14 -17.51
N ASN B 56 -9.83 5.10 -17.34
CA ASN B 56 -8.41 4.82 -17.49
C ASN B 56 -7.92 4.13 -16.24
N LYS B 57 -7.63 2.85 -16.36
CA LYS B 57 -7.34 2.03 -15.20
C LYS B 57 -5.86 2.05 -14.83
N GLU B 58 -5.07 2.83 -15.56
CA GLU B 58 -3.67 3.01 -15.21
C GLU B 58 -3.44 4.34 -14.52
N THR B 59 -4.52 5.02 -14.17
CA THR B 59 -4.45 6.23 -13.38
C THR B 59 -4.19 5.90 -11.92
N THR B 60 -3.23 6.57 -11.32
CA THR B 60 -2.92 6.35 -9.92
C THR B 60 -3.96 7.02 -9.01
N ILE B 61 -4.76 6.20 -8.34
CA ILE B 61 -5.77 6.71 -7.44
C ILE B 61 -5.17 6.95 -6.06
N PHE B 62 -4.85 8.21 -5.77
CA PHE B 62 -4.29 8.56 -4.46
C PHE B 62 -5.37 8.43 -3.39
N PHE B 63 -5.23 7.45 -2.51
CA PHE B 63 -6.20 7.25 -1.46
C PHE B 63 -5.70 7.80 -0.14
N GLN B 64 -6.57 8.52 0.55
CA GLN B 64 -6.29 9.04 1.87
C GLN B 64 -7.03 8.20 2.90
N ALA B 65 -6.32 7.33 3.57
CA ALA B 65 -6.93 6.48 4.58
C ALA B 65 -6.64 7.04 5.96
N ASP B 66 -7.68 7.12 6.78
CA ASP B 66 -7.54 7.61 8.14
C ASP B 66 -6.71 6.65 8.95
N LYS B 67 -6.04 7.18 9.97
CA LYS B 67 -5.12 6.41 10.80
C LYS B 67 -5.81 5.22 11.46
N SER B 68 -7.13 5.25 11.56
CA SER B 68 -7.87 4.22 12.28
C SER B 68 -8.59 3.26 11.34
N VAL B 69 -8.40 3.38 10.03
CA VAL B 69 -9.06 2.44 9.12
C VAL B 69 -8.38 1.08 9.21
N ASP B 70 -9.19 0.04 9.27
CA ASP B 70 -8.68 -1.33 9.28
C ASP B 70 -8.05 -1.64 7.95
N TYR B 71 -6.82 -2.17 7.99
CA TYR B 71 -6.08 -2.56 6.80
C TYR B 71 -6.90 -3.52 5.93
N GLU B 72 -7.74 -4.32 6.55
CA GLU B 72 -8.64 -5.20 5.80
C GLU B 72 -9.63 -4.39 5.00
N THR B 73 -10.27 -3.42 5.65
CA THR B 73 -11.19 -2.53 4.96
C THR B 73 -10.51 -1.85 3.78
N LEU B 74 -9.35 -1.27 4.05
CA LEU B 74 -8.59 -0.55 3.04
C LEU B 74 -8.24 -1.47 1.88
N MET B 75 -7.82 -2.69 2.19
CA MET B 75 -7.46 -3.66 1.16
C MET B 75 -8.67 -4.12 0.39
N SER B 76 -9.83 -4.11 1.05
CA SER B 76 -11.07 -4.44 0.37
C SER B 76 -11.39 -3.34 -0.64
N VAL B 77 -11.11 -2.09 -0.25
CA VAL B 77 -11.29 -0.95 -1.13
C VAL B 77 -10.34 -1.03 -2.33
N MET B 78 -9.08 -1.37 -2.05
CA MET B 78 -8.07 -1.44 -3.11
C MET B 78 -8.25 -2.70 -3.95
N ASP B 79 -8.79 -3.76 -3.35
CA ASP B 79 -9.16 -4.97 -4.09
C ASP B 79 -10.28 -4.63 -5.06
N THR B 80 -11.13 -3.71 -4.63
CA THR B 80 -12.22 -3.22 -5.47
C THR B 80 -11.67 -2.49 -6.69
N LEU B 81 -10.68 -1.63 -6.48
CA LEU B 81 -10.02 -0.93 -7.58
C LEU B 81 -9.24 -1.92 -8.44
N ARG B 82 -8.65 -2.91 -7.78
CA ARG B 82 -7.87 -3.94 -8.44
C ARG B 82 -8.72 -4.72 -9.45
N LYS B 83 -9.94 -5.08 -9.04
CA LYS B 83 -10.83 -5.83 -9.93
C LYS B 83 -11.40 -4.94 -11.02
N ALA B 84 -11.35 -3.63 -10.80
CA ALA B 84 -11.75 -2.66 -11.81
C ALA B 84 -10.68 -2.58 -12.90
N GLY B 85 -9.47 -2.99 -12.55
CA GLY B 85 -8.37 -2.94 -13.48
C GLY B 85 -7.37 -1.87 -13.12
N TYR B 86 -7.59 -1.20 -11.98
CA TYR B 86 -6.69 -0.14 -11.55
C TYR B 86 -5.35 -0.72 -11.13
N LEU B 87 -4.39 -0.60 -12.01
CA LEU B 87 -3.07 -1.14 -11.79
C LEU B 87 -2.20 -0.16 -11.02
N LYS B 88 -2.73 1.03 -10.77
CA LYS B 88 -2.01 2.04 -10.01
C LYS B 88 -2.89 2.68 -8.95
N VAL B 89 -2.61 2.38 -7.69
CA VAL B 89 -3.23 3.09 -6.59
C VAL B 89 -2.13 3.85 -5.84
N GLY B 90 -2.49 4.85 -5.07
CA GLY B 90 -1.48 5.66 -4.43
C GLY B 90 -1.75 5.90 -2.97
N LEU B 91 -0.74 5.65 -2.14
CA LEU B 91 -0.87 5.88 -0.71
C LEU B 91 -0.42 7.28 -0.38
N VAL B 92 -1.33 8.09 0.14
CA VAL B 92 -0.93 9.34 0.75
C VAL B 92 -0.34 9.01 2.11
N GLY B 93 1.00 9.06 2.17
CA GLY B 93 1.73 8.52 3.31
C GLY B 93 1.22 8.98 4.66
N MET B 94 0.44 8.12 5.31
CA MET B 94 -0.10 8.38 6.64
C MET B 94 -0.86 9.71 6.62
N GLU B 95 -1.75 9.87 5.64
CA GLU B 95 -2.55 11.06 5.50
C GLU B 95 -1.65 12.31 5.48
N GLY B 96 -0.60 12.24 4.67
CA GLY B 96 0.34 13.33 4.56
C GLY B 96 -0.29 14.61 4.03
N ALA B 97 -1.18 14.45 3.06
CA ALA B 97 -1.88 15.58 2.47
C ALA B 97 -3.35 15.24 2.29
N ALA B 98 -4.17 15.61 3.27
CA ALA B 98 -5.59 15.31 3.23
C ALA B 98 -6.36 16.41 2.52
N LYS B 99 -7.49 16.05 1.95
CA LYS B 99 -8.37 16.99 1.29
C LYS B 99 -9.03 17.91 2.32
#